data_4P0L
# 
_entry.id   4P0L 
# 
_audit_conform.dict_name       mmcif_pdbx.dic 
_audit_conform.dict_version    5.379 
_audit_conform.dict_location   http://mmcif.pdb.org/dictionaries/ascii/mmcif_pdbx.dic 
# 
loop_
_database_2.database_id 
_database_2.database_code 
_database_2.pdbx_database_accession 
_database_2.pdbx_DOI 
PDB   4P0L         pdb_00004p0l 10.2210/pdb4p0l/pdb 
WWPDB D_1000200422 ?            ?                   
# 
loop_
_pdbx_database_related.content_type 
_pdbx_database_related.db_id 
_pdbx_database_related.db_name 
_pdbx_database_related.details 
unspecified 4P0J PDB . 
unspecified 4P0K PDB . 
# 
_pdbx_database_status.status_code                     REL 
_pdbx_database_status.status_code_sf                  REL 
_pdbx_database_status.status_code_mr                  . 
_pdbx_database_status.entry_id                        4P0L 
_pdbx_database_status.recvd_initial_deposition_date   2014-02-21 
_pdbx_database_status.SG_entry                        N 
_pdbx_database_status.deposit_site                    RCSB 
_pdbx_database_status.process_site                    RCSB 
_pdbx_database_status.status_code_cs                  . 
_pdbx_database_status.methods_development_category    . 
_pdbx_database_status.pdb_format_compatible           Y 
_pdbx_database_status.status_code_nmr_data            ? 
# 
loop_
_audit_author.name 
_audit_author.pdbx_ordinal 
'Guenther, S.'   1 
'Sundberg, E.J.' 2 
# 
_citation.abstract                  . 
_citation.abstract_id_CAS           . 
_citation.book_id_ISBN              . 
_citation.book_publisher            ? 
_citation.book_publisher_city       . 
_citation.book_title                . 
_citation.coordinate_linkage        . 
_citation.country                   US 
_citation.database_id_Medline       . 
_citation.details                   . 
_citation.id                        primary 
_citation.journal_abbrev            'J Immunol.' 
_citation.journal_id_ASTM           ? 
_citation.journal_id_CSD            ? 
_citation.journal_id_ISSN           1550-6606 
_citation.journal_full              . 
_citation.journal_issue             . 
_citation.journal_volume            193 
_citation.language                  . 
_citation.page_first                921 
_citation.page_last                 930 
_citation.title                     'Molecular Determinants of Agonist and Antagonist Signaling through the IL-36 Receptor.' 
_citation.year                      2014 
_citation.database_id_CSD           . 
_citation.pdbx_database_id_DOI      10.4049/jimmunol.1400538 
_citation.pdbx_database_id_PubMed   24935927 
_citation.unpublished_flag          . 
# 
loop_
_citation_author.citation_id 
_citation_author.name 
_citation_author.ordinal 
_citation_author.identifier_ORCID 
primary 'Gunther, S.'    1 ? 
primary 'Sundberg, E.J.' 2 ? 
# 
_cell.length_a           42.773 
_cell.length_b           42.773 
_cell.length_c           119.794 
_cell.angle_alpha        90.000 
_cell.angle_beta         90.000 
_cell.angle_gamma        120.000 
_cell.entry_id           4P0L 
_cell.Z_PDB              6 
_cell.pdbx_unique_axis   ? 
# 
_symmetry.entry_id                         4P0L 
_symmetry.cell_setting                     . 
_symmetry.Int_Tables_number                152 
_symmetry.space_group_name_Hall            . 
_symmetry.space_group_name_H-M             'P 31 2 1' 
_symmetry.pdbx_full_space_group_name_H-M   . 
# 
loop_
_entity.id 
_entity.type 
_entity.src_method 
_entity.pdbx_description 
_entity.formula_weight 
_entity.pdbx_number_of_molecules 
_entity.pdbx_ec 
_entity.pdbx_mutation 
_entity.pdbx_fragment 
_entity.details 
1 polymer man 'Interleukin-36 receptor antagonist/Interleukin-36 gamma chimera protein' 16768.971 1   ? 'V2S, R107A, M109A' ? ? 
2 water   nat water                                                                     18.015    139 ? ?                   ? ? 
# 
_entity_poly.entity_id                      1 
_entity_poly.type                           'polypeptide(L)' 
_entity_poly.nstd_linkage                   no 
_entity_poly.nstd_monomer                   no 
_entity_poly.pdbx_seq_one_letter_code       
;SLSGALCFRMKDSALKVLYLHNNQLLAGGLHAGKVIKGEEISVVPNRWPEALEQGRGSPVILGVQGGSQCLSCGVGQEPT
LTLEPVNIMELYLGAKESKSFTFYRADAGLTSSFESAAYPGWFLCTVPEADQPVRLTQELGKSYNTDFYFQQCD
;
_entity_poly.pdbx_seq_one_letter_code_can   
;SLSGALCFRMKDSALKVLYLHNNQLLAGGLHAGKVIKGEEISVVPNRWPEALEQGRGSPVILGVQGGSQCLSCGVGQEPT
LTLEPVNIMELYLGAKESKSFTFYRADAGLTSSFESAAYPGWFLCTVPEADQPVRLTQELGKSYNTDFYFQQCD
;
_entity_poly.pdbx_strand_id                 A 
_entity_poly.pdbx_target_identifier         ? 
# 
loop_
_entity_poly_seq.entity_id 
_entity_poly_seq.num 
_entity_poly_seq.mon_id 
_entity_poly_seq.hetero 
1 1   SER n 
1 2   LEU n 
1 3   SER n 
1 4   GLY n 
1 5   ALA n 
1 6   LEU n 
1 7   CYS n 
1 8   PHE n 
1 9   ARG n 
1 10  MET n 
1 11  LYS n 
1 12  ASP n 
1 13  SER n 
1 14  ALA n 
1 15  LEU n 
1 16  LYS n 
1 17  VAL n 
1 18  LEU n 
1 19  TYR n 
1 20  LEU n 
1 21  HIS n 
1 22  ASN n 
1 23  ASN n 
1 24  GLN n 
1 25  LEU n 
1 26  LEU n 
1 27  ALA n 
1 28  GLY n 
1 29  GLY n 
1 30  LEU n 
1 31  HIS n 
1 32  ALA n 
1 33  GLY n 
1 34  LYS n 
1 35  VAL n 
1 36  ILE n 
1 37  LYS n 
1 38  GLY n 
1 39  GLU n 
1 40  GLU n 
1 41  ILE n 
1 42  SER n 
1 43  VAL n 
1 44  VAL n 
1 45  PRO n 
1 46  ASN n 
1 47  ARG n 
1 48  TRP n 
1 49  PRO n 
1 50  GLU n 
1 51  ALA n 
1 52  LEU n 
1 53  GLU n 
1 54  GLN n 
1 55  GLY n 
1 56  ARG n 
1 57  GLY n 
1 58  SER n 
1 59  PRO n 
1 60  VAL n 
1 61  ILE n 
1 62  LEU n 
1 63  GLY n 
1 64  VAL n 
1 65  GLN n 
1 66  GLY n 
1 67  GLY n 
1 68  SER n 
1 69  GLN n 
1 70  CYS n 
1 71  LEU n 
1 72  SER n 
1 73  CYS n 
1 74  GLY n 
1 75  VAL n 
1 76  GLY n 
1 77  GLN n 
1 78  GLU n 
1 79  PRO n 
1 80  THR n 
1 81  LEU n 
1 82  THR n 
1 83  LEU n 
1 84  GLU n 
1 85  PRO n 
1 86  VAL n 
1 87  ASN n 
1 88  ILE n 
1 89  MET n 
1 90  GLU n 
1 91  LEU n 
1 92  TYR n 
1 93  LEU n 
1 94  GLY n 
1 95  ALA n 
1 96  LYS n 
1 97  GLU n 
1 98  SER n 
1 99  LYS n 
1 100 SER n 
1 101 PHE n 
1 102 THR n 
1 103 PHE n 
1 104 TYR n 
1 105 ARG n 
1 106 ALA n 
1 107 ASP n 
1 108 ALA n 
1 109 GLY n 
1 110 LEU n 
1 111 THR n 
1 112 SER n 
1 113 SER n 
1 114 PHE n 
1 115 GLU n 
1 116 SER n 
1 117 ALA n 
1 118 ALA n 
1 119 TYR n 
1 120 PRO n 
1 121 GLY n 
1 122 TRP n 
1 123 PHE n 
1 124 LEU n 
1 125 CYS n 
1 126 THR n 
1 127 VAL n 
1 128 PRO n 
1 129 GLU n 
1 130 ALA n 
1 131 ASP n 
1 132 GLN n 
1 133 PRO n 
1 134 VAL n 
1 135 ARG n 
1 136 LEU n 
1 137 THR n 
1 138 GLN n 
1 139 GLU n 
1 140 LEU n 
1 141 GLY n 
1 142 LYS n 
1 143 SER n 
1 144 TYR n 
1 145 ASN n 
1 146 THR n 
1 147 ASP n 
1 148 PHE n 
1 149 TYR n 
1 150 PHE n 
1 151 GLN n 
1 152 GLN n 
1 153 CYS n 
1 154 ASP n 
# 
_entity_src_gen.entity_id                          1 
_entity_src_gen.pdbx_src_id                        1 
_entity_src_gen.pdbx_alt_source_flag               sample 
_entity_src_gen.pdbx_seq_type                      'Biological sequence' 
_entity_src_gen.pdbx_beg_seq_num                   1 
_entity_src_gen.pdbx_end_seq_num                   48 
_entity_src_gen.gene_src_common_name               Human 
_entity_src_gen.gene_src_genus                     ? 
_entity_src_gen.pdbx_gene_src_gene                 ? 
_entity_src_gen.gene_src_species                   ? 
_entity_src_gen.gene_src_strain                    ? 
_entity_src_gen.gene_src_tissue                    ? 
_entity_src_gen.gene_src_tissue_fraction           ? 
_entity_src_gen.gene_src_details                   ? 
_entity_src_gen.pdbx_gene_src_fragment             ? 
_entity_src_gen.pdbx_gene_src_scientific_name      'Homo sapiens' 
_entity_src_gen.pdbx_gene_src_ncbi_taxonomy_id     9606 
_entity_src_gen.pdbx_gene_src_variant              ? 
_entity_src_gen.pdbx_gene_src_cell_line            ? 
_entity_src_gen.pdbx_gene_src_atcc                 ? 
_entity_src_gen.pdbx_gene_src_organ                ? 
_entity_src_gen.pdbx_gene_src_organelle            ? 
_entity_src_gen.pdbx_gene_src_cell                 ? 
_entity_src_gen.pdbx_gene_src_cellular_location    ? 
_entity_src_gen.host_org_common_name               ? 
_entity_src_gen.pdbx_host_org_scientific_name      'Escherichia coli' 
_entity_src_gen.pdbx_host_org_ncbi_taxonomy_id     469008 
_entity_src_gen.host_org_genus                     ? 
_entity_src_gen.pdbx_host_org_gene                 ? 
_entity_src_gen.pdbx_host_org_organ                ? 
_entity_src_gen.host_org_species                   ? 
_entity_src_gen.pdbx_host_org_tissue               ? 
_entity_src_gen.pdbx_host_org_tissue_fraction      ? 
_entity_src_gen.pdbx_host_org_strain               'BL21(DE3)' 
_entity_src_gen.pdbx_host_org_variant              ? 
_entity_src_gen.pdbx_host_org_cell_line            ? 
_entity_src_gen.pdbx_host_org_atcc                 ? 
_entity_src_gen.pdbx_host_org_culture_collection   ? 
_entity_src_gen.pdbx_host_org_cell                 ? 
_entity_src_gen.pdbx_host_org_organelle            ? 
_entity_src_gen.pdbx_host_org_cellular_location    ? 
_entity_src_gen.pdbx_host_org_vector_type          plasmid 
_entity_src_gen.pdbx_host_org_vector               ? 
_entity_src_gen.host_org_details                   ? 
_entity_src_gen.expression_system_id               ? 
_entity_src_gen.plasmid_name                       pET30 
_entity_src_gen.plasmid_details                    ? 
_entity_src_gen.pdbx_description                   ? 
# 
loop_
_struct_ref.id 
_struct_ref.db_name 
_struct_ref.db_code 
_struct_ref.pdbx_db_accession 
_struct_ref.entity_id 
_struct_ref.pdbx_seq_one_letter_code 
_struct_ref.pdbx_align_begin 
_struct_ref.pdbx_db_isoform 
1 UNP I36RA_HUMAN Q9UBH0 1 VLSGALCFRMKDSALKVLYLHNNQLLAGGLHAGKVIKGEEISVVPNRW                                     2   ? 
2 UNP IL36G_HUMAN Q9NZH8 1 PEALEQGRG                                                                            64  ? 
3 UNP I36RA_HUMAN Q9UBH0 1 
;SPVILGVQGGSQCLSCGVGQEPTLTLEPVNIMELYLGAKESKSFTFYRRDMGLTSSFESAAYPGWFLCTVPEADQPVRLT
Q
;
55  ? 
4 UNP IL36G_HUMAN Q9NZH8 1 ELGKSYN                                                                              154 ? 
5 UNP I36RA_HUMAN Q9UBH0 1 TDFYFQQCD                                                                            147 ? 
# 
loop_
_struct_ref_seq.align_id 
_struct_ref_seq.ref_id 
_struct_ref_seq.pdbx_PDB_id_code 
_struct_ref_seq.pdbx_strand_id 
_struct_ref_seq.seq_align_beg 
_struct_ref_seq.pdbx_seq_align_beg_ins_code 
_struct_ref_seq.seq_align_end 
_struct_ref_seq.pdbx_seq_align_end_ins_code 
_struct_ref_seq.pdbx_db_accession 
_struct_ref_seq.db_align_beg 
_struct_ref_seq.pdbx_db_align_beg_ins_code 
_struct_ref_seq.db_align_end 
_struct_ref_seq.pdbx_db_align_end_ins_code 
_struct_ref_seq.pdbx_auth_seq_align_beg 
_struct_ref_seq.pdbx_auth_seq_align_end 
1 1 4P0L A 1   ? 48  ? Q9UBH0 2   ? 49  ? 2   49  
2 2 4P0L A 49  ? 57  ? Q9NZH8 64  ? 72  ? 50  58  
3 3 4P0L A 58  ? 138 ? Q9UBH0 55  ? 135 ? 59  139 
4 4 4P0L A 139 ? 145 ? Q9NZH8 154 ? 160 ? 140 146 
5 5 4P0L A 146 ? 154 ? Q9UBH0 147 ? 155 ? 147 155 
# 
loop_
_struct_ref_seq_dif.align_id 
_struct_ref_seq_dif.pdbx_pdb_id_code 
_struct_ref_seq_dif.mon_id 
_struct_ref_seq_dif.pdbx_pdb_strand_id 
_struct_ref_seq_dif.seq_num 
_struct_ref_seq_dif.pdbx_pdb_ins_code 
_struct_ref_seq_dif.pdbx_seq_db_name 
_struct_ref_seq_dif.pdbx_seq_db_accession_code 
_struct_ref_seq_dif.db_mon_id 
_struct_ref_seq_dif.pdbx_seq_db_seq_num 
_struct_ref_seq_dif.details 
_struct_ref_seq_dif.pdbx_auth_seq_num 
_struct_ref_seq_dif.pdbx_ordinal 
1 4P0L SER A 1   ? UNP Q9UBH0 VAL 2   'engineered mutation' 2   1 
3 4P0L ALA A 106 ? UNP Q9UBH0 ARG 103 'engineered mutation' 107 2 
3 4P0L ALA A 108 ? UNP Q9UBH0 MET 105 'engineered mutation' 109 3 
# 
loop_
_chem_comp.id 
_chem_comp.type 
_chem_comp.mon_nstd_flag 
_chem_comp.name 
_chem_comp.pdbx_synonyms 
_chem_comp.formula 
_chem_comp.formula_weight 
ALA 'L-peptide linking' y ALANINE         ? 'C3 H7 N O2'     89.093  
ARG 'L-peptide linking' y ARGININE        ? 'C6 H15 N4 O2 1' 175.209 
ASN 'L-peptide linking' y ASPARAGINE      ? 'C4 H8 N2 O3'    132.118 
ASP 'L-peptide linking' y 'ASPARTIC ACID' ? 'C4 H7 N O4'     133.103 
CYS 'L-peptide linking' y CYSTEINE        ? 'C3 H7 N O2 S'   121.158 
GLN 'L-peptide linking' y GLUTAMINE       ? 'C5 H10 N2 O3'   146.144 
GLU 'L-peptide linking' y 'GLUTAMIC ACID' ? 'C5 H9 N O4'     147.129 
GLY 'peptide linking'   y GLYCINE         ? 'C2 H5 N O2'     75.067  
HIS 'L-peptide linking' y HISTIDINE       ? 'C6 H10 N3 O2 1' 156.162 
HOH non-polymer         . WATER           ? 'H2 O'           18.015  
ILE 'L-peptide linking' y ISOLEUCINE      ? 'C6 H13 N O2'    131.173 
LEU 'L-peptide linking' y LEUCINE         ? 'C6 H13 N O2'    131.173 
LYS 'L-peptide linking' y LYSINE          ? 'C6 H15 N2 O2 1' 147.195 
MET 'L-peptide linking' y METHIONINE      ? 'C5 H11 N O2 S'  149.211 
PHE 'L-peptide linking' y PHENYLALANINE   ? 'C9 H11 N O2'    165.189 
PRO 'L-peptide linking' y PROLINE         ? 'C5 H9 N O2'     115.130 
SER 'L-peptide linking' y SERINE          ? 'C3 H7 N O3'     105.093 
THR 'L-peptide linking' y THREONINE       ? 'C4 H9 N O3'     119.119 
TRP 'L-peptide linking' y TRYPTOPHAN      ? 'C11 H12 N2 O2'  204.225 
TYR 'L-peptide linking' y TYROSINE        ? 'C9 H11 N O3'    181.189 
VAL 'L-peptide linking' y VALINE          ? 'C5 H11 N O2'    117.146 
# 
_exptl.absorpt_coefficient_mu     . 
_exptl.absorpt_correction_T_max   . 
_exptl.absorpt_correction_T_min   . 
_exptl.absorpt_correction_type    . 
_exptl.absorpt_process_details    . 
_exptl.entry_id                   4P0L 
_exptl.crystals_number            1 
_exptl.details                    . 
_exptl.method                     'X-RAY DIFFRACTION' 
_exptl.method_details             . 
# 
_exptl_crystal.colour                      . 
_exptl_crystal.density_diffrn              . 
_exptl_crystal.density_Matthews            1.89 
_exptl_crystal.density_method              . 
_exptl_crystal.density_percent_sol         34.80 
_exptl_crystal.description                 . 
_exptl_crystal.F_000                       . 
_exptl_crystal.id                          1 
_exptl_crystal.preparation                 . 
_exptl_crystal.size_max                    . 
_exptl_crystal.size_mid                    . 
_exptl_crystal.size_min                    . 
_exptl_crystal.size_rad                    . 
_exptl_crystal.colour_lustre               . 
_exptl_crystal.colour_modifier             . 
_exptl_crystal.colour_primary              . 
_exptl_crystal.density_meas                . 
_exptl_crystal.density_meas_esd            . 
_exptl_crystal.density_meas_gt             . 
_exptl_crystal.density_meas_lt             . 
_exptl_crystal.density_meas_temp           . 
_exptl_crystal.density_meas_temp_esd       . 
_exptl_crystal.density_meas_temp_gt        . 
_exptl_crystal.density_meas_temp_lt        . 
_exptl_crystal.pdbx_crystal_image_url      . 
_exptl_crystal.pdbx_crystal_image_format   . 
_exptl_crystal.pdbx_mosaicity              . 
_exptl_crystal.pdbx_mosaicity_esd          . 
# 
_exptl_crystal_grow.apparatus       . 
_exptl_crystal_grow.atmosphere      . 
_exptl_crystal_grow.crystal_id      1 
_exptl_crystal_grow.details         . 
_exptl_crystal_grow.method          'VAPOR DIFFUSION, SITTING DROP' 
_exptl_crystal_grow.method_ref      . 
_exptl_crystal_grow.pH              5.3 
_exptl_crystal_grow.pressure        . 
_exptl_crystal_grow.pressure_esd    . 
_exptl_crystal_grow.seeding         . 
_exptl_crystal_grow.seeding_ref     . 
_exptl_crystal_grow.temp            298 
_exptl_crystal_grow.temp_details    . 
_exptl_crystal_grow.temp_esd        . 
_exptl_crystal_grow.time            . 
_exptl_crystal_grow.pdbx_details    '30% (w/v) PEG5000MME, 0.1 M NaAcetate, pH 5.3' 
_exptl_crystal_grow.pdbx_pH_range   . 
# 
_diffrn.ambient_environment    . 
_diffrn.ambient_temp           100 
_diffrn.ambient_temp_details   . 
_diffrn.ambient_temp_esd       . 
_diffrn.crystal_id             1 
_diffrn.crystal_support        . 
_diffrn.crystal_treatment      . 
_diffrn.details                . 
_diffrn.id                     1 
_diffrn.ambient_pressure       . 
_diffrn.ambient_pressure_esd   . 
_diffrn.ambient_pressure_gt    . 
_diffrn.ambient_pressure_lt    . 
_diffrn.ambient_temp_gt        . 
_diffrn.ambient_temp_lt        . 
# 
_diffrn_detector.details                      . 
_diffrn_detector.detector                     PIXEL 
_diffrn_detector.diffrn_id                    1 
_diffrn_detector.type                         'DECTRIS PILATUS 6M' 
_diffrn_detector.area_resol_mean              . 
_diffrn_detector.dtime                        . 
_diffrn_detector.pdbx_frames_total            . 
_diffrn_detector.pdbx_collection_time_total   . 
_diffrn_detector.pdbx_collection_date         2013-12-06 
# 
_diffrn_radiation.collimation                      . 
_diffrn_radiation.diffrn_id                        1 
_diffrn_radiation.filter_edge                      . 
_diffrn_radiation.inhomogeneity                    . 
_diffrn_radiation.monochromator                    'Si double crystal' 
_diffrn_radiation.polarisn_norm                    . 
_diffrn_radiation.polarisn_ratio                   . 
_diffrn_radiation.probe                            . 
_diffrn_radiation.type                             . 
_diffrn_radiation.xray_symbol                      . 
_diffrn_radiation.wavelength_id                    1 
_diffrn_radiation.pdbx_monochromatic_or_laue_m_l   . 
_diffrn_radiation.pdbx_wavelength_list             . 
_diffrn_radiation.pdbx_wavelength                  . 
_diffrn_radiation.pdbx_diffrn_protocol             'SINGLE WAVELENGTH' 
_diffrn_radiation.pdbx_analyzer                    . 
_diffrn_radiation.pdbx_scattering_type             x-ray 
# 
_diffrn_radiation_wavelength.id           1 
_diffrn_radiation_wavelength.wavelength   0.97945 
_diffrn_radiation_wavelength.wt           1.0 
# 
_diffrn_source.current                     . 
_diffrn_source.details                     . 
_diffrn_source.diffrn_id                   1 
_diffrn_source.power                       . 
_diffrn_source.size                        . 
_diffrn_source.source                      SYNCHROTRON 
_diffrn_source.target                      . 
_diffrn_source.type                        'SSRL BEAMLINE BL11-1' 
_diffrn_source.voltage                     . 
_diffrn_source.take-off_angle              . 
_diffrn_source.pdbx_wavelength_list        0.97945 
_diffrn_source.pdbx_wavelength             . 
_diffrn_source.pdbx_synchrotron_beamline   BL11-1 
_diffrn_source.pdbx_synchrotron_site       SSRL 
# 
_reflns.B_iso_Wilson_estimate            17.12 
_reflns.entry_id                         4P0L 
_reflns.data_reduction_details           . 
_reflns.data_reduction_method            . 
_reflns.d_resolution_high                1.550 
_reflns.d_resolution_low                 37.0 
_reflns.details                          . 
_reflns.limit_h_max                      . 
_reflns.limit_h_min                      . 
_reflns.limit_k_max                      . 
_reflns.limit_k_min                      . 
_reflns.limit_l_max                      . 
_reflns.limit_l_min                      . 
_reflns.number_all                       ? 
_reflns.number_obs                       19268 
_reflns.observed_criterion               . 
_reflns.observed_criterion_F_max         . 
_reflns.observed_criterion_F_min         . 
_reflns.observed_criterion_I_max         . 
_reflns.observed_criterion_I_min         . 
_reflns.observed_criterion_sigma_F       . 
_reflns.observed_criterion_sigma_I       . 
_reflns.percent_possible_obs             99.900 
_reflns.R_free_details                   . 
_reflns.Rmerge_F_all                     . 
_reflns.Rmerge_F_obs                     . 
_reflns.Friedel_coverage                 . 
_reflns.number_gt                        . 
_reflns.threshold_expression             . 
_reflns.pdbx_redundancy                  9.500 
_reflns.pdbx_Rmerge_I_obs                0.065 
_reflns.pdbx_Rmerge_I_all                . 
_reflns.pdbx_Rsym_value                  . 
_reflns.pdbx_netI_over_av_sigmaI         . 
_reflns.pdbx_netI_over_sigmaI            20.500 
_reflns.pdbx_res_netI_over_av_sigmaI_2   . 
_reflns.pdbx_res_netI_over_sigmaI_2      . 
_reflns.pdbx_chi_squared                 . 
_reflns.pdbx_scaling_rejects             . 
_reflns.pdbx_d_res_high_opt              . 
_reflns.pdbx_d_res_low_opt               . 
_reflns.pdbx_d_res_opt_method            . 
_reflns.phase_calculation_details        . 
_reflns.pdbx_Rrim_I_all                  . 
_reflns.pdbx_Rpim_I_all                  0.022 
_reflns.pdbx_d_opt                       . 
_reflns.pdbx_number_measured_all         183258 
_reflns.pdbx_diffrn_id                   1 
_reflns.pdbx_ordinal                     1 
# 
_reflns_shell.d_res_high                  1.550 
_reflns_shell.d_res_low                   1.580 
_reflns_shell.meanI_over_sigI_all         . 
_reflns_shell.meanI_over_sigI_obs         2.800 
_reflns_shell.number_measured_all         8548 
_reflns_shell.number_measured_obs         . 
_reflns_shell.number_possible             . 
_reflns_shell.number_unique_all           913 
_reflns_shell.number_unique_obs           . 
_reflns_shell.percent_possible_all        98.800 
_reflns_shell.percent_possible_obs        . 
_reflns_shell.Rmerge_F_all                . 
_reflns_shell.Rmerge_F_obs                . 
_reflns_shell.Rmerge_I_all                . 
_reflns_shell.Rmerge_I_obs                0.735 
_reflns_shell.meanI_over_sigI_gt          . 
_reflns_shell.meanI_over_uI_all           . 
_reflns_shell.meanI_over_uI_gt            . 
_reflns_shell.number_measured_gt          . 
_reflns_shell.number_unique_gt            . 
_reflns_shell.percent_possible_gt         . 
_reflns_shell.Rmerge_F_gt                 . 
_reflns_shell.Rmerge_I_gt                 . 
_reflns_shell.pdbx_redundancy             9.400 
_reflns_shell.pdbx_Rsym_value             . 
_reflns_shell.pdbx_chi_squared            . 
_reflns_shell.pdbx_netI_over_sigmaI_all   . 
_reflns_shell.pdbx_netI_over_sigmaI_obs   . 
_reflns_shell.pdbx_Rrim_I_all             . 
_reflns_shell.pdbx_Rpim_I_all             0.250 
_reflns_shell.pdbx_rejects                0 
_reflns_shell.pdbx_ordinal                1 
_reflns_shell.pdbx_diffrn_id              1 
# 
_refine.aniso_B[1][1]                            . 
_refine.aniso_B[1][2]                            . 
_refine.aniso_B[1][3]                            . 
_refine.aniso_B[2][2]                            . 
_refine.aniso_B[2][3]                            . 
_refine.aniso_B[3][3]                            . 
_refine.B_iso_max                                79.640 
_refine.B_iso_mean                               23.6177 
_refine.B_iso_min                                9.910 
_refine.correlation_coeff_Fo_to_Fc               . 
_refine.correlation_coeff_Fo_to_Fc_free          . 
_refine.details                                  . 
_refine.diff_density_max                         . 
_refine.diff_density_max_esd                     . 
_refine.diff_density_min                         . 
_refine.diff_density_min_esd                     . 
_refine.diff_density_rms                         . 
_refine.diff_density_rms_esd                     . 
_refine.entry_id                                 4P0L 
_refine.pdbx_refine_id                           'X-RAY DIFFRACTION' 
_refine.ls_abs_structure_details                 . 
_refine.ls_abs_structure_Flack                   . 
_refine.ls_abs_structure_Flack_esd               . 
_refine.ls_abs_structure_Rogers                  . 
_refine.ls_abs_structure_Rogers_esd              . 
_refine.ls_d_res_high                            1.55 
_refine.ls_d_res_low                             37.0 
_refine.ls_extinction_coef                       . 
_refine.ls_extinction_coef_esd                   . 
_refine.ls_extinction_expression                 . 
_refine.ls_extinction_method                     . 
_refine.ls_goodness_of_fit_all                   . 
_refine.ls_goodness_of_fit_all_esd               . 
_refine.ls_goodness_of_fit_obs                   . 
_refine.ls_goodness_of_fit_obs_esd               . 
_refine.ls_hydrogen_treatment                    . 
_refine.ls_matrix_type                           . 
_refine.ls_number_constraints                    . 
_refine.ls_number_parameters                     . 
_refine.ls_number_reflns_all                     . 
_refine.ls_number_reflns_obs                     19214 
_refine.ls_number_reflns_R_free                  961 
_refine.ls_number_reflns_R_work                  18253 
_refine.ls_number_restraints                     . 
_refine.ls_percent_reflns_obs                    99.8600 
_refine.ls_percent_reflns_R_free                 5.0000 
_refine.ls_R_factor_all                          . 
_refine.ls_R_factor_obs                          0.1824 
_refine.ls_R_factor_R_free                       0.2152 
_refine.ls_R_factor_R_free_error                 . 
_refine.ls_R_factor_R_free_error_details         . 
_refine.ls_R_factor_R_work                       0.1807 
_refine.ls_R_Fsqd_factor_obs                     . 
_refine.ls_R_I_factor_obs                        . 
_refine.ls_redundancy_reflns_all                 . 
_refine.ls_redundancy_reflns_obs                 . 
_refine.ls_restrained_S_all                      . 
_refine.ls_restrained_S_obs                      . 
_refine.ls_shift_over_esd_max                    . 
_refine.ls_shift_over_esd_mean                   . 
_refine.ls_structure_factor_coef                 . 
_refine.ls_weighting_details                     . 
_refine.ls_weighting_scheme                      . 
_refine.ls_wR_factor_all                         . 
_refine.ls_wR_factor_obs                         . 
_refine.ls_wR_factor_R_free                      . 
_refine.ls_wR_factor_R_work                      . 
_refine.occupancy_max                            . 
_refine.occupancy_min                            . 
_refine.overall_SU_B                             . 
_refine.overall_SU_ML                            0.1600 
_refine.overall_SU_R_Cruickshank_DPI             . 
_refine.overall_SU_R_free                        . 
_refine.overall_FOM_free_R_set                   . 
_refine.overall_FOM_work_R_set                   . 
_refine.solvent_model_details                    'FLAT BULK SOLVENT MODEL' 
_refine.solvent_model_param_bsol                 . 
_refine.solvent_model_param_ksol                 . 
_refine.ls_R_factor_gt                           . 
_refine.ls_goodness_of_fit_gt                    . 
_refine.ls_goodness_of_fit_ref                   . 
_refine.ls_shift_over_su_max                     . 
_refine.ls_shift_over_su_max_lt                  . 
_refine.ls_shift_over_su_mean                    . 
_refine.ls_shift_over_su_mean_lt                 . 
_refine.pdbx_ls_sigma_I                          . 
_refine.pdbx_ls_sigma_F                          1.360 
_refine.pdbx_ls_sigma_Fsqd                       . 
_refine.pdbx_data_cutoff_high_absF               . 
_refine.pdbx_data_cutoff_high_rms_absF           . 
_refine.pdbx_data_cutoff_low_absF                . 
_refine.pdbx_isotropic_thermal_model             . 
_refine.pdbx_ls_cross_valid_method               'FREE R-VALUE' 
_refine.pdbx_method_to_determine_struct          'MOLECULAR REPLACEMENT' 
_refine.pdbx_starting_model                      1md6 
_refine.pdbx_stereochemistry_target_values       ML 
_refine.pdbx_R_Free_selection_details            'Random selection' 
_refine.pdbx_stereochem_target_val_spec_case     . 
_refine.pdbx_overall_ESU_R                       . 
_refine.pdbx_overall_ESU_R_Free                  . 
_refine.pdbx_solvent_vdw_probe_radii             1.1100 
_refine.pdbx_solvent_ion_probe_radii             . 
_refine.pdbx_solvent_shrinkage_radii             0.9000 
_refine.pdbx_real_space_R                        . 
_refine.pdbx_density_correlation                 . 
_refine.pdbx_pd_number_of_powder_patterns        . 
_refine.pdbx_pd_number_of_points                 . 
_refine.pdbx_pd_meas_number_of_points            . 
_refine.pdbx_pd_proc_ls_prof_R_factor            . 
_refine.pdbx_pd_proc_ls_prof_wR_factor           . 
_refine.pdbx_pd_Marquardt_correlation_coeff      . 
_refine.pdbx_pd_Fsqrd_R_factor                   . 
_refine.pdbx_pd_ls_matrix_band_width             . 
_refine.pdbx_overall_phase_error                 21.5800 
_refine.pdbx_overall_SU_R_free_Cruickshank_DPI   . 
_refine.pdbx_overall_SU_R_free_Blow_DPI          . 
_refine.pdbx_overall_SU_R_Blow_DPI               . 
_refine.pdbx_TLS_residual_ADP_flag               . 
_refine.pdbx_diffrn_id                           1 
# 
_refine_hist.cycle_id                         final 
_refine_hist.pdbx_refine_id                   'X-RAY DIFFRACTION' 
_refine_hist.d_res_high                       1.55 
_refine_hist.d_res_low                        37.0 
_refine_hist.pdbx_number_atoms_ligand         0 
_refine_hist.number_atoms_solvent             139 
_refine_hist.number_atoms_total               1244 
_refine_hist.pdbx_number_residues_total       143 
_refine_hist.pdbx_B_iso_mean_solvent          30.40 
_refine_hist.pdbx_number_atoms_protein        1105 
_refine_hist.pdbx_number_atoms_nucleic_acid   0 
# 
loop_
_refine_ls_restr.pdbx_refine_id 
_refine_ls_restr.criterion 
_refine_ls_restr.dev_ideal 
_refine_ls_restr.dev_ideal_target 
_refine_ls_restr.number 
_refine_ls_restr.rejects 
_refine_ls_restr.type 
_refine_ls_restr.weight 
_refine_ls_restr.pdbx_restraint_function 
'X-RAY DIFFRACTION' . 0.013  . 1190 . f_bond_d           . . 
'X-RAY DIFFRACTION' . 1.436  . 1621 . f_angle_d          . . 
'X-RAY DIFFRACTION' . 0.079  . 176  . f_chiral_restr     . . 
'X-RAY DIFFRACTION' . 0.008  . 214  . f_plane_restr      . . 
'X-RAY DIFFRACTION' . 15.431 . 442  . f_dihedral_angle_d . . 
# 
loop_
_refine_ls_shell.pdbx_refine_id 
_refine_ls_shell.d_res_high 
_refine_ls_shell.d_res_low 
_refine_ls_shell.number_reflns_all 
_refine_ls_shell.number_reflns_obs 
_refine_ls_shell.number_reflns_R_free 
_refine_ls_shell.number_reflns_R_work 
_refine_ls_shell.percent_reflns_obs 
_refine_ls_shell.percent_reflns_R_free 
_refine_ls_shell.R_factor_all 
_refine_ls_shell.R_factor_obs 
_refine_ls_shell.R_factor_R_free 
_refine_ls_shell.R_factor_R_free_error 
_refine_ls_shell.R_factor_R_work 
_refine_ls_shell.redundancy_reflns_all 
_refine_ls_shell.redundancy_reflns_obs 
_refine_ls_shell.wR_factor_all 
_refine_ls_shell.wR_factor_obs 
_refine_ls_shell.wR_factor_R_free 
_refine_ls_shell.wR_factor_R_work 
_refine_ls_shell.pdbx_total_number_of_bins_used 
_refine_ls_shell.pdbx_phase_error 
'X-RAY DIFFRACTION' 1.55   1.6309 2666 . 133 2533 100.0000 . . . 0.2671 . 0.2364 . . . . . . 7 . 
'X-RAY DIFFRACTION' 1.6309 1.7330 2686 . 137 2549 100.0000 . . . 0.2874 . 0.2093 . . . . . . 7 . 
'X-RAY DIFFRACTION' 1.7330 1.8668 2710 . 139 2571 100.0000 . . . 0.2316 . 0.1877 . . . . . . 7 . 
'X-RAY DIFFRACTION' 1.8668 2.0547 2725 . 135 2590 100.0000 . . . 0.2194 . 0.1789 . . . . . . 7 . 
'X-RAY DIFFRACTION' 2.0547 2.3520 2727 . 138 2589 100.0000 . . . 0.1993 . 0.1796 . . . . . . 7 . 
'X-RAY DIFFRACTION' 2.3520 2.9630 2764 . 134 2630 100.0000 . . . 0.2236 . 0.1880 . . . . . . 7 . 
'X-RAY DIFFRACTION' 2.9630 37.0   2936 . 145 2791 100.0000 . . . 0.1971 . 0.1664 . . . . . . 7 . 
# 
_struct.entry_id                     4P0L 
_struct.title                        'Crystal Structure of Double Loop-Swapped Interleukin-36Ra With Additional Point Mutations' 
_struct.pdbx_model_details           . 
_struct.pdbx_formula_weight          . 
_struct.pdbx_formula_weight_method   . 
_struct.pdbx_model_type_details      . 
_struct.pdbx_CASP_flag               . 
# 
_struct_keywords.entry_id        4P0L 
_struct_keywords.text            'chimera protein, interleukin, CYTOKINE' 
_struct_keywords.pdbx_keywords   CYTOKINE 
# 
loop_
_struct_asym.id 
_struct_asym.pdbx_blank_PDB_chainid_flag 
_struct_asym.pdbx_modified 
_struct_asym.entity_id 
_struct_asym.details 
A N N 1 ? 
B N N 2 ? 
# 
loop_
_struct_conf.conf_type_id 
_struct_conf.id 
_struct_conf.pdbx_PDB_helix_id 
_struct_conf.beg_label_comp_id 
_struct_conf.beg_label_asym_id 
_struct_conf.beg_label_seq_id 
_struct_conf.pdbx_beg_PDB_ins_code 
_struct_conf.end_label_comp_id 
_struct_conf.end_label_asym_id 
_struct_conf.end_label_seq_id 
_struct_conf.pdbx_end_PDB_ins_code 
_struct_conf.beg_auth_comp_id 
_struct_conf.beg_auth_asym_id 
_struct_conf.beg_auth_seq_id 
_struct_conf.end_auth_comp_id 
_struct_conf.end_auth_asym_id 
_struct_conf.end_auth_seq_id 
_struct_conf.pdbx_PDB_helix_class 
_struct_conf.details 
_struct_conf.pdbx_PDB_helix_length 
HELX_P HELX_P1 AA1 TRP A 48 ? LEU A 52  ? TRP A 49 LEU A 53  5 ? 5 
HELX_P HELX_P2 AA2 GLU A 53 ? GLY A 57  ? GLU A 54 GLY A 58  5 ? 5 
HELX_P HELX_P3 AA3 ASN A 87 ? LEU A 93  ? ASN A 88 LEU A 94  1 ? 7 
HELX_P HELX_P4 AA4 SER A 98 ? SER A 100 ? SER A 99 SER A 101 5 ? 3 
# 
_struct_conf_type.id          HELX_P 
_struct_conf_type.criteria    ? 
_struct_conf_type.reference   ? 
# 
loop_
_struct_sheet.id 
_struct_sheet.type 
_struct_sheet.number_strands 
_struct_sheet.details 
AA1 ? 2 ? 
AA2 ? 3 ? 
AA3 ? 4 ? 
AA4 ? 4 ? 
AA5 ? 2 ? 
# 
loop_
_struct_sheet_order.sheet_id 
_struct_sheet_order.range_id_1 
_struct_sheet_order.range_id_2 
_struct_sheet_order.offset 
_struct_sheet_order.sense 
AA1 1 2 ? anti-parallel 
AA2 1 2 ? anti-parallel 
AA2 2 3 ? anti-parallel 
AA3 1 2 ? anti-parallel 
AA3 2 3 ? anti-parallel 
AA3 3 4 ? anti-parallel 
AA4 1 2 ? anti-parallel 
AA4 2 3 ? anti-parallel 
AA4 3 4 ? anti-parallel 
AA5 1 2 ? anti-parallel 
# 
loop_
_struct_sheet_range.sheet_id 
_struct_sheet_range.id 
_struct_sheet_range.beg_label_comp_id 
_struct_sheet_range.beg_label_asym_id 
_struct_sheet_range.beg_label_seq_id 
_struct_sheet_range.pdbx_beg_PDB_ins_code 
_struct_sheet_range.end_label_comp_id 
_struct_sheet_range.end_label_asym_id 
_struct_sheet_range.end_label_seq_id 
_struct_sheet_range.pdbx_end_PDB_ins_code 
_struct_sheet_range.beg_auth_comp_id 
_struct_sheet_range.beg_auth_asym_id 
_struct_sheet_range.beg_auth_seq_id 
_struct_sheet_range.end_auth_comp_id 
_struct_sheet_range.end_auth_asym_id 
_struct_sheet_range.end_auth_seq_id 
AA1 1 PHE A 8   ? ASP A 12  ? PHE A 9   ASP A 13  
AA1 2 PHE A 148 ? GLN A 152 ? PHE A 149 GLN A 153 
AA2 1 VAL A 17  ? HIS A 21  ? VAL A 18  HIS A 22  
AA2 2 GLN A 24  ? GLY A 28  ? GLN A 25  GLY A 29  
AA2 3 GLN A 132 ? PRO A 133 ? GLN A 133 PRO A 134 
AA3 1 SER A 42  ? PRO A 45  ? SER A 43  PRO A 46  
AA3 2 SER A 58  ? VAL A 64  ? SER A 59  VAL A 65  
AA3 3 GLN A 69  ? SER A 72  ? GLN A 70  SER A 73  
AA3 4 THR A 82  ? GLU A 84  ? THR A 83  GLU A 85  
AA4 1 SER A 42  ? PRO A 45  ? SER A 43  PRO A 46  
AA4 2 SER A 58  ? VAL A 64  ? SER A 59  VAL A 65  
AA4 3 THR A 102 ? ASP A 107 ? THR A 103 ASP A 108 
AA4 4 SER A 112 ? SER A 116 ? SER A 113 SER A 117 
AA5 1 PHE A 123 ? CYS A 125 ? PHE A 124 CYS A 126 
AA5 2 ARG A 135 ? THR A 137 ? ARG A 136 THR A 138 
# 
loop_
_pdbx_struct_sheet_hbond.sheet_id 
_pdbx_struct_sheet_hbond.range_id_1 
_pdbx_struct_sheet_hbond.range_id_2 
_pdbx_struct_sheet_hbond.range_1_label_atom_id 
_pdbx_struct_sheet_hbond.range_1_label_comp_id 
_pdbx_struct_sheet_hbond.range_1_label_asym_id 
_pdbx_struct_sheet_hbond.range_1_label_seq_id 
_pdbx_struct_sheet_hbond.range_1_PDB_ins_code 
_pdbx_struct_sheet_hbond.range_1_auth_atom_id 
_pdbx_struct_sheet_hbond.range_1_auth_comp_id 
_pdbx_struct_sheet_hbond.range_1_auth_asym_id 
_pdbx_struct_sheet_hbond.range_1_auth_seq_id 
_pdbx_struct_sheet_hbond.range_2_label_atom_id 
_pdbx_struct_sheet_hbond.range_2_label_comp_id 
_pdbx_struct_sheet_hbond.range_2_label_asym_id 
_pdbx_struct_sheet_hbond.range_2_label_seq_id 
_pdbx_struct_sheet_hbond.range_2_PDB_ins_code 
_pdbx_struct_sheet_hbond.range_2_auth_atom_id 
_pdbx_struct_sheet_hbond.range_2_auth_comp_id 
_pdbx_struct_sheet_hbond.range_2_auth_asym_id 
_pdbx_struct_sheet_hbond.range_2_auth_seq_id 
AA1 1 2 N ARG A 9   ? N ARG A 10  O GLN A 151 ? O GLN A 152 
AA2 1 2 N TYR A 19  ? N TYR A 20  O LEU A 26  ? O LEU A 27  
AA2 2 3 N ALA A 27  ? N ALA A 28  O GLN A 132 ? O GLN A 133 
AA3 1 2 N VAL A 44  ? N VAL A 45  O ILE A 61  ? O ILE A 62  
AA3 2 3 N LEU A 62  ? N LEU A 63  O LEU A 71  ? O LEU A 72  
AA3 3 4 N SER A 72  ? N SER A 73  O THR A 82  ? O THR A 83  
AA4 1 2 N VAL A 44  ? N VAL A 45  O ILE A 61  ? O ILE A 62  
AA4 2 3 N SER A 58  ? N SER A 59  O ARG A 105 ? O ARG A 106 
AA4 3 4 N TYR A 104 ? N TYR A 105 O GLU A 115 ? O GLU A 116 
AA5 1 2 N PHE A 123 ? N PHE A 124 O THR A 137 ? O THR A 138 
# 
_atom_sites.entry_id                    4P0L 
_atom_sites.fract_transf_matrix[1][1]   -0.02215568 
_atom_sites.fract_transf_matrix[1][2]   -0.01325163 
_atom_sites.fract_transf_matrix[1][3]   -0.00789265 
_atom_sites.fract_transf_matrix[2][1]   -0.02433764 
_atom_sites.fract_transf_matrix[2][2]   0.00829176 
_atom_sites.fract_transf_matrix[2][3]   0.00822861 
_atom_sites.fract_transf_matrix[3][1]   -0.00057667 
_atom_sites.fract_transf_matrix[3][2]   0.00495212 
_atom_sites.fract_transf_matrix[3][3]   -0.00669575 
_atom_sites.fract_transf_vector[1]      0.401395 
_atom_sites.fract_transf_vector[2]      0.026403 
_atom_sites.fract_transf_vector[3]      0.079731 
# 
loop_
_atom_type.symbol 
C 
N 
O 
S 
# 
loop_
_atom_site.group_PDB 
_atom_site.id 
_atom_site.type_symbol 
_atom_site.label_atom_id 
_atom_site.label_alt_id 
_atom_site.label_comp_id 
_atom_site.label_asym_id 
_atom_site.label_entity_id 
_atom_site.label_seq_id 
_atom_site.pdbx_PDB_ins_code 
_atom_site.Cartn_x 
_atom_site.Cartn_y 
_atom_site.Cartn_z 
_atom_site.occupancy 
_atom_site.B_iso_or_equiv 
_atom_site.pdbx_formal_charge 
_atom_site.auth_seq_id 
_atom_site.auth_comp_id 
_atom_site.auth_asym_id 
_atom_site.auth_atom_id 
_atom_site.pdbx_PDB_model_num 
ATOM   1    N N   . LEU A 1 6   ? 8.482   -14.072 -2.475  1.00 51.75 ? 7   LEU A N   1 
ATOM   2    C CA  . LEU A 1 6   ? 7.234   -14.339 -1.759  1.00 45.26 ? 7   LEU A CA  1 
ATOM   3    C C   . LEU A 1 6   ? 6.330   -13.119 -1.791  1.00 40.83 ? 7   LEU A C   1 
ATOM   4    O O   . LEU A 1 6   ? 6.742   -12.040 -1.378  1.00 35.47 ? 7   LEU A O   1 
ATOM   5    C CB  . LEU A 1 6   ? 7.510   -14.746 -0.305  1.00 36.13 ? 7   LEU A CB  1 
ATOM   6    C CG  . LEU A 1 6   ? 6.351   -15.001 0.660   1.00 38.20 ? 7   LEU A CG  1 
ATOM   7    C CD1 . LEU A 1 6   ? 6.746   -16.069 1.685   1.00 38.35 ? 7   LEU A CD1 1 
ATOM   8    C CD2 . LEU A 1 6   ? 5.967   -13.727 1.391   1.00 40.38 ? 7   LEU A CD2 1 
ATOM   9    N N   . CYS A 1 7   ? 5.097   -13.307 -2.266  1.00 26.98 ? 8   CYS A N   1 
ATOM   10   C CA  . CYS A 1 7   ? 4.127   -12.225 -2.302  1.00 25.56 ? 8   CYS A CA  1 
ATOM   11   C C   . CYS A 1 7   ? 2.922   -12.451 -1.395  1.00 32.58 ? 8   CYS A C   1 
ATOM   12   O O   . CYS A 1 7   ? 2.712   -13.542 -0.830  1.00 25.46 ? 8   CYS A O   1 
ATOM   13   C CB  . CYS A 1 7   ? 3.648   -12.005 -3.743  1.00 27.17 ? 8   CYS A CB  1 
ATOM   14   S SG  . CYS A 1 7   ? 4.857   -11.082 -4.739  1.00 34.94 ? 8   CYS A SG  1 
ATOM   15   N N   . PHE A 1 8   ? 2.135   -11.392 -1.244  1.00 21.13 ? 9   PHE A N   1 
ATOM   16   C CA  . PHE A 1 8   ? 0.913   -11.471 -0.490  1.00 15.03 ? 9   PHE A CA  1 
ATOM   17   C C   . PHE A 1 8   ? -0.278  -11.093 -1.327  1.00 23.63 ? 9   PHE A C   1 
ATOM   18   O O   . PHE A 1 8   ? -0.205  -10.184 -2.156  1.00 23.72 ? 9   PHE A O   1 
ATOM   19   C CB  . PHE A 1 8   ? 0.957   -10.558 0.723   1.00 21.14 ? 9   PHE A CB  1 
ATOM   20   C CG  . PHE A 1 8   ? 2.079   -10.876 1.685   1.00 24.15 ? 9   PHE A CG  1 
ATOM   21   C CD1 . PHE A 1 8   ? 3.309   -10.247 1.560   1.00 37.21 ? 9   PHE A CD1 1 
ATOM   22   C CD2 . PHE A 1 8   ? 1.893   -11.800 2.689   1.00 45.39 ? 9   PHE A CD2 1 
ATOM   23   C CE1 . PHE A 1 8   ? 4.343   -10.544 2.444   1.00 37.30 ? 9   PHE A CE1 1 
ATOM   24   C CE2 . PHE A 1 8   ? 2.921   -12.095 3.566   1.00 39.81 ? 9   PHE A CE2 1 
ATOM   25   C CZ  . PHE A 1 8   ? 4.135   -11.456 3.435   1.00 34.79 ? 9   PHE A CZ  1 
ATOM   26   N N   . ARG A 1 9   ? -1.392  -11.774 -1.115  1.00 15.29 ? 10  ARG A N   1 
ATOM   27   C CA  . ARG A 1 9   ? -2.657  -11.236 -1.573  1.00 17.34 ? 10  ARG A CA  1 
ATOM   28   C C   . ARG A 1 9   ? -3.334  -10.546 -0.400  1.00 18.15 ? 10  ARG A C   1 
ATOM   29   O O   . ARG A 1 9   ? -3.156  -10.923 0.767   1.00 17.52 ? 10  ARG A O   1 
ATOM   30   C CB  . ARG A 1 9   ? -3.515  -12.340 -2.186  1.00 19.14 ? 10  ARG A CB  1 
ATOM   31   C CG  . ARG A 1 9   ? -2.901  -12.758 -3.526  1.00 24.40 ? 10  ARG A CG  1 
ATOM   32   C CD  . ARG A 1 9   ? -3.611  -13.894 -4.159  1.00 30.15 ? 10  ARG A CD  1 
ATOM   33   N NE  . ARG A 1 9   ? -3.209  -14.082 -5.551  1.00 35.46 ? 10  ARG A NE  1 
ATOM   34   C CZ  . ARG A 1 9   ? -2.550  -15.140 -5.999  1.00 40.39 ? 10  ARG A CZ  1 
ATOM   35   N NH1 . ARG A 1 9   ? -2.223  -16.116 -5.162  1.00 43.35 ? 10  ARG A NH1 1 
ATOM   36   N NH2 . ARG A 1 9   ? -2.223  -15.221 -7.286  1.00 42.32 ? 10  ARG A NH2 1 
ATOM   37   N N   A MET A 1 10  ? -4.099  -9.506  -0.713  0.45 11.52 ? 11  MET A N   1 
ATOM   38   N N   B MET A 1 10  ? -4.088  -9.498  -0.717  0.55 11.45 ? 11  MET A N   1 
ATOM   39   C CA  A MET A 1 10  ? -4.781  -8.717  0.319   0.45 13.07 ? 11  MET A CA  1 
ATOM   40   C CA  B MET A 1 10  ? -4.765  -8.667  0.293   0.55 12.90 ? 11  MET A CA  1 
ATOM   41   C C   A MET A 1 10  ? -6.277  -8.594  0.103   0.45 12.23 ? 11  MET A C   1 
ATOM   42   C C   B MET A 1 10  ? -6.276  -8.589  0.099   0.55 12.23 ? 11  MET A C   1 
ATOM   43   O O   A MET A 1 10  ? -6.785  -8.587  -1.027  0.45 13.28 ? 11  MET A O   1 
ATOM   44   O O   B MET A 1 10  ? -6.794  -8.611  -1.029  0.55 13.30 ? 11  MET A O   1 
ATOM   45   C CB  A MET A 1 10  ? -4.188  -7.313  0.424   0.45 14.59 ? 11  MET A CB  1 
ATOM   46   C CB  B MET A 1 10  ? -4.201  -7.242  0.306   0.55 14.75 ? 11  MET A CB  1 
ATOM   47   C CG  A MET A 1 10  ? -2.708  -7.316  0.676   0.45 17.31 ? 11  MET A CG  1 
ATOM   48   C CG  B MET A 1 10  ? -2.795  -7.129  0.845   0.55 16.19 ? 11  MET A CG  1 
ATOM   49   S SD  A MET A 1 10  ? -2.095  -5.702  1.158   0.45 17.88 ? 11  MET A SD  1 
ATOM   50   S SD  B MET A 1 10  ? -2.079  -5.489  0.624   0.55 20.82 ? 11  MET A SD  1 
ATOM   51   C CE  A MET A 1 10  ? -0.335  -6.031  1.158   0.45 14.92 ? 11  MET A CE  1 
ATOM   52   C CE  B MET A 1 10  ? -3.244  -4.495  1.558   0.55 18.89 ? 11  MET A CE  1 
ATOM   53   N N   . LYS A 1 11  ? -6.971  -8.478  1.231   1.00 11.76 ? 12  LYS A N   1 
ATOM   54   C CA  . LYS A 1 11  ? -8.397  -8.220  1.279   1.00 12.20 ? 12  LYS A CA  1 
ATOM   55   C C   . LYS A 1 11  ? -8.635  -7.128  2.315   1.00 15.09 ? 12  LYS A C   1 
ATOM   56   O O   . LYS A 1 11  ? -7.884  -7.058  3.291   1.00 14.39 ? 12  LYS A O   1 
ATOM   57   C CB  . LYS A 1 11  ? -9.157  -9.486  1.722   1.00 16.03 ? 12  LYS A CB  1 
ATOM   58   C CG  . LYS A 1 11  ? -9.063  -10.618 0.737   1.00 17.24 ? 12  LYS A CG  1 
ATOM   59   C CD  . LYS A 1 11  ? -9.690  -11.891 1.325   1.00 20.05 ? 12  LYS A CD  1 
ATOM   60   C CE  . LYS A 1 11  ? -9.927  -12.936 0.246   1.00 25.63 ? 12  LYS A CE  1 
ATOM   61   N NZ  . LYS A 1 11  ? -8.670  -13.283 -0.478  1.00 32.68 ? 12  LYS A NZ  1 
ATOM   62   N N   . ASP A 1 12  ? -9.638  -6.270  2.136   1.00 13.56 ? 13  ASP A N   1 
ATOM   63   C CA  . ASP A 1 12  ? -9.956  -5.376  3.255   1.00 12.22 ? 13  ASP A CA  1 
ATOM   64   C C   . ASP A 1 12  ? -10.721 -6.184  4.317   1.00 15.57 ? 13  ASP A C   1 
ATOM   65   O O   . ASP A 1 12  ? -10.978 -7.394  4.144   1.00 15.12 ? 13  ASP A O   1 
ATOM   66   C CB  . ASP A 1 12  ? -10.740 -4.108  2.806   1.00 13.42 ? 13  ASP A CB  1 
ATOM   67   C CG  . ASP A 1 12  ? -12.135 -4.403  2.219   1.00 16.48 ? 13  ASP A CG  1 
ATOM   68   O OD1 . ASP A 1 12  ? -12.725 -5.481  2.460   1.00 15.71 ? 13  ASP A OD1 1 
ATOM   69   O OD2 . ASP A 1 12  ? -12.683 -3.535  1.511   1.00 17.38 ? 13  ASP A OD2 1 
ATOM   70   N N   . SER A 1 13  ? -11.051 -5.542  5.419   1.00 18.54 ? 14  SER A N   1 
ATOM   71   C CA  . SER A 1 13  ? -11.620 -6.337  6.497   1.00 18.38 ? 14  SER A CA  1 
ATOM   72   C C   . SER A 1 13  ? -13.089 -6.711  6.175   1.00 21.41 ? 14  SER A C   1 
ATOM   73   O O   . SER A 1 13  ? -13.651 -7.589  6.858   1.00 22.77 ? 14  SER A O   1 
ATOM   74   C CB  . SER A 1 13  ? -11.510 -5.613  7.853   1.00 22.02 ? 14  SER A CB  1 
ATOM   75   O OG  . SER A 1 13  ? -12.318 -4.459  7.827   1.00 23.84 ? 14  SER A OG  1 
ATOM   76   N N   . ALA A 1 14  ? -13.670 -6.116  5.125   1.00 15.81 ? 15  ALA A N   1 
ATOM   77   C CA  . ALA A 1 14  ? -15.000 -6.503  4.623   1.00 16.99 ? 15  ALA A CA  1 
ATOM   78   C C   . ALA A 1 14  ? -14.904 -7.611  3.554   1.00 18.21 ? 15  ALA A C   1 
ATOM   79   O O   . ALA A 1 14  ? -15.908 -7.955  2.903   1.00 17.87 ? 15  ALA A O   1 
ATOM   80   C CB  . ALA A 1 14  ? -15.726 -5.307  4.089   1.00 21.98 ? 15  ALA A CB  1 
ATOM   81   N N   . LEU A 1 15  ? -13.689 -8.146  3.400   1.00 15.73 ? 16  LEU A N   1 
ATOM   82   C CA  . LEU A 1 15  ? -13.338 -9.306  2.557   1.00 13.36 ? 16  LEU A CA  1 
ATOM   83   C C   . LEU A 1 15  ? -13.322 -8.979  1.073   1.00 17.45 ? 16  LEU A C   1 
ATOM   84   O O   . LEU A 1 15  ? -13.372 -9.852  0.236   1.00 17.75 ? 16  LEU A O   1 
ATOM   85   C CB  . LEU A 1 15  ? -14.290 -10.491 2.835   1.00 14.33 ? 16  LEU A CB  1 
ATOM   86   C CG  . LEU A 1 15  ? -14.316 -10.831 4.339   1.00 17.03 ? 16  LEU A CG  1 
ATOM   87   C CD1 . LEU A 1 15  ? -15.268 -11.971 4.562   1.00 22.19 ? 16  LEU A CD1 1 
ATOM   88   C CD2 . LEU A 1 15  ? -12.934 -11.180 4.852   1.00 19.04 ? 16  LEU A CD2 1 
ATOM   89   N N   . LYS A 1 16  ? -13.241 -7.697  0.744   1.00 13.63 ? 17  LYS A N   1 
ATOM   90   C CA  . LYS A 1 16  ? -13.118 -7.325  -0.656  1.00 13.06 ? 17  LYS A CA  1 
ATOM   91   C C   . LYS A 1 16  ? -11.675 -7.526  -1.110  1.00 14.74 ? 17  LYS A C   1 
ATOM   92   O O   . LYS A 1 16  ? -10.736 -7.042  -0.455  1.00 16.47 ? 17  LYS A O   1 
ATOM   93   C CB  . LYS A 1 16  ? -13.570 -5.870  -0.850  1.00 16.63 ? 17  LYS A CB  1 
ATOM   94   C CG  . LYS A 1 16  ? -15.046 -5.645  -0.464  1.00 14.89 ? 17  LYS A CG  1 
ATOM   95   C CD  . LYS A 1 16  ? -15.674 -4.390  -1.176  1.00 16.56 ? 17  LYS A CD  1 
ATOM   96   C CE  . LYS A 1 16  ? -14.985 -3.082  -0.822  1.00 17.23 ? 17  LYS A CE  1 
ATOM   97   N NZ  . LYS A 1 16  ? -15.205 -2.733  0.598   1.00 18.06 ? 17  LYS A NZ  1 
ATOM   98   N N   . VAL A 1 17  ? -11.492 -8.203  -2.237  1.00 12.79 ? 18  VAL A N   1 
ATOM   99   C CA  . VAL A 1 17  ? -10.158 -8.601  -2.738  1.00 12.35 ? 18  VAL A CA  1 
ATOM   100  C C   . VAL A 1 17  ? -9.483  -7.418  -3.463  1.00 11.61 ? 18  VAL A C   1 
ATOM   101  O O   . VAL A 1 17  ? -10.145 -6.732  -4.266  1.00 13.07 ? 18  VAL A O   1 
ATOM   102  C CB  . VAL A 1 17  ? -10.304 -9.745  -3.711  1.00 14.88 ? 18  VAL A CB  1 
ATOM   103  C CG1 . VAL A 1 17  ? -9.007  -10.018 -4.434  1.00 19.13 ? 18  VAL A CG1 1 
ATOM   104  C CG2 . VAL A 1 17  ? -10.769 -11.001 -2.994  1.00 16.01 ? 18  VAL A CG2 1 
ATOM   105  N N   . LEU A 1 18  ? -8.196  -7.168  -3.200  1.00 11.89 ? 19  LEU A N   1 
ATOM   106  C CA  . LEU A 1 18  ? -7.509  -6.117  -3.947  1.00 9.94  ? 19  LEU A CA  1 
ATOM   107  C C   . LEU A 1 18  ? -6.995  -6.675  -5.282  1.00 12.28 ? 19  LEU A C   1 
ATOM   108  O O   . LEU A 1 18  ? -6.288  -7.666  -5.280  1.00 13.62 ? 19  LEU A O   1 
ATOM   109  C CB  . LEU A 1 18  ? -6.349  -5.532  -3.156  1.00 12.15 ? 19  LEU A CB  1 
ATOM   110  C CG  . LEU A 1 18  ? -6.708  -4.955  -1.787  1.00 18.23 ? 19  LEU A CG  1 
ATOM   111  C CD1 . LEU A 1 18  ? -5.598  -4.060  -1.252  1.00 16.38 ? 19  LEU A CD1 1 
ATOM   112  C CD2 . LEU A 1 18  ? -8.026  -4.212  -1.771  1.00 21.49 ? 19  LEU A CD2 1 
ATOM   113  N N   . TYR A 1 19  ? -7.365  -6.058  -6.400  1.00 12.62 ? 20  TYR A N   1 
ATOM   114  C CA  . TYR A 1 19  ? -6.962  -6.547  -7.711  1.00 13.96 ? 20  TYR A CA  1 
ATOM   115  C C   . TYR A 1 19  ? -6.756  -5.362  -8.654  1.00 14.57 ? 20  TYR A C   1 
ATOM   116  O O   . TYR A 1 19  ? -7.248  -4.263  -8.377  1.00 13.94 ? 20  TYR A O   1 
ATOM   117  C CB  . TYR A 1 19  ? -8.020  -7.521  -8.261  1.00 12.27 ? 20  TYR A CB  1 
ATOM   118  C CG  . TYR A 1 19  ? -9.327  -6.867  -8.648  1.00 14.47 ? 20  TYR A CG  1 
ATOM   119  C CD1 . TYR A 1 19  ? -9.593  -6.493  -9.974  1.00 17.61 ? 20  TYR A CD1 1 
ATOM   120  C CD2 . TYR A 1 19  ? -10.328 -6.640  -7.698  1.00 13.89 ? 20  TYR A CD2 1 
ATOM   121  C CE1 . TYR A 1 19  ? -10.778 -5.899  -10.331 1.00 19.08 ? 20  TYR A CE1 1 
ATOM   122  C CE2 . TYR A 1 19  ? -11.542 -6.034  -8.069  1.00 14.94 ? 20  TYR A CE2 1 
ATOM   123  C CZ  . TYR A 1 19  ? -11.756 -5.667  -9.380  1.00 20.42 ? 20  TYR A CZ  1 
ATOM   124  O OH  . TYR A 1 19  ? -12.945 -5.102  -9.759  1.00 18.84 ? 20  TYR A OH  1 
ATOM   125  N N   . LEU A 1 20  ? -6.088  -5.590  -9.788  1.00 14.17 ? 21  LEU A N   1 
ATOM   126  C CA  . LEU A 1 20  ? -5.814  -4.515  -10.714 1.00 9.91  ? 21  LEU A CA  1 
ATOM   127  C C   . LEU A 1 20  ? -6.825  -4.447  -11.854 1.00 13.86 ? 21  LEU A C   1 
ATOM   128  O O   . LEU A 1 20  ? -7.225  -5.472  -12.444 1.00 15.95 ? 21  LEU A O   1 
ATOM   129  C CB  . LEU A 1 20  ? -4.420  -4.671  -11.357 1.00 16.74 ? 21  LEU A CB  1 
ATOM   130  C CG  . LEU A 1 20  ? -3.221  -4.513  -10.429 1.00 19.35 ? 21  LEU A CG  1 
ATOM   131  C CD1 . LEU A 1 20  ? -1.943  -4.785  -11.255 1.00 20.95 ? 21  LEU A CD1 1 
ATOM   132  C CD2 . LEU A 1 20  ? -3.213  -3.081  -9.948  1.00 16.33 ? 21  LEU A CD2 1 
ATOM   133  N N   . HIS A 1 21  ? -7.243  -3.238  -12.172 1.00 12.24 ? 22  HIS A N   1 
ATOM   134  C CA  . HIS A 1 21  ? -8.047  -3.019  -13.368 1.00 14.92 ? 22  HIS A CA  1 
ATOM   135  C C   . HIS A 1 21  ? -7.773  -1.602  -13.866 1.00 13.98 ? 22  HIS A C   1 
ATOM   136  O O   . HIS A 1 21  ? -7.829  -0.649  -13.076 1.00 14.55 ? 22  HIS A O   1 
ATOM   137  C CB  . HIS A 1 21  ? -9.525  -3.192  -13.067 1.00 14.39 ? 22  HIS A CB  1 
ATOM   138  C CG  . HIS A 1 21  ? -10.422 -2.920  -14.233 1.00 20.18 ? 22  HIS A CG  1 
ATOM   139  N ND1 . HIS A 1 21  ? -10.495 -3.758  -15.331 1.00 24.98 ? 22  HIS A ND1 1 
ATOM   140  C CD2 . HIS A 1 21  ? -11.266 -1.890  -14.494 1.00 21.94 ? 22  HIS A CD2 1 
ATOM   141  C CE1 . HIS A 1 21  ? -11.353 -3.265  -16.205 1.00 27.02 ? 22  HIS A CE1 1 
ATOM   142  N NE2 . HIS A 1 21  ? -11.840 -2.134  -15.721 1.00 27.82 ? 22  HIS A NE2 1 
ATOM   143  N N   . ASN A 1 22  ? -7.463  -1.433  -15.167 1.00 14.49 ? 23  ASN A N   1 
ATOM   144  C CA  . ASN A 1 22  ? -7.128  -0.094  -15.699 1.00 13.88 ? 23  ASN A CA  1 
ATOM   145  C C   . ASN A 1 22  ? -5.981  0.578   -14.942 1.00 13.84 ? 23  ASN A C   1 
ATOM   146  O O   . ASN A 1 22  ? -5.933  1.812   -14.755 1.00 15.29 ? 23  ASN A O   1 
ATOM   147  C CB  . ASN A 1 22  ? -8.373  0.813   -15.707 1.00 14.36 ? 23  ASN A CB  1 
ATOM   148  C CG  . ASN A 1 22  ? -9.474  0.301   -16.631 1.00 18.93 ? 23  ASN A CG  1 
ATOM   149  O OD1 . ASN A 1 22  ? -9.240  -0.530  -17.489 1.00 20.96 ? 23  ASN A OD1 1 
ATOM   150  N ND2 . ASN A 1 22  ? -10.690 0.804   -16.437 1.00 27.62 ? 23  ASN A ND2 1 
ATOM   151  N N   . ASN A 1 23  ? -4.993  -0.233  -14.570 1.00 15.50 ? 24  ASN A N   1 
ATOM   152  C CA  . ASN A 1 23  ? -3.790  0.232   -13.875 1.00 13.94 ? 24  ASN A CA  1 
ATOM   153  C C   . ASN A 1 23  ? -4.071  0.918   -12.545 1.00 13.78 ? 24  ASN A C   1 
ATOM   154  O O   . ASN A 1 23  ? -3.364  1.836   -12.133 1.00 15.87 ? 24  ASN A O   1 
ATOM   155  C CB  . ASN A 1 23  ? -2.942  1.178   -14.762 1.00 15.89 ? 24  ASN A CB  1 
ATOM   156  C CG  . ASN A 1 23  ? -1.438  1.056   -14.475 1.00 19.22 ? 24  ASN A CG  1 
ATOM   157  O OD1 . ASN A 1 23  ? -0.909  -0.030  -14.449 1.00 20.97 ? 24  ASN A OD1 1 
ATOM   158  N ND2 . ASN A 1 23  ? -0.771  2.180   -14.239 1.00 26.19 ? 24  ASN A ND2 1 
ATOM   159  N N   . GLN A 1 24  ? -5.111  0.431   -11.878 1.00 14.36 ? 25  GLN A N   1 
ATOM   160  C CA  . GLN A 1 24  ? -5.532  0.906   -10.562 1.00 14.95 ? 25  GLN A CA  1 
ATOM   161  C C   . GLN A 1 24  ? -5.769  -0.307  -9.694  1.00 11.83 ? 25  GLN A C   1 
ATOM   162  O O   . GLN A 1 24  ? -6.312  -1.304  -10.172 1.00 14.62 ? 25  GLN A O   1 
ATOM   163  C CB  . GLN A 1 24  ? -6.852  1.691   -10.624 1.00 15.28 ? 25  GLN A CB  1 
ATOM   164  C CG  . GLN A 1 24  ? -6.754  3.108   -11.056 1.00 31.65 ? 25  GLN A CG  1 
ATOM   165  C CD  . GLN A 1 24  ? -8.039  3.815   -10.691 1.00 26.94 ? 25  GLN A CD  1 
ATOM   166  O OE1 . GLN A 1 24  ? -8.044  4.727   -9.866  1.00 35.98 ? 25  GLN A OE1 1 
ATOM   167  N NE2 . GLN A 1 24  ? -9.142  3.368   -11.274 1.00 21.99 ? 25  GLN A NE2 1 
ATOM   168  N N   . LEU A 1 25  ? -5.368  -0.231  -8.426  1.00 11.08 ? 26  LEU A N   1 
ATOM   169  C CA  . LEU A 1 25  ? -5.836  -1.200  -7.438  1.00 11.39 ? 26  LEU A CA  1 
ATOM   170  C C   . LEU A 1 25  ? -7.278  -0.922  -7.018  1.00 12.19 ? 26  LEU A C   1 
ATOM   171  O O   . LEU A 1 25  ? -7.579  0.192   -6.585  1.00 13.90 ? 26  LEU A O   1 
ATOM   172  C CB  . LEU A 1 25  ? -4.923  -1.170  -6.211  1.00 16.27 ? 26  LEU A CB  1 
ATOM   173  C CG  . LEU A 1 25  ? -4.698  -2.464  -5.471  1.00 31.00 ? 26  LEU A CG  1 
ATOM   174  C CD1 . LEU A 1 25  ? -4.153  -3.610  -6.368  1.00 17.33 ? 26  LEU A CD1 1 
ATOM   175  C CD2 . LEU A 1 25  ? -3.745  -2.121  -4.359  1.00 24.66 ? 26  LEU A CD2 1 
ATOM   176  N N   . LEU A 1 26  ? -8.154  -1.915  -7.211  1.00 11.18 ? 27  LEU A N   1 
ATOM   177  C CA  . LEU A 1 26  ? -9.592  -1.872  -6.872  1.00 10.65 ? 27  LEU A CA  1 
ATOM   178  C C   . LEU A 1 26  ? -9.837  -2.881  -5.752  1.00 10.29 ? 27  LEU A C   1 
ATOM   179  O O   . LEU A 1 26  ? -9.024  -3.792  -5.534  1.00 12.91 ? 27  LEU A O   1 
ATOM   180  C CB  . LEU A 1 26  ? -10.494 -2.211  -8.054  1.00 13.01 ? 27  LEU A CB  1 
ATOM   181  C CG  . LEU A 1 26  ? -10.314 -1.428  -9.356  1.00 14.70 ? 27  LEU A CG  1 
ATOM   182  C CD1 . LEU A 1 26  ? -11.473 -1.795  -10.308 1.00 15.21 ? 27  LEU A CD1 1 
ATOM   183  C CD2 . LEU A 1 26  ? -10.235 0.064   -9.082  1.00 15.76 ? 27  LEU A CD2 1 
ATOM   184  N N   . ALA A 1 27  ? -10.960 -2.727  -5.042  1.00 11.68 ? 28  ALA A N   1 
ATOM   185  C CA  . ALA A 1 27  ? -11.288 -3.685  -3.977  1.00 10.98 ? 28  ALA A CA  1 
ATOM   186  C C   . ALA A 1 27  ? -12.630 -4.257  -4.294  1.00 12.22 ? 28  ALA A C   1 
ATOM   187  O O   . ALA A 1 27  ? -13.624 -3.521  -4.377  1.00 16.53 ? 28  ALA A O   1 
ATOM   188  C CB  . ALA A 1 27  ? -11.278 -3.000  -2.587  1.00 11.45 ? 28  ALA A CB  1 
ATOM   189  N N   . GLY A 1 28  ? -12.684 -5.561  -4.511  1.00 16.14 ? 29  GLY A N   1 
ATOM   190  C CA  . GLY A 1 28  ? -13.931 -6.189  -4.907  1.00 19.25 ? 29  GLY A CA  1 
ATOM   191  C C   . GLY A 1 28  ? -13.735 -7.646  -5.214  1.00 24.94 ? 29  GLY A C   1 
ATOM   192  O O   . GLY A 1 28  ? -13.326 -8.409  -4.337  1.00 22.27 ? 29  GLY A O   1 
ATOM   193  N N   . GLY A 1 29  ? -14.074 -8.035  -6.442  1.00 35.36 ? 30  GLY A N   1 
ATOM   194  C CA  . GLY A 1 29  ? -13.844 -9.386  -6.919  1.00 34.63 ? 30  GLY A CA  1 
ATOM   195  C C   . GLY A 1 29  ? -14.684 -10.448 -6.237  1.00 59.82 ? 30  GLY A C   1 
ATOM   196  O O   . GLY A 1 29  ? -14.260 -11.622 -6.182  1.00 34.74 ? 30  GLY A O   1 
ATOM   197  N N   . LEU A 1 30  ? -15.852 -10.039 -5.716  1.00 44.40 ? 31  LEU A N   1 
ATOM   198  C CA  . LEU A 1 30  ? -16.840 -10.963 -5.125  1.00 54.46 ? 31  LEU A CA  1 
ATOM   199  C C   . LEU A 1 30  ? -18.037 -11.241 -6.055  1.00 58.42 ? 31  LEU A C   1 
ATOM   200  O O   . LEU A 1 30  ? -18.037 -10.902 -7.244  1.00 50.84 ? 31  LEU A O   1 
ATOM   201  C CB  . LEU A 1 30  ? -17.376 -10.440 -3.768  1.00 47.82 ? 31  LEU A CB  1 
ATOM   202  C CG  . LEU A 1 30  ? -16.468 -10.125 -2.555  1.00 56.90 ? 31  LEU A CG  1 
ATOM   203  C CD1 . LEU A 1 30  ? -15.771 -8.817  -2.735  1.00 66.37 ? 31  LEU A CD1 1 
ATOM   204  C CD2 . LEU A 1 30  ? -17.200 -10.104 -1.200  1.00 37.64 ? 31  LEU A CD2 1 
ATOM   205  N N   . ILE A 1 36  ? -11.696 -14.097 -8.593  1.00 64.50 ? 37  ILE A N   1 
ATOM   206  C CA  . ILE A 1 36  ? -10.519 -13.258 -8.382  1.00 47.63 ? 37  ILE A CA  1 
ATOM   207  C C   . ILE A 1 36  ? -9.796  -13.562 -7.056  1.00 59.05 ? 37  ILE A C   1 
ATOM   208  O O   . ILE A 1 36  ? -10.330 -13.347 -5.965  1.00 58.82 ? 37  ILE A O   1 
ATOM   209  C CB  . ILE A 1 36  ? -10.895 -11.779 -8.413  1.00 50.09 ? 37  ILE A CB  1 
ATOM   210  C CG1 . ILE A 1 36  ? -11.452 -11.416 -9.795  1.00 47.13 ? 37  ILE A CG1 1 
ATOM   211  C CG2 . ILE A 1 36  ? -9.693  -10.939 -8.066  1.00 48.20 ? 37  ILE A CG2 1 
ATOM   212  C CD1 . ILE A 1 36  ? -11.831 -9.954  -9.965  1.00 36.38 ? 37  ILE A CD1 1 
ATOM   213  N N   . LYS A 1 37  ? -8.566  -14.055 -7.156  1.00 53.63 ? 38  LYS A N   1 
ATOM   214  C CA  . LYS A 1 37  ? -7.804  -14.423 -5.974  1.00 32.50 ? 38  LYS A CA  1 
ATOM   215  C C   . LYS A 1 37  ? -7.000  -13.202 -5.470  1.00 34.43 ? 38  LYS A C   1 
ATOM   216  O O   . LYS A 1 37  ? -6.614  -13.127 -4.284  1.00 32.30 ? 38  LYS A O   1 
ATOM   217  C CB  . LYS A 1 37  ? -6.921  -15.642 -6.300  1.00 61.16 ? 38  LYS A CB  1 
ATOM   218  C CG  . LYS A 1 37  ? -5.831  -15.961 -5.305  1.00 53.25 ? 38  LYS A CG  1 
ATOM   219  C CD  . LYS A 1 37  ? -6.217  -17.011 -4.269  1.00 67.00 ? 38  LYS A CD  1 
ATOM   220  C CE  . LYS A 1 37  ? -5.141  -17.111 -3.173  1.00 53.17 ? 38  LYS A CE  1 
ATOM   221  N NZ  . LYS A 1 37  ? -5.617  -16.488 -1.903  1.00 51.46 ? 38  LYS A NZ  1 
ATOM   222  N N   . GLY A 1 38  ? -6.810  -12.224 -6.359  1.00 30.93 ? 39  GLY A N   1 
ATOM   223  C CA  . GLY A 1 38  ? -6.179  -10.960 -6.000  1.00 22.01 ? 39  GLY A CA  1 
ATOM   224  C C   . GLY A 1 38  ? -4.814  -10.727 -6.600  1.00 16.89 ? 39  GLY A C   1 
ATOM   225  O O   . GLY A 1 38  ? -4.067  -11.664 -6.912  1.00 19.75 ? 39  GLY A O   1 
ATOM   226  N N   . GLU A 1 39  ? -4.452  -9.458  -6.746  1.00 13.38 ? 40  GLU A N   1 
ATOM   227  C CA  . GLU A 1 39  ? -3.114  -9.172  -7.224  1.00 15.34 ? 40  GLU A CA  1 
ATOM   228  C C   . GLU A 1 39  ? -2.078  -9.667  -6.234  1.00 14.74 ? 40  GLU A C   1 
ATOM   229  O O   . GLU A 1 39  ? -2.238  -9.511  -5.015  1.00 14.75 ? 40  GLU A O   1 
ATOM   230  C CB  . GLU A 1 39  ? -2.968  -7.660  -7.453  1.00 16.32 ? 40  GLU A CB  1 
ATOM   231  C CG  . GLU A 1 39  ? -1.571  -7.216  -7.952  1.00 13.03 ? 40  GLU A CG  1 
ATOM   232  C CD  . GLU A 1 39  ? -1.277  -7.678  -9.371  1.00 17.08 ? 40  GLU A CD  1 
ATOM   233  O OE1 . GLU A 1 39  ? -2.214  -8.053  -10.090 1.00 17.54 ? 40  GLU A OE1 1 
ATOM   234  O OE2 . GLU A 1 39  ? -0.086  -7.647  -9.753  1.00 19.16 ? 40  GLU A OE2 1 
ATOM   235  N N   . GLU A 1 40  ? -0.985  -10.224 -6.748  1.00 17.25 ? 41  GLU A N   1 
ATOM   236  C CA  . GLU A 1 40  ? 0.109   -10.626 -5.866  1.00 18.64 ? 41  GLU A CA  1 
ATOM   237  C C   . GLU A 1 40  ? 0.911   -9.378  -5.556  1.00 18.08 ? 41  GLU A C   1 
ATOM   238  O O   . GLU A 1 40  ? 1.535   -8.788  -6.419  1.00 20.60 ? 41  GLU A O   1 
ATOM   239  C CB  . GLU A 1 40  ? 0.953   -11.728 -6.520  1.00 19.96 ? 41  GLU A CB  1 
ATOM   240  C CG  . GLU A 1 40  ? 0.165   -13.040 -6.684  1.00 24.97 ? 41  GLU A CG  1 
ATOM   241  C CD  . GLU A 1 40  ? 1.045   -14.207 -7.143  1.00 37.48 ? 41  GLU A CD  1 
ATOM   242  O OE1 . GLU A 1 40  ? 1.061   -15.247 -6.455  1.00 50.34 ? 41  GLU A OE1 1 
ATOM   243  O OE2 . GLU A 1 40  ? 1.716   -14.073 -8.186  1.00 45.47 ? 41  GLU A OE2 1 
ATOM   244  N N   A ILE A 1 41  ? 0.842   -8.979  -4.291  0.40 12.93 ? 42  ILE A N   1 
ATOM   245  N N   B ILE A 1 41  ? 0.851   -8.960  -4.304  0.60 12.61 ? 42  ILE A N   1 
ATOM   246  C CA  A ILE A 1 41  ? 1.432   -7.750  -3.794  0.40 18.71 ? 42  ILE A CA  1 
ATOM   247  C CA  B ILE A 1 41  ? 1.440   -7.709  -3.883  0.60 18.51 ? 42  ILE A CA  1 
ATOM   248  C C   A ILE A 1 41  ? 2.805   -8.022  -3.188  0.40 14.68 ? 42  ILE A C   1 
ATOM   249  C C   B ILE A 1 41  ? 2.773   -7.982  -3.186  0.60 14.71 ? 42  ILE A C   1 
ATOM   250  O O   A ILE A 1 41  ? 2.972   -8.951  -2.395  0.40 16.27 ? 42  ILE A O   1 
ATOM   251  O O   B ILE A 1 41  ? 2.884   -8.885  -2.355  0.60 16.15 ? 42  ILE A O   1 
ATOM   252  C CB  A ILE A 1 41  ? 0.521   -7.099  -2.719  0.40 18.04 ? 42  ILE A CB  1 
ATOM   253  C CB  B ILE A 1 41  ? 0.471   -6.948  -2.948  0.60 18.40 ? 42  ILE A CB  1 
ATOM   254  C CG1 A ILE A 1 41  ? -0.905  -6.932  -3.255  0.40 18.53 ? 42  ILE A CG1 1 
ATOM   255  C CG1 B ILE A 1 41  ? -0.787  -6.543  -3.736  0.60 13.07 ? 42  ILE A CG1 1 
ATOM   256  C CG2 A ILE A 1 41  ? 1.107   -5.782  -2.237  0.40 14.53 ? 42  ILE A CG2 1 
ATOM   257  C CG2 B ILE A 1 41  ? 1.167   -5.779  -2.266  0.60 14.52 ? 42  ILE A CG2 1 
ATOM   258  C CD1 A ILE A 1 41  ? -1.014  -5.941  -4.363  0.40 19.82 ? 42  ILE A CD1 1 
ATOM   259  C CD1 B ILE A 1 41  ? -1.832  -5.934  -2.903  0.60 16.16 ? 42  ILE A CD1 1 
ATOM   260  N N   . SER A 1 42  ? 3.783   -7.207  -3.558  1.00 13.86 ? 43  SER A N   1 
ATOM   261  C CA  . SER A 1 42  ? 5.099   -7.278  -2.930  1.00 13.39 ? 43  SER A CA  1 
ATOM   262  C C   . SER A 1 42  ? 5.056   -6.320  -1.746  1.00 16.23 ? 43  SER A C   1 
ATOM   263  O O   . SER A 1 42  ? 4.614   -5.184  -1.890  1.00 16.65 ? 43  SER A O   1 
ATOM   264  C CB  . SER A 1 42  ? 6.207   -6.872  -3.903  1.00 21.77 ? 43  SER A CB  1 
ATOM   265  O OG  . SER A 1 42  ? 6.253   -7.754  -5.008  1.00 24.51 ? 43  SER A OG  1 
ATOM   266  N N   . VAL A 1 43  ? 5.425   -6.804  -0.564  1.00 15.70 ? 44  VAL A N   1 
ATOM   267  C CA  . VAL A 1 43  ? 5.524   -5.960  0.623   1.00 13.22 ? 44  VAL A CA  1 
ATOM   268  C C   . VAL A 1 43  ? 6.964   -5.987  1.101   1.00 14.19 ? 44  VAL A C   1 
ATOM   269  O O   . VAL A 1 43  ? 7.434   -7.004  1.655   1.00 15.58 ? 44  VAL A O   1 
ATOM   270  C CB  . VAL A 1 43  ? 4.573   -6.446  1.752   1.00 14.39 ? 44  VAL A CB  1 
ATOM   271  C CG1 . VAL A 1 43  ? 4.634   -5.479  2.922   1.00 12.24 ? 44  VAL A CG1 1 
ATOM   272  C CG2 . VAL A 1 43  ? 3.158   -6.565  1.218   1.00 15.58 ? 44  VAL A CG2 1 
ATOM   273  N N   . VAL A 1 44  ? 7.703   -4.924  0.822   1.00 12.40 ? 45  VAL A N   1 
ATOM   274  C CA  . VAL A 1 44  ? 9.145   -4.924  0.995   1.00 12.81 ? 45  VAL A CA  1 
ATOM   275  C C   . VAL A 1 44  ? 9.561   -3.913  2.057   1.00 12.42 ? 45  VAL A C   1 
ATOM   276  O O   . VAL A 1 44  ? 9.234   -2.720  1.938   1.00 13.45 ? 45  VAL A O   1 
ATOM   277  C CB  . VAL A 1 44  ? 9.835   -4.561  -0.336  1.00 11.92 ? 45  VAL A CB  1 
ATOM   278  C CG1 . VAL A 1 44  ? 11.332  -4.481  -0.136  1.00 16.16 ? 45  VAL A CG1 1 
ATOM   279  C CG2 . VAL A 1 44  ? 9.455   -5.607  -1.397  1.00 17.64 ? 45  VAL A CG2 1 
ATOM   280  N N   . PRO A 1 45  ? 10.281  -4.331  3.094   1.00 11.30 ? 46  PRO A N   1 
ATOM   281  C CA  . PRO A 1 45  ? 10.749  -3.374  4.097   1.00 12.68 ? 46  PRO A CA  1 
ATOM   282  C C   . PRO A 1 45  ? 11.709  -2.344  3.549   1.00 20.30 ? 46  PRO A C   1 
ATOM   283  O O   . PRO A 1 45  ? 12.581  -2.689  2.748   1.00 24.39 ? 46  PRO A O   1 
ATOM   284  C CB  . PRO A 1 45  ? 11.472  -4.261  5.124   1.00 17.78 ? 46  PRO A CB  1 
ATOM   285  C CG  . PRO A 1 45  ? 10.879  -5.647  4.929   1.00 17.29 ? 46  PRO A CG  1 
ATOM   286  C CD  . PRO A 1 45  ? 10.653  -5.715  3.427   1.00 14.97 ? 46  PRO A CD  1 
ATOM   287  N N   A ASN A 1 46  ? 11.529  -1.084  3.937   0.64 13.83 ? 47  ASN A N   1 
ATOM   288  N N   B ASN A 1 46  ? 11.572  -1.095  3.968   0.36 13.98 ? 47  ASN A N   1 
ATOM   289  C CA  A ASN A 1 46  ? 12.500  -0.018  3.584   0.64 15.66 ? 47  ASN A CA  1 
ATOM   290  C CA  B ASN A 1 46  ? 12.555  -0.098  3.552   0.36 15.69 ? 47  ASN A CA  1 
ATOM   291  C C   A ASN A 1 46  ? 13.889  -0.392  4.119   0.64 21.29 ? 47  ASN A C   1 
ATOM   292  C C   B ASN A 1 46  ? 13.909  -0.435  4.117   0.36 21.31 ? 47  ASN A C   1 
ATOM   293  O O   A ASN A 1 46  ? 14.020  -0.821  5.276   0.64 21.96 ? 47  ASN A O   1 
ATOM   294  O O   B ASN A 1 46  ? 14.038  -0.852  5.274   0.36 21.65 ? 47  ASN A O   1 
ATOM   295  C CB  A ASN A 1 46  ? 12.017  1.323   4.160   0.64 17.58 ? 47  ASN A CB  1 
ATOM   296  C CB  B ASN A 1 46  ? 12.132  1.290   3.986   0.36 17.58 ? 47  ASN A CB  1 
ATOM   297  C CG  A ASN A 1 46  ? 12.658  2.542   3.498   0.64 24.91 ? 47  ASN A CG  1 
ATOM   298  C CG  B ASN A 1 46  ? 10.940  1.760   3.238   0.36 17.74 ? 47  ASN A CG  1 
ATOM   299  O OD1 A ASN A 1 46  ? 13.864  2.780   3.628   0.64 27.40 ? 47  ASN A OD1 1 
ATOM   300  O OD1 B ASN A 1 46  ? 9.888   1.137   3.315   0.36 14.73 ? 47  ASN A OD1 1 
ATOM   301  N ND2 A ASN A 1 46  ? 11.833  3.361   2.834   0.64 20.91 ? 47  ASN A ND2 1 
ATOM   302  N ND2 B ASN A 1 46  ? 11.077  2.862   2.503   0.36 26.38 ? 47  ASN A ND2 1 
ATOM   303  N N   . ARG A 1 47  ? 14.927  -0.268  3.289   1.00 20.60 ? 48  ARG A N   1 
ATOM   304  C CA  . ARG A 1 47  ? 16.274  -0.642  3.685   1.00 24.31 ? 48  ARG A CA  1 
ATOM   305  C C   . ARG A 1 47  ? 16.843  0.298   4.740   1.00 21.07 ? 48  ARG A C   1 
ATOM   306  O O   . ARG A 1 47  ? 17.757  -0.074  5.467   1.00 24.39 ? 48  ARG A O   1 
ATOM   307  C CB  . ARG A 1 47  ? 17.190  -0.675  2.443   1.00 26.44 ? 48  ARG A CB  1 
ATOM   308  C CG  . ARG A 1 47  ? 18.586  -1.196  2.698   1.00 38.69 ? 48  ARG A CG  1 
ATOM   309  C CD  . ARG A 1 47  ? 19.324  -1.472  1.392   1.00 40.77 ? 48  ARG A CD  1 
ATOM   310  N NE  . ARG A 1 47  ? 20.571  -2.175  1.679   1.00 65.92 ? 48  ARG A NE  1 
ATOM   311  C CZ  . ARG A 1 47  ? 20.672  -3.498  1.809   1.00 48.67 ? 48  ARG A CZ  1 
ATOM   312  N NH1 . ARG A 1 47  ? 19.601  -4.273  1.673   1.00 44.39 ? 48  ARG A NH1 1 
ATOM   313  N NH2 . ARG A 1 47  ? 21.848  -4.050  2.075   1.00 49.44 ? 48  ARG A NH2 1 
ATOM   314  N N   . TRP A 1 48  ? 16.310  1.515   4.824   1.00 21.18 ? 49  TRP A N   1 
ATOM   315  C CA  . TRP A 1 48  ? 16.845  2.516   5.746   1.00 20.92 ? 49  TRP A CA  1 
ATOM   316  C C   . TRP A 1 48  ? 15.784  3.067   6.705   1.00 25.92 ? 49  TRP A C   1 
ATOM   317  O O   . TRP A 1 48  ? 15.435  4.249   6.643   1.00 26.19 ? 49  TRP A O   1 
ATOM   318  C CB  . TRP A 1 48  ? 17.496  3.654   4.941   1.00 29.09 ? 49  TRP A CB  1 
ATOM   319  C CG  . TRP A 1 48  ? 18.723  3.209   4.184   1.00 28.50 ? 49  TRP A CG  1 
ATOM   320  C CD1 . TRP A 1 48  ? 19.974  2.980   4.706   1.00 25.81 ? 49  TRP A CD1 1 
ATOM   321  C CD2 . TRP A 1 48  ? 18.818  2.917   2.773   1.00 20.38 ? 49  TRP A CD2 1 
ATOM   322  N NE1 . TRP A 1 48  ? 20.830  2.574   3.711   1.00 31.43 ? 49  TRP A NE1 1 
ATOM   323  C CE2 . TRP A 1 48  ? 20.155  2.533   2.519   1.00 23.58 ? 49  TRP A CE2 1 
ATOM   324  C CE3 . TRP A 1 48  ? 17.907  2.944   1.712   1.00 25.09 ? 49  TRP A CE3 1 
ATOM   325  C CZ2 . TRP A 1 48  ? 20.598  2.175   1.240   1.00 29.58 ? 49  TRP A CZ2 1 
ATOM   326  C CZ3 . TRP A 1 48  ? 18.350  2.588   0.437   1.00 30.52 ? 49  TRP A CZ3 1 
ATOM   327  C CH2 . TRP A 1 48  ? 19.691  2.212   0.216   1.00 29.60 ? 49  TRP A CH2 1 
ATOM   328  N N   . PRO A 1 49  ? 15.295  2.229   7.625   1.00 23.32 ? 50  PRO A N   1 
ATOM   329  C CA  . PRO A 1 49  ? 14.199  2.673   8.503   1.00 23.66 ? 50  PRO A CA  1 
ATOM   330  C C   . PRO A 1 49  ? 14.590  3.707   9.561   1.00 32.16 ? 50  PRO A C   1 
ATOM   331  O O   . PRO A 1 49  ? 13.695  4.404   10.051  1.00 28.50 ? 50  PRO A O   1 
ATOM   332  C CB  . PRO A 1 49  ? 13.755  1.374   9.188   1.00 20.87 ? 50  PRO A CB  1 
ATOM   333  C CG  . PRO A 1 49  ? 15.012  0.523   9.205   1.00 21.70 ? 50  PRO A CG  1 
ATOM   334  C CD  . PRO A 1 49  ? 15.685  0.825   7.879   1.00 23.42 ? 50  PRO A CD  1 
ATOM   335  N N   . GLU A 1 50  ? 15.867  3.804   9.930   1.00 28.18 ? 51  GLU A N   1 
ATOM   336  C CA  . GLU A 1 50  ? 16.239  4.697   11.035  1.00 37.03 ? 51  GLU A CA  1 
ATOM   337  C C   . GLU A 1 50  ? 15.948  6.155   10.681  1.00 40.92 ? 51  GLU A C   1 
ATOM   338  O O   . GLU A 1 50  ? 15.686  6.981   11.569  1.00 46.03 ? 51  GLU A O   1 
ATOM   339  C CB  . GLU A 1 50  ? 17.719  4.511   11.423  1.00 44.23 ? 51  GLU A CB  1 
ATOM   340  C CG  . GLU A 1 50  ? 18.058  3.141   12.021  1.00 42.09 ? 51  GLU A CG  1 
ATOM   341  C CD  . GLU A 1 50  ? 17.614  2.974   13.476  1.00 63.33 ? 51  GLU A CD  1 
ATOM   342  O OE1 . GLU A 1 50  ? 17.023  3.922   14.038  1.00 70.57 ? 51  GLU A OE1 1 
ATOM   343  O OE2 . GLU A 1 50  ? 17.875  1.897   14.069  1.00 59.99 ? 51  GLU A OE2 1 
ATOM   344  N N   . ALA A 1 51  ? 15.961  6.445   9.383   1.00 33.06 ? 52  ALA A N   1 
ATOM   345  C CA  . ALA A 1 51  ? 15.674  7.780   8.851   1.00 46.62 ? 52  ALA A CA  1 
ATOM   346  C C   . ALA A 1 51  ? 14.178  8.097   8.768   1.00 49.83 ? 52  ALA A C   1 
ATOM   347  O O   . ALA A 1 51  ? 13.787  9.127   8.204   1.00 43.36 ? 52  ALA A O   1 
ATOM   348  C CB  . ALA A 1 51  ? 16.304  7.934   7.471   1.00 34.26 ? 52  ALA A CB  1 
ATOM   349  N N   . LEU A 1 52  ? 13.349  7.217   9.324   1.00 30.81 ? 53  LEU A N   1 
ATOM   350  C CA  . LEU A 1 52  ? 11.899  7.377   9.286   1.00 26.43 ? 53  LEU A CA  1 
ATOM   351  C C   . LEU A 1 52  ? 11.279  7.296   10.692  1.00 26.99 ? 53  LEU A C   1 
ATOM   352  O O   . LEU A 1 52  ? 11.989  7.146   11.682  1.00 35.65 ? 53  LEU A O   1 
ATOM   353  C CB  . LEU A 1 52  ? 11.288  6.317   8.366   1.00 24.99 ? 53  LEU A CB  1 
ATOM   354  C CG  . LEU A 1 52  ? 11.580  6.346   6.860   1.00 24.37 ? 53  LEU A CG  1 
ATOM   355  C CD1 . LEU A 1 52  ? 11.243  4.994   6.259   1.00 22.87 ? 53  LEU A CD1 1 
ATOM   356  C CD2 . LEU A 1 52  ? 10.753  7.441   6.184   1.00 29.12 ? 53  LEU A CD2 1 
ATOM   357  N N   . GLU A 1 53  ? 9.952   7.378   10.769  1.00 23.35 ? 54  GLU A N   1 
ATOM   358  C CA  . GLU A 1 53  ? 9.213   7.343   12.042  1.00 29.21 ? 54  GLU A CA  1 
ATOM   359  C C   . GLU A 1 53  ? 8.716   5.949   12.409  1.00 36.80 ? 54  GLU A C   1 
ATOM   360  O O   . GLU A 1 53  ? 7.536   5.636   12.175  1.00 39.65 ? 54  GLU A O   1 
ATOM   361  C CB  . GLU A 1 53  ? 7.983   8.246   11.979  1.00 22.68 ? 54  GLU A CB  1 
ATOM   362  C CG  . GLU A 1 53  ? 8.288   9.698   11.716  1.00 27.21 ? 54  GLU A CG  1 
ATOM   363  C CD  . GLU A 1 53  ? 7.445   10.610  12.580  1.00 66.02 ? 54  GLU A CD  1 
ATOM   364  O OE1 . GLU A 1 53  ? 8.003   11.195  13.542  1.00 67.84 ? 54  GLU A OE1 1 
ATOM   365  O OE2 . GLU A 1 53  ? 6.229   10.738  12.304  1.00 59.68 ? 54  GLU A OE2 1 
ATOM   366  N N   . GLN A 1 54  ? 9.548   5.118   13.020  1.00 46.15 ? 55  GLN A N   1 
ATOM   367  C CA  . GLN A 1 54  ? 9.129   3.722   13.131  1.00 44.72 ? 55  GLN A CA  1 
ATOM   368  C C   . GLN A 1 54  ? 8.122   3.348   14.235  1.00 51.07 ? 55  GLN A C   1 
ATOM   369  O O   . GLN A 1 54  ? 7.579   2.233   14.198  1.00 44.58 ? 55  GLN A O   1 
ATOM   370  C CB  . GLN A 1 54  ? 10.352  2.833   13.264  1.00 62.51 ? 55  GLN A CB  1 
ATOM   371  C CG  . GLN A 1 54  ? 10.369  1.780   12.173  1.00 54.67 ? 55  GLN A CG  1 
ATOM   372  C CD  . GLN A 1 54  ? 11.709  1.118   12.017  1.00 47.15 ? 55  GLN A CD  1 
ATOM   373  O OE1 . GLN A 1 54  ? 12.745  1.691   12.377  1.00 52.23 ? 55  GLN A OE1 1 
ATOM   374  N NE2 . GLN A 1 54  ? 11.706  -0.111  11.483  1.00 63.69 ? 55  GLN A NE2 1 
ATOM   375  N N   . GLY A 1 55  ? 7.833   4.234   15.186  1.00 33.37 ? 56  GLY A N   1 
ATOM   376  C CA  . GLY A 1 55  ? 6.754   3.934   16.122  1.00 26.92 ? 56  GLY A CA  1 
ATOM   377  C C   . GLY A 1 55  ? 5.370   3.821   15.477  1.00 30.05 ? 56  GLY A C   1 
ATOM   378  O O   . GLY A 1 55  ? 4.427   3.291   16.079  1.00 31.89 ? 56  GLY A O   1 
ATOM   379  N N   . ARG A 1 56  ? 5.242   4.318   14.249  1.00 31.49 ? 57  ARG A N   1 
ATOM   380  C CA  . ARG A 1 56  ? 3.958   4.296   13.550  1.00 22.79 ? 57  ARG A CA  1 
ATOM   381  C C   . ARG A 1 56  ? 3.708   2.952   12.868  1.00 17.29 ? 57  ARG A C   1 
ATOM   382  O O   . ARG A 1 56  ? 2.644   2.733   12.298  1.00 17.48 ? 57  ARG A O   1 
ATOM   383  C CB  . ARG A 1 56  ? 3.895   5.413   12.494  1.00 27.29 ? 57  ARG A CB  1 
ATOM   384  C CG  . ARG A 1 56  ? 3.948   6.835   13.045  1.00 38.66 ? 57  ARG A CG  1 
ATOM   385  C CD  . ARG A 1 56  ? 3.384   7.870   12.047  1.00 36.19 ? 57  ARG A CD  1 
ATOM   386  N NE  . ARG A 1 56  ? 3.592   9.247   12.509  1.00 39.75 ? 57  ARG A NE  1 
ATOM   387  C CZ  . ARG A 1 56  ? 2.648   10.191  12.599  1.00 55.72 ? 57  ARG A CZ  1 
ATOM   388  N NH1 . ARG A 1 56  ? 2.986   11.399  13.033  1.00 63.97 ? 57  ARG A NH1 1 
ATOM   389  N NH2 . ARG A 1 56  ? 1.376   9.962   12.255  1.00 30.03 ? 57  ARG A NH2 1 
ATOM   390  N N   . GLY A 1 57  ? 4.723   2.090   12.873  1.00 22.90 ? 58  GLY A N   1 
ATOM   391  C CA  . GLY A 1 57  ? 4.669   0.802   12.196  1.00 17.21 ? 58  GLY A CA  1 
ATOM   392  C C   . GLY A 1 57  ? 5.908   0.607   11.345  1.00 18.77 ? 58  GLY A C   1 
ATOM   393  O O   . GLY A 1 57  ? 6.747   1.497   11.194  1.00 21.36 ? 58  GLY A O   1 
ATOM   394  N N   . SER A 1 58  ? 6.016   -0.570  10.767  1.00 13.39 ? 59  SER A N   1 
ATOM   395  C CA  . SER A 1 58  ? 7.198   -0.964  10.020  1.00 12.59 ? 59  SER A CA  1 
ATOM   396  C C   . SER A 1 58  ? 7.116   -0.375  8.622   1.00 14.70 ? 59  SER A C   1 
ATOM   397  O O   . SER A 1 58  ? 6.098   -0.591  7.945   1.00 14.95 ? 59  SER A O   1 
ATOM   398  C CB  . SER A 1 58  ? 7.272   -2.495  9.910   1.00 15.38 ? 59  SER A CB  1 
ATOM   399  O OG  . SER A 1 58  ? 7.078   -3.115  11.188  1.00 25.11 ? 59  SER A OG  1 
ATOM   400  N N   . PRO A 1 59  ? 8.145   0.394   8.184   1.00 13.47 ? 60  PRO A N   1 
ATOM   401  C CA  . PRO A 1 59  ? 8.046   1.050   6.871   1.00 12.06 ? 60  PRO A CA  1 
ATOM   402  C C   . PRO A 1 59  ? 8.215   0.026   5.731   1.00 12.95 ? 60  PRO A C   1 
ATOM   403  O O   . PRO A 1 59  ? 9.172   -0.773  5.739   1.00 14.99 ? 60  PRO A O   1 
ATOM   404  C CB  . PRO A 1 59  ? 9.184   2.071   6.882   1.00 15.59 ? 60  PRO A CB  1 
ATOM   405  C CG  . PRO A 1 59  ? 10.106  1.584   7.942   1.00 19.50 ? 60  PRO A CG  1 
ATOM   406  C CD  . PRO A 1 59  ? 9.279   0.904   8.958   1.00 16.44 ? 60  PRO A CD  1 
ATOM   407  N N   . VAL A 1 60  ? 7.265   0.046   4.804   1.00 11.39 ? 61  VAL A N   1 
ATOM   408  C CA  . VAL A 1 60  ? 7.279   -0.857  3.662   1.00 12.21 ? 61  VAL A CA  1 
ATOM   409  C C   . VAL A 1 60  ? 6.953   -0.117  2.383   1.00 15.03 ? 61  VAL A C   1 
ATOM   410  O O   . VAL A 1 60  ? 6.333   0.966   2.394   1.00 14.55 ? 61  VAL A O   1 
ATOM   411  C CB  . VAL A 1 60  ? 6.293   -2.028  3.815   1.00 12.76 ? 61  VAL A CB  1 
ATOM   412  C CG1 . VAL A 1 60  ? 6.644   -2.932  5.030   1.00 13.40 ? 61  VAL A CG1 1 
ATOM   413  C CG2 . VAL A 1 60  ? 4.848   -1.568  3.917   1.00 14.02 ? 61  VAL A CG2 1 
ATOM   414  N N   . ILE A 1 61  ? 7.420   -0.716  1.288   1.00 11.38 ? 62  ILE A N   1 
ATOM   415  C CA  . ILE A 1 61  ? 7.070   -0.296  -0.096  1.00 10.83 ? 62  ILE A CA  1 
ATOM   416  C C   . ILE A 1 61  ? 6.140   -1.351  -0.647  1.00 13.15 ? 62  ILE A C   1 
ATOM   417  O O   . ILE A 1 61  ? 6.355   -2.558  -0.393  1.00 13.89 ? 62  ILE A O   1 
ATOM   418  C CB  . ILE A 1 61  ? 8.323   -0.155  -0.975  1.00 12.57 ? 62  ILE A CB  1 
ATOM   419  C CG1 . ILE A 1 61  ? 9.246   0.922   -0.403  1.00 20.00 ? 62  ILE A CG1 1 
ATOM   420  C CG2 . ILE A 1 61  ? 7.908   0.198   -2.426  1.00 16.19 ? 62  ILE A CG2 1 
ATOM   421  C CD1 . ILE A 1 61  ? 10.698  0.696   -0.732  1.00 23.96 ? 62  ILE A CD1 1 
ATOM   422  N N   . LEU A 1 62  ? 5.061   -0.934  -1.320  1.00 14.95 ? 63  LEU A N   1 
ATOM   423  C CA  . LEU A 1 62  ? 4.059   -1.875  -1.824  1.00 10.47 ? 63  LEU A CA  1 
ATOM   424  C C   . LEU A 1 62  ? 4.144   -1.965  -3.345  1.00 16.59 ? 63  LEU A C   1 
ATOM   425  O O   . LEU A 1 62  ? 3.976   -0.959  -4.035  1.00 15.78 ? 63  LEU A O   1 
ATOM   426  C CB  . LEU A 1 62  ? 2.649   -1.476  -1.422  1.00 15.47 ? 63  LEU A CB  1 
ATOM   427  C CG  . LEU A 1 62  ? 2.422   -1.412  0.106   1.00 12.44 ? 63  LEU A CG  1 
ATOM   428  C CD1 . LEU A 1 62  ? 1.024   -0.865  0.367   1.00 15.03 ? 63  LEU A CD1 1 
ATOM   429  C CD2 . LEU A 1 62  ? 2.533   -2.793  0.660   1.00 15.36 ? 63  LEU A CD2 1 
ATOM   430  N N   . GLY A 1 63  ? 4.397   -3.148  -3.884  1.00 14.64 ? 64  GLY A N   1 
ATOM   431  C CA  . GLY A 1 63  ? 4.455   -3.289  -5.346  1.00 15.69 ? 64  GLY A CA  1 
ATOM   432  C C   . GLY A 1 63  ? 3.422   -4.244  -5.904  1.00 14.67 ? 64  GLY A C   1 
ATOM   433  O O   . GLY A 1 63  ? 2.829   -5.042  -5.182  1.00 15.25 ? 64  GLY A O   1 
ATOM   434  N N   . VAL A 1 64  ? 3.208   -4.155  -7.213  1.00 14.10 ? 65  VAL A N   1 
ATOM   435  C CA  . VAL A 1 64  ? 2.361   -5.071  -7.915  1.00 15.68 ? 65  VAL A CA  1 
ATOM   436  C C   . VAL A 1 64  ? 3.122   -5.568  -9.124  1.00 17.15 ? 65  VAL A C   1 
ATOM   437  O O   . VAL A 1 64  ? 4.194   -5.065  -9.416  1.00 13.94 ? 65  VAL A O   1 
ATOM   438  C CB  . VAL A 1 64  ? 1.065   -4.408  -8.367  1.00 12.58 ? 65  VAL A CB  1 
ATOM   439  C CG1 . VAL A 1 64  ? 0.267   -3.898  -7.163  1.00 14.55 ? 65  VAL A CG1 1 
ATOM   440  C CG2 . VAL A 1 64  ? 1.357   -3.275  -9.370  1.00 13.75 ? 65  VAL A CG2 1 
ATOM   441  N N   . GLN A 1 65  ? 2.558   -6.568  -9.792  1.00 18.19 ? 66  GLN A N   1 
ATOM   442  C CA  . GLN A 1 65  ? 3.151   -7.158  -11.013 1.00 20.31 ? 66  GLN A CA  1 
ATOM   443  C C   . GLN A 1 65  ? 4.632   -7.509  -10.839 1.00 18.54 ? 66  GLN A C   1 
ATOM   444  O O   . GLN A 1 65  ? 5.514   -7.086  -11.602 1.00 16.12 ? 66  GLN A O   1 
ATOM   445  C CB  . GLN A 1 65  ? 2.916   -6.193  -12.192 1.00 16.93 ? 66  GLN A CB  1 
ATOM   446  C CG  . GLN A 1 65  ? 1.408   -6.120  -12.527 1.00 16.06 ? 66  GLN A CG  1 
ATOM   447  C CD  . GLN A 1 65  ? 0.995   -4.934  -13.330 1.00 25.89 ? 66  GLN A CD  1 
ATOM   448  O OE1 . GLN A 1 65  ? 1.622   -3.889  -13.280 1.00 24.12 ? 66  GLN A OE1 1 
ATOM   449  N NE2 . GLN A 1 65  ? -0.093  -5.088  -14.087 1.00 22.43 ? 66  GLN A NE2 1 
ATOM   450  N N   . GLY A 1 66  ? 4.908   -8.299  -9.811  1.00 19.21 ? 67  GLY A N   1 
ATOM   451  C CA  . GLY A 1 66  ? 6.262   -8.706  -9.500  1.00 20.11 ? 67  GLY A CA  1 
ATOM   452  C C   . GLY A 1 66  ? 7.139   -7.577  -9.037  1.00 19.79 ? 67  GLY A C   1 
ATOM   453  O O   . GLY A 1 66  ? 8.363   -7.645  -9.142  1.00 22.89 ? 67  GLY A O   1 
ATOM   454  N N   . GLY A 1 67  ? 6.518   -6.531  -8.495  1.00 14.09 ? 68  GLY A N   1 
ATOM   455  C CA  . GLY A 1 67  ? 7.235   -5.377  -8.010  1.00 15.68 ? 68  GLY A CA  1 
ATOM   456  C C   . GLY A 1 67  ? 7.674   -4.442  -9.127  1.00 15.29 ? 68  GLY A C   1 
ATOM   457  O O   . GLY A 1 67  ? 8.593   -3.641  -8.917  1.00 15.88 ? 68  GLY A O   1 
ATOM   458  N N   . SER A 1 68  ? 7.032   -4.544  -10.295 1.00 14.89 ? 69  SER A N   1 
ATOM   459  C CA  . SER A 1 68  ? 7.449   -3.728  -11.423 1.00 12.07 ? 69  SER A CA  1 
ATOM   460  C C   . SER A 1 68  ? 6.751   -2.350  -11.433 1.00 15.17 ? 69  SER A C   1 
ATOM   461  O O   . SER A 1 68  ? 7.170   -1.436  -12.119 1.00 15.83 ? 69  SER A O   1 
ATOM   462  C CB  . SER A 1 68  ? 7.189   -4.484  -12.734 1.00 15.51 ? 69  SER A CB  1 
ATOM   463  O OG  . SER A 1 68  ? 5.809   -4.726  -12.935 1.00 16.44 ? 69  SER A OG  1 
ATOM   464  N N   . GLN A 1 69  ? 5.690   -2.206  -10.616 1.00 12.45 ? 70  GLN A N   1 
ATOM   465  C CA  . GLN A 1 69  ? 5.108   -0.897  -10.326 1.00 11.63 ? 70  GLN A CA  1 
ATOM   466  C C   . GLN A 1 69  ? 4.915   -0.824  -8.834  1.00 12.33 ? 70  GLN A C   1 
ATOM   467  O O   . GLN A 1 69  ? 4.695   -1.845  -8.214  1.00 15.92 ? 70  GLN A O   1 
ATOM   468  C CB  . GLN A 1 69  ? 3.771   -0.715  -10.992 1.00 12.27 ? 70  GLN A CB  1 
ATOM   469  C CG  . GLN A 1 69  ? 3.765   -0.880  -12.526 1.00 14.06 ? 70  GLN A CG  1 
ATOM   470  C CD  . GLN A 1 69  ? 2.507   -0.318  -13.131 1.00 15.09 ? 70  GLN A CD  1 
ATOM   471  O OE1 . GLN A 1 69  ? 2.421   0.895   -13.374 1.00 20.28 ? 70  GLN A OE1 1 
ATOM   472  N NE2 . GLN A 1 69  ? 1.521   -1.184  -13.382 1.00 21.71 ? 70  GLN A NE2 1 
ATOM   473  N N   . CYS A 1 70  ? 4.977   0.364   -8.277  1.00 11.77 ? 71  CYS A N   1 
ATOM   474  C CA  . CYS A 1 70  ? 4.833   0.541   -6.821  1.00 11.49 ? 71  CYS A CA  1 
ATOM   475  C C   . CYS A 1 70  ? 3.786   1.609   -6.536  1.00 13.35 ? 71  CYS A C   1 
ATOM   476  O O   . CYS A 1 70  ? 3.632   2.572   -7.328  1.00 14.26 ? 71  CYS A O   1 
ATOM   477  C CB  . CYS A 1 70  ? 6.155   0.959   -6.262  1.00 10.84 ? 71  CYS A CB  1 
ATOM   478  S SG  . CYS A 1 70  ? 7.387   -0.382  -6.335  1.00 18.05 ? 71  CYS A SG  1 
ATOM   479  N N   . LEU A 1 71  ? 3.092   1.476   -5.401  1.00 13.64 ? 72  LEU A N   1 
ATOM   480  C CA  . LEU A 1 71  ? 2.108   2.483   -5.018  1.00 13.70 ? 72  LEU A CA  1 
ATOM   481  C C   . LEU A 1 71  ? 2.793   3.715   -4.439  1.00 11.19 ? 72  LEU A C   1 
ATOM   482  O O   . LEU A 1 71  ? 3.702   3.590   -3.584  1.00 14.37 ? 72  LEU A O   1 
ATOM   483  C CB  . LEU A 1 71  ? 1.151   1.895   -3.983  1.00 11.59 ? 72  LEU A CB  1 
ATOM   484  C CG  . LEU A 1 71  ? 0.059   0.930   -4.381  1.00 17.47 ? 72  LEU A CG  1 
ATOM   485  C CD1 . LEU A 1 71  ? -0.634  0.409   -3.116  1.00 16.64 ? 72  LEU A CD1 1 
ATOM   486  C CD2 . LEU A 1 71  ? -0.933  1.635   -5.313  1.00 23.46 ? 72  LEU A CD2 1 
ATOM   487  N N   . SER A 1 72  ? 2.382   4.895   -4.942  1.00 12.63 ? 73  SER A N   1 
ATOM   488  C CA  . SER A 1 72  ? 2.880   6.176   -4.507  1.00 15.06 ? 73  SER A CA  1 
ATOM   489  C C   . SER A 1 72  ? 1.725   7.055   -4.018  1.00 12.86 ? 73  SER A C   1 
ATOM   490  O O   . SER A 1 72  ? 0.614   6.938   -4.525  1.00 14.37 ? 73  SER A O   1 
ATOM   491  C CB  . SER A 1 72  ? 3.566   6.882   -5.673  1.00 17.41 ? 73  SER A CB  1 
ATOM   492  O OG  . SER A 1 72  ? 4.078   8.125   -5.241  1.00 18.95 ? 73  SER A OG  1 
ATOM   493  N N   . CYS A 1 73  ? 1.998   7.894   -3.010  1.00 14.89 ? 74  CYS A N   1 
ATOM   494  C CA  . CYS A 1 73  ? 1.044   8.940   -2.627  1.00 15.36 ? 74  CYS A CA  1 
ATOM   495  C C   . CYS A 1 73  ? 1.292   10.256  -3.365  1.00 19.14 ? 74  CYS A C   1 
ATOM   496  O O   . CYS A 1 73  ? 0.637   11.255  -3.077  1.00 20.19 ? 74  CYS A O   1 
ATOM   497  C CB  . CYS A 1 73  ? 1.094   9.180   -1.132  1.00 15.58 ? 74  CYS A CB  1 
ATOM   498  S SG  . CYS A 1 73  ? 0.575   7.675   -0.200  1.00 16.04 ? 74  CYS A SG  1 
ATOM   499  N N   . GLY A 1 74  ? 2.238   10.243  -4.286  1.00 16.40 ? 75  GLY A N   1 
ATOM   500  C CA  . GLY A 1 74  ? 2.574   11.429  -5.047  1.00 23.22 ? 75  GLY A CA  1 
ATOM   501  C C   . GLY A 1 74  ? 3.469   12.419  -4.340  1.00 19.27 ? 75  GLY A C   1 
ATOM   502  O O   . GLY A 1 74  ? 4.068   12.168  -3.291  1.00 20.28 ? 75  GLY A O   1 
ATOM   503  N N   . VAL A 1 75  ? 3.564   13.604  -4.943  1.00 24.69 ? 76  VAL A N   1 
ATOM   504  C CA  . VAL A 1 75  ? 4.477   14.608  -4.432  1.00 25.46 ? 76  VAL A CA  1 
ATOM   505  C C   . VAL A 1 75  ? 3.769   15.961  -4.411  1.00 28.66 ? 76  VAL A C   1 
ATOM   506  O O   . VAL A 1 75  ? 4.418   17.001  -4.239  1.00 32.06 ? 76  VAL A O   1 
ATOM   507  C CB  . VAL A 1 75  ? 5.774   14.710  -5.288  1.00 24.93 ? 76  VAL A CB  1 
ATOM   508  C CG1 . VAL A 1 75  ? 6.607   13.426  -5.187  1.00 30.96 ? 76  VAL A CG1 1 
ATOM   509  C CG2 . VAL A 1 75  ? 5.432   15.042  -6.738  1.00 27.30 ? 76  VAL A CG2 1 
ATOM   510  N N   . GLY A 1 76  ? 2.446   15.937  -4.602  1.00 24.06 ? 77  GLY A N   1 
ATOM   511  C CA  . GLY A 1 76  ? 1.597   17.124  -4.514  1.00 22.77 ? 77  GLY A CA  1 
ATOM   512  C C   . GLY A 1 76  ? 1.331   17.605  -3.086  1.00 22.85 ? 77  GLY A C   1 
ATOM   513  O O   . GLY A 1 76  ? 1.787   17.014  -2.114  1.00 24.20 ? 77  GLY A O   1 
ATOM   514  N N   . GLN A 1 77  ? 0.576   18.691  -2.951  1.00 26.90 ? 78  GLN A N   1 
ATOM   515  C CA  . GLN A 1 77  ? 0.217   19.160  -1.616  1.00 26.88 ? 78  GLN A CA  1 
ATOM   516  C C   . GLN A 1 77  ? -0.804  18.199  -0.989  1.00 23.14 ? 78  GLN A C   1 
ATOM   517  O O   . GLN A 1 77  ? -0.812  17.977  0.219   1.00 33.18 ? 78  GLN A O   1 
ATOM   518  C CB  . GLN A 1 77  ? -0.351  20.591  -1.672  1.00 30.53 ? 78  GLN A CB  1 
ATOM   519  C CG  . GLN A 1 77  ? -0.721  21.147  -0.306  1.00 48.61 ? 78  GLN A CG  1 
ATOM   520  C CD  . GLN A 1 77  ? -1.584  22.399  -0.374  1.00 57.97 ? 78  GLN A CD  1 
ATOM   521  O OE1 . GLN A 1 77  ? -1.703  23.046  -1.424  1.00 64.65 ? 78  GLN A OE1 1 
ATOM   522  N NE2 . GLN A 1 77  ? -2.208  22.740  0.753   1.00 55.76 ? 78  GLN A NE2 1 
ATOM   523  N N   . GLU A 1 78  ? -1.672  17.654  -1.832  1.00 23.34 ? 79  GLU A N   1 
ATOM   524  C CA  . GLU A 1 78  ? -2.677  16.704  -1.383  1.00 21.10 ? 79  GLU A CA  1 
ATOM   525  C C   . GLU A 1 78  ? -2.302  15.311  -1.894  1.00 32.67 ? 79  GLU A C   1 
ATOM   526  O O   . GLU A 1 78  ? -2.099  15.130  -3.082  1.00 24.44 ? 79  GLU A O   1 
ATOM   527  C CB  . GLU A 1 78  ? -4.044  17.100  -1.881  1.00 23.87 ? 79  GLU A CB  1 
ATOM   528  C CG  . GLU A 1 78  ? -5.138  16.119  -1.542  1.00 23.05 ? 79  GLU A CG  1 
ATOM   529  C CD  . GLU A 1 78  ? -5.801  16.448  -0.206  1.00 18.86 ? 79  GLU A CD  1 
ATOM   530  O OE1 . GLU A 1 78  ? -5.096  16.957  0.699   1.00 21.53 ? 79  GLU A OE1 1 
ATOM   531  O OE2 . GLU A 1 78  ? -7.014  16.210  -0.122  1.00 18.26 ? 79  GLU A OE2 1 
ATOM   532  N N   . PRO A 1 79  ? -2.210  14.322  -0.998  1.00 17.99 ? 80  PRO A N   1 
ATOM   533  C CA  . PRO A 1 79  ? -1.802  13.002  -1.513  1.00 17.14 ? 80  PRO A CA  1 
ATOM   534  C C   . PRO A 1 79  ? -2.837  12.416  -2.436  1.00 16.39 ? 80  PRO A C   1 
ATOM   535  O O   . PRO A 1 79  ? -4.043  12.662  -2.265  1.00 18.52 ? 80  PRO A O   1 
ATOM   536  C CB  . PRO A 1 79  ? -1.683  12.147  -0.245  1.00 13.71 ? 80  PRO A CB  1 
ATOM   537  C CG  . PRO A 1 79  ? -2.663  12.779  0.729   1.00 12.97 ? 80  PRO A CG  1 
ATOM   538  C CD  . PRO A 1 79  ? -2.550  14.302  0.435   1.00 17.39 ? 80  PRO A CD  1 
ATOM   539  N N   . THR A 1 80  ? -2.398  11.593  -3.396  1.00 16.20 ? 81  THR A N   1 
ATOM   540  C CA  . THR A 1 80  ? -3.332  10.825  -4.212  1.00 17.33 ? 81  THR A CA  1 
ATOM   541  C C   . THR A 1 80  ? -2.623  9.515   -4.581  1.00 13.24 ? 81  THR A C   1 
ATOM   542  O O   . THR A 1 80  ? -1.397  9.515   -4.789  1.00 17.00 ? 81  THR A O   1 
ATOM   543  C CB  . THR A 1 80  ? -3.798  11.598  -5.464  1.00 20.50 ? 81  THR A CB  1 
ATOM   544  O OG1 . THR A 1 80  ? -4.865  10.862  -6.079  1.00 26.14 ? 81  THR A OG1 1 
ATOM   545  C CG2 . THR A 1 80  ? -2.679  11.811  -6.448  1.00 19.29 ? 81  THR A CG2 1 
ATOM   546  N N   . LEU A 1 81  ? -3.390  8.421   -4.607  1.00 14.77 ? 82  LEU A N   1 
ATOM   547  C CA  . LEU A 1 81  ? -2.756  7.085   -4.754  1.00 11.87 ? 82  LEU A CA  1 
ATOM   548  C C   . LEU A 1 81  ? -2.637  6.744   -6.222  1.00 17.85 ? 82  LEU A C   1 
ATOM   549  O O   . LEU A 1 81  ? -3.654  6.736   -6.940  1.00 19.62 ? 82  LEU A O   1 
ATOM   550  C CB  . LEU A 1 81  ? -3.586  6.027   -4.051  1.00 20.80 ? 82  LEU A CB  1 
ATOM   551  C CG  . LEU A 1 81  ? -2.973  4.650   -3.906  1.00 20.27 ? 82  LEU A CG  1 
ATOM   552  C CD1 . LEU A 1 81  ? -1.798  4.780   -2.944  1.00 19.40 ? 82  LEU A CD1 1 
ATOM   553  C CD2 . LEU A 1 81  ? -4.064  3.708   -3.356  1.00 16.10 ? 82  LEU A CD2 1 
ATOM   554  N N   . THR A 1 82  ? -1.412  6.500   -6.675  1.00 15.32 ? 83  THR A N   1 
ATOM   555  C CA  . THR A 1 82  ? -1.192  6.032   -8.036  1.00 21.33 ? 83  THR A CA  1 
ATOM   556  C C   . THR A 1 82  ? -0.219  4.872   -8.050  1.00 19.00 ? 83  THR A C   1 
ATOM   557  O O   . THR A 1 82  ? 0.646   4.749   -7.170  1.00 18.45 ? 83  THR A O   1 
ATOM   558  C CB  . THR A 1 82  ? -0.607  7.127   -8.929  1.00 22.95 ? 83  THR A CB  1 
ATOM   559  O OG1 . THR A 1 82  ? 0.656   7.510   -8.390  1.00 23.01 ? 83  THR A OG1 1 
ATOM   560  C CG2 . THR A 1 82  ? -1.501  8.310   -8.965  1.00 18.27 ? 83  THR A CG2 1 
ATOM   561  N N   . LEU A 1 83  ? -0.354  4.031   -9.060  1.00 15.96 ? 84  LEU A N   1 
ATOM   562  C CA  . LEU A 1 83  ? 0.686   3.042   -9.341  1.00 15.33 ? 84  LEU A CA  1 
ATOM   563  C C   . LEU A 1 83  ? 1.664   3.681   -10.278 1.00 15.68 ? 84  LEU A C   1 
ATOM   564  O O   . LEU A 1 83  ? 1.236   4.181   -11.347 1.00 21.59 ? 84  LEU A O   1 
ATOM   565  C CB  . LEU A 1 83  ? 0.118   1.802   -9.988  1.00 16.55 ? 84  LEU A CB  1 
ATOM   566  C CG  . LEU A 1 83  ? -0.666  0.832   -9.129  1.00 24.32 ? 84  LEU A CG  1 
ATOM   567  C CD1 . LEU A 1 83  ? -1.319  -0.151  -10.071 1.00 27.90 ? 84  LEU A CD1 1 
ATOM   568  C CD2 . LEU A 1 83  ? 0.333   0.144   -8.204  1.00 23.14 ? 84  LEU A CD2 1 
ATOM   569  N N   . GLU A 1 84  ? 2.934   3.707   -9.906  1.00 12.62 ? 85  GLU A N   1 
ATOM   570  C CA  . GLU A 1 84  ? 3.974   4.330   -10.712 1.00 15.64 ? 85  GLU A CA  1 
ATOM   571  C C   . GLU A 1 84  ? 4.865   3.258   -11.290 1.00 15.47 ? 85  GLU A C   1 
ATOM   572  O O   . GLU A 1 84  ? 5.199   2.265   -10.604 1.00 13.81 ? 85  GLU A O   1 
ATOM   573  C CB  . GLU A 1 84  ? 4.804   5.304   -9.878  1.00 19.81 ? 85  GLU A CB  1 
ATOM   574  C CG  . GLU A 1 84  ? 3.983   6.492   -9.348  1.00 17.34 ? 85  GLU A CG  1 
ATOM   575  C CD  . GLU A 1 84  ? 3.442   7.346   -10.489 1.00 26.54 ? 85  GLU A CD  1 
ATOM   576  O OE1 . GLU A 1 84  ? 4.118   7.429   -11.544 1.00 27.36 ? 85  GLU A OE1 1 
ATOM   577  O OE2 . GLU A 1 84  ? 2.342   7.929   -10.362 1.00 25.74 ? 85  GLU A OE2 1 
ATOM   578  N N   . PRO A 1 85  ? 5.296   3.437   -12.535 1.00 13.09 ? 86  PRO A N   1 
ATOM   579  C CA  . PRO A 1 85  ? 6.133   2.454   -13.214 1.00 11.36 ? 86  PRO A CA  1 
ATOM   580  C C   . PRO A 1 85  ? 7.606   2.549   -12.765 1.00 16.76 ? 86  PRO A C   1 
ATOM   581  O O   . PRO A 1 85  ? 8.498   2.934   -13.519 1.00 13.23 ? 86  PRO A O   1 
ATOM   582  C CB  . PRO A 1 85  ? 5.945   2.838   -14.701 1.00 12.21 ? 86  PRO A CB  1 
ATOM   583  C CG  . PRO A 1 85  ? 5.693   4.309   -14.663 1.00 18.44 ? 86  PRO A CG  1 
ATOM   584  C CD  . PRO A 1 85  ? 4.822   4.501   -13.446 1.00 12.65 ? 86  PRO A CD  1 
ATOM   585  N N   A VAL A 1 86  ? 7.857   2.207   -11.510 0.37 15.99 ? 87  VAL A N   1 
ATOM   586  N N   B VAL A 1 86  ? 7.821   2.228   -11.493 0.63 16.07 ? 87  VAL A N   1 
ATOM   587  C CA  A VAL A 1 86  ? 9.225   2.136   -11.030 0.37 16.00 ? 87  VAL A CA  1 
ATOM   588  C CA  B VAL A 1 86  ? 9.147   2.156   -10.912 0.63 16.26 ? 87  VAL A CA  1 
ATOM   589  C C   A VAL A 1 86  ? 9.382   0.848   -10.243 0.37 14.10 ? 87  VAL A C   1 
ATOM   590  C C   B VAL A 1 86  ? 9.280   0.746   -10.344 0.63 13.67 ? 87  VAL A C   1 
ATOM   591  O O   A VAL A 1 86  ? 8.576   0.542   -9.364  0.37 13.81 ? 87  VAL A O   1 
ATOM   592  O O   B VAL A 1 86  ? 8.343   0.249   -9.716  0.63 14.11 ? 87  VAL A O   1 
ATOM   593  C CB  A VAL A 1 86  ? 9.604   3.348   -10.156 0.37 19.84 ? 87  VAL A CB  1 
ATOM   594  C CB  B VAL A 1 86  ? 9.358   3.213   -9.788  0.63 23.42 ? 87  VAL A CB  1 
ATOM   595  C CG1 A VAL A 1 86  ? 9.738   4.608   -11.001 0.37 26.70 ? 87  VAL A CG1 1 
ATOM   596  C CG1 B VAL A 1 86  ? 10.816  3.223   -9.339  0.63 20.71 ? 87  VAL A CG1 1 
ATOM   597  C CG2 A VAL A 1 86  ? 8.584   3.549   -9.050  0.37 12.16 ? 87  VAL A CG2 1 
ATOM   598  C CG2 B VAL A 1 86  ? 8.916   4.618   -10.247 0.63 19.74 ? 87  VAL A CG2 1 
ATOM   599  N N   . ASN A 1 87  ? 10.418  0.090   -10.581 1.00 17.25 ? 88  ASN A N   1 
ATOM   600  C CA  . ASN A 1 87  ? 10.634  -1.226  -9.958  1.00 14.73 ? 88  ASN A CA  1 
ATOM   601  C C   . ASN A 1 87  ? 11.016  -1.024  -8.495  1.00 12.44 ? 88  ASN A C   1 
ATOM   602  O O   . ASN A 1 87  ? 11.831  -0.148  -8.180  1.00 15.83 ? 88  ASN A O   1 
ATOM   603  C CB  . ASN A 1 87  ? 11.742  -2.031  -10.661 1.00 14.83 ? 88  ASN A CB  1 
ATOM   604  C CG  . ASN A 1 87  ? 11.673  -3.536  -10.337 1.00 18.82 ? 88  ASN A CG  1 
ATOM   605  O OD1 . ASN A 1 87  ? 11.986  -3.980  -9.212  1.00 21.75 ? 88  ASN A OD1 1 
ATOM   606  N ND2 . ASN A 1 87  ? 11.204  -4.319  -11.297 1.00 21.71 ? 88  ASN A ND2 1 
ATOM   607  N N   . ILE A 1 88  ? 10.466  -1.894  -7.652  1.00 14.14 ? 89  ILE A N   1 
ATOM   608  C CA  . ILE A 1 88  ? 10.754  -1.887  -6.219  1.00 19.97 ? 89  ILE A CA  1 
ATOM   609  C C   . ILE A 1 88  ? 12.280  -1.996  -5.984  1.00 22.56 ? 89  ILE A C   1 
ATOM   610  O O   . ILE A 1 88  ? 12.803  -1.404  -5.052  1.00 22.55 ? 89  ILE A O   1 
ATOM   611  C CB  . ILE A 1 88  ? 9.905   -3.000  -5.548  1.00 20.30 ? 89  ILE A CB  1 
ATOM   612  C CG1 . ILE A 1 88  ? 9.710   -2.774  -4.055  1.00 23.14 ? 89  ILE A CG1 1 
ATOM   613  C CG2 . ILE A 1 88  ? 10.359  -4.453  -5.940  1.00 24.09 ? 89  ILE A CG2 1 
ATOM   614  C CD1 . ILE A 1 88  ? 8.288   -3.240  -3.615  1.00 21.88 ? 89  ILE A CD1 1 
ATOM   615  N N   A MET A 1 89  ? 12.991  -2.699  -6.862  0.46 19.02 ? 90  MET A N   1 
ATOM   616  N N   B MET A 1 89  ? 12.987  -2.716  -6.859  0.54 18.98 ? 90  MET A N   1 
ATOM   617  C CA  A MET A 1 89  ? 14.436  -2.801  -6.736  0.46 22.41 ? 90  MET A CA  1 
ATOM   618  C CA  B MET A 1 89  ? 14.443  -2.825  -6.780  0.54 22.46 ? 90  MET A CA  1 
ATOM   619  C C   A MET A 1 89  ? 15.118  -1.441  -6.771  0.46 26.44 ? 90  MET A C   1 
ATOM   620  C C   B MET A 1 89  ? 15.104  -1.450  -6.767  0.54 26.41 ? 90  MET A C   1 
ATOM   621  O O   A MET A 1 89  ? 16.048  -1.195  -6.006  0.46 32.06 ? 90  MET A O   1 
ATOM   622  O O   B MET A 1 89  ? 16.001  -1.201  -5.963  0.54 32.12 ? 90  MET A O   1 
ATOM   623  C CB  A MET A 1 89  ? 14.990  -3.705  -7.829  0.46 27.30 ? 90  MET A CB  1 
ATOM   624  C CB  B MET A 1 89  ? 14.972  -3.671  -7.946  0.54 27.42 ? 90  MET A CB  1 
ATOM   625  C CG  A MET A 1 89  ? 15.300  -5.076  -7.319  0.46 28.00 ? 90  MET A CG  1 
ATOM   626  C CG  B MET A 1 89  ? 16.439  -4.064  -7.873  0.54 26.74 ? 90  MET A CG  1 
ATOM   627  S SD  A MET A 1 89  ? 16.721  -5.014  -6.204  0.46 26.04 ? 90  MET A SD  1 
ATOM   628  S SD  B MET A 1 89  ? 16.656  -5.728  -7.188  0.54 45.09 ? 90  MET A SD  1 
ATOM   629  C CE  A MET A 1 89  ? 18.079  -5.129  -7.374  0.46 28.34 ? 90  MET A CE  1 
ATOM   630  C CE  B MET A 1 89  ? 15.619  -6.682  -8.299  0.54 22.21 ? 90  MET A CE  1 
ATOM   631  N N   . GLU A 1 90  ? 14.650  -0.540  -7.630  1.00 20.33 ? 91  GLU A N   1 
ATOM   632  C CA  . GLU A 1 90  ? 15.238  0.809   -7.673  1.00 21.30 ? 91  GLU A CA  1 
ATOM   633  C C   . GLU A 1 90  ? 14.941  1.607   -6.391  1.00 24.11 ? 91  GLU A C   1 
ATOM   634  O O   . GLU A 1 90  ? 15.795  2.344   -5.904  1.00 36.49 ? 91  GLU A O   1 
ATOM   635  C CB  . GLU A 1 90  ? 14.751  1.581   -8.912  1.00 32.70 ? 91  GLU A CB  1 
ATOM   636  C CG  . GLU A 1 90  ? 15.306  1.020   -10.221 1.00 26.33 ? 91  GLU A CG  1 
ATOM   637  C CD  . GLU A 1 90  ? 15.213  1.995   -11.423 1.00 46.04 ? 91  GLU A CD  1 
ATOM   638  O OE1 . GLU A 1 90  ? 14.926  3.205   -11.247 1.00 30.42 ? 91  GLU A OE1 1 
ATOM   639  O OE2 . GLU A 1 90  ? 15.444  1.524   -12.563 1.00 52.53 ? 91  GLU A OE2 1 
ATOM   640  N N   . LEU A 1 91  ? 13.731  1.465   -5.861  1.00 25.41 ? 92  LEU A N   1 
ATOM   641  C CA  . LEU A 1 91  ? 13.328  2.100   -4.610  1.00 25.15 ? 92  LEU A CA  1 
ATOM   642  C C   . LEU A 1 91  ? 14.098  1.515   -3.435  1.00 32.29 ? 92  LEU A C   1 
ATOM   643  O O   . LEU A 1 91  ? 14.488  2.210   -2.495  1.00 35.14 ? 92  LEU A O   1 
ATOM   644  C CB  . LEU A 1 91  ? 11.823  1.914   -4.401  1.00 22.58 ? 92  LEU A CB  1 
ATOM   645  C CG  . LEU A 1 91  ? 10.976  2.658   -5.439  1.00 22.52 ? 92  LEU A CG  1 
ATOM   646  C CD1 . LEU A 1 91  ? 9.480   2.409   -5.310  1.00 24.18 ? 92  LEU A CD1 1 
ATOM   647  C CD2 . LEU A 1 91  ? 11.251  4.164   -5.360  1.00 26.75 ? 92  LEU A CD2 1 
ATOM   648  N N   . TYR A 1 92  ? 14.302  0.213   -3.493  1.00 31.94 ? 93  TYR A N   1 
ATOM   649  C CA  . TYR A 1 92  ? 14.935  -0.489  -2.399  1.00 35.04 ? 93  TYR A CA  1 
ATOM   650  C C   . TYR A 1 92  ? 16.461  -0.238  -2.422  1.00 28.85 ? 93  TYR A C   1 
ATOM   651  O O   . TYR A 1 92  ? 17.112  -0.287  -1.371  1.00 47.75 ? 93  TYR A O   1 
ATOM   652  C CB  . TYR A 1 92  ? 14.582  -1.976  -2.481  1.00 33.73 ? 93  TYR A CB  1 
ATOM   653  C CG  . TYR A 1 92  ? 15.104  -2.794  -1.335  1.00 33.92 ? 93  TYR A CG  1 
ATOM   654  C CD1 . TYR A 1 92  ? 16.232  -3.595  -1.497  1.00 28.02 ? 93  TYR A CD1 1 
ATOM   655  C CD2 . TYR A 1 92  ? 14.482  -2.762  -0.093  1.00 22.46 ? 93  TYR A CD2 1 
ATOM   656  C CE1 . TYR A 1 92  ? 16.734  -4.347  -0.459  1.00 24.44 ? 93  TYR A CE1 1 
ATOM   657  C CE2 . TYR A 1 92  ? 14.966  -3.537  0.950   1.00 34.84 ? 93  TYR A CE2 1 
ATOM   658  C CZ  . TYR A 1 92  ? 16.104  -4.313  0.758   1.00 29.68 ? 93  TYR A CZ  1 
ATOM   659  O OH  . TYR A 1 92  ? 16.613  -5.077  1.796   1.00 35.47 ? 93  TYR A OH  1 
ATOM   660  N N   . LEU A 1 93  ? 16.996  0.080   -3.599  1.00 37.83 ? 94  LEU A N   1 
ATOM   661  C CA  . LEU A 1 93  ? 18.422  0.329   -3.836  1.00 33.79 ? 94  LEU A CA  1 
ATOM   662  C C   . LEU A 1 93  ? 18.934  1.710   -3.414  1.00 33.24 ? 94  LEU A C   1 
ATOM   663  O O   . LEU A 1 93  ? 20.111  1.852   -3.101  1.00 58.85 ? 94  LEU A O   1 
ATOM   664  C CB  . LEU A 1 93  ? 18.730  0.165   -5.334  1.00 30.91 ? 94  LEU A CB  1 
ATOM   665  C CG  . LEU A 1 93  ? 19.892  -0.672  -5.891  1.00 54.63 ? 94  LEU A CG  1 
ATOM   666  C CD1 . LEU A 1 93  ? 19.619  -2.167  -5.724  1.00 40.91 ? 94  LEU A CD1 1 
ATOM   667  C CD2 . LEU A 1 93  ? 20.133  -0.343  -7.363  1.00 54.28 ? 94  LEU A CD2 1 
ATOM   668  N N   . GLY A 1 94  ? 18.085  2.738   -3.459  1.00 40.87 ? 95  GLY A N   1 
ATOM   669  C CA  . GLY A 1 94  ? 18.539  4.114   -3.274  1.00 29.93 ? 95  GLY A CA  1 
ATOM   670  C C   . GLY A 1 94  ? 18.666  4.847   -4.599  1.00 32.34 ? 95  GLY A C   1 
ATOM   671  O O   . GLY A 1 94  ? 19.046  6.029   -4.669  1.00 32.31 ? 95  GLY A O   1 
ATOM   672  N N   . ALA A 1 95  ? 18.350  4.137   -5.675  1.00 45.74 ? 96  ALA A N   1 
ATOM   673  C CA  . ALA A 1 95  ? 18.395  4.721   -7.006  1.00 39.13 ? 96  ALA A CA  1 
ATOM   674  C C   . ALA A 1 95  ? 17.300  5.788   -7.131  1.00 49.87 ? 96  ALA A C   1 
ATOM   675  O O   . ALA A 1 95  ? 17.516  6.856   -7.691  1.00 60.93 ? 96  ALA A O   1 
ATOM   676  C CB  . ALA A 1 95  ? 18.237  3.642   -8.065  1.00 38.93 ? 96  ALA A CB  1 
ATOM   677  N N   A LYS A 1 96  ? 16.123  5.482   -6.590  0.59 33.06 ? 97  LYS A N   1 
ATOM   678  N N   B LYS A 1 96  ? 16.120  5.474   -6.614  0.41 33.10 ? 97  LYS A N   1 
ATOM   679  C CA  A LYS A 1 96  ? 14.993  6.413   -6.529  0.59 34.19 ? 97  LYS A CA  1 
ATOM   680  C CA  B LYS A 1 96  ? 15.049  6.451   -6.494  0.41 34.16 ? 97  LYS A CA  1 
ATOM   681  C C   A LYS A 1 96  ? 14.637  6.656   -5.071  0.59 36.70 ? 97  LYS A C   1 
ATOM   682  C C   B LYS A 1 96  ? 14.753  6.693   -5.032  0.41 36.84 ? 97  LYS A C   1 
ATOM   683  O O   A LYS A 1 96  ? 14.709  5.726   -4.283  0.59 33.55 ? 97  LYS A O   1 
ATOM   684  O O   B LYS A 1 96  ? 14.970  5.810   -4.212  0.41 33.54 ? 97  LYS A O   1 
ATOM   685  C CB  A LYS A 1 96  ? 13.783  5.835   -7.273  0.59 29.76 ? 97  LYS A CB  1 
ATOM   686  C CB  B LYS A 1 96  ? 13.788  5.967   -7.207  0.41 29.95 ? 97  LYS A CB  1 
ATOM   687  C CG  A LYS A 1 96  ? 13.272  6.656   -8.426  0.59 47.42 ? 97  LYS A CG  1 
ATOM   688  C CG  B LYS A 1 96  ? 13.635  6.470   -8.613  0.41 48.35 ? 97  LYS A CG  1 
ATOM   689  C CD  A LYS A 1 96  ? 13.833  6.141   -9.743  0.59 44.14 ? 97  LYS A CD  1 
ATOM   690  C CD  B LYS A 1 96  ? 12.174  6.711   -8.944  0.41 32.46 ? 97  LYS A CD  1 
ATOM   691  C CE  A LYS A 1 96  ? 12.885  6.452   -10.874 0.59 22.00 ? 97  LYS A CE  1 
ATOM   692  C CE  B LYS A 1 96  ? 11.514  7.526   -7.861  0.41 28.62 ? 97  LYS A CE  1 
ATOM   693  N NZ  A LYS A 1 96  ? 12.519  7.874   -10.845 0.59 31.28 ? 97  LYS A NZ  1 
ATOM   694  N NZ  B LYS A 1 96  ? 10.171  8.018   -8.228  0.41 30.01 ? 97  LYS A NZ  1 
ATOM   695  N N   . GLU A 1 97  ? 14.269  7.881   -4.695  1.00 41.05 ? 98  GLU A N   1 
ATOM   696  C CA  . GLU A 1 97  ? 13.819  8.114   -3.318  1.00 50.88 ? 98  GLU A CA  1 
ATOM   697  C C   . GLU A 1 97  ? 12.429  7.601   -3.086  1.00 36.75 ? 98  GLU A C   1 
ATOM   698  O O   . GLU A 1 97  ? 11.568  7.632   -3.975  1.00 35.56 ? 98  GLU A O   1 
ATOM   699  C CB  . GLU A 1 97  ? 13.910  9.579   -2.901  1.00 51.81 ? 98  GLU A CB  1 
ATOM   700  C CG  . GLU A 1 97  ? 13.854  10.508  -4.032  1.00 65.63 ? 98  GLU A CG  1 
ATOM   701  C CD  . GLU A 1 97  ? 15.248  10.644  -4.647  1.00 73.78 ? 98  GLU A CD  1 
ATOM   702  O OE1 . GLU A 1 97  ? 16.268  10.206  -4.048  1.00 79.64 ? 98  GLU A OE1 1 
ATOM   703  O OE2 . GLU A 1 97  ? 15.320  11.174  -5.775  1.00 72.27 ? 98  GLU A OE2 1 
ATOM   704  N N   . SER A 1 98  ? 12.252  7.132   -1.857  1.00 30.89 ? 99  SER A N   1 
ATOM   705  C CA  . SER A 1 98  ? 11.250  6.153   -1.583  1.00 27.79 ? 99  SER A CA  1 
ATOM   706  C C   . SER A 1 98  ? 10.117  6.672   -0.713  1.00 37.07 ? 99  SER A C   1 
ATOM   707  O O   . SER A 1 98  ? 9.125   5.988   -0.554  1.00 20.64 ? 99  SER A O   1 
ATOM   708  C CB  . SER A 1 98  ? 11.931  4.943   -0.926  1.00 29.76 ? 99  SER A CB  1 
ATOM   709  O OG  . SER A 1 98  ? 12.595  5.300   0.286   1.00 30.49 ? 99  SER A OG  1 
ATOM   710  N N   . LYS A 1 99  ? 10.264  7.860   -0.143  1.00 27.96 ? 100 LYS A N   1 
ATOM   711  C CA  . LYS A 1 99  ? 9.343   8.285   0.914   1.00 27.55 ? 100 LYS A CA  1 
ATOM   712  C C   . LYS A 1 99  ? 7.855   8.388   0.506   1.00 18.46 ? 100 LYS A C   1 
ATOM   713  O O   . LYS A 1 99  ? 6.962   7.967   1.273   1.00 18.95 ? 100 LYS A O   1 
ATOM   714  C CB  . LYS A 1 99  ? 9.805   9.614   1.492   1.00 28.67 ? 100 LYS A CB  1 
ATOM   715  C CG  . LYS A 1 99  ? 9.218   9.860   2.877   1.00 31.86 ? 100 LYS A CG  1 
ATOM   716  C CD  . LYS A 1 99  ? 9.933   10.974  3.615   1.00 50.20 ? 100 LYS A CD  1 
ATOM   717  C CE  . LYS A 1 99  ? 9.434   11.084  5.044   1.00 37.75 ? 100 LYS A CE  1 
ATOM   718  N NZ  . LYS A 1 99  ? 9.676   12.449  5.566   1.00 41.64 ? 100 LYS A NZ  1 
ATOM   719  N N   A SER A 1 100 ? 7.584   8.934   -0.679  0.51 22.81 ? 101 SER A N   1 
ATOM   720  N N   B SER A 1 100 ? 7.574   8.931   -0.672  0.49 22.81 ? 101 SER A N   1 
ATOM   721  C CA  A SER A 1 100 ? 6.221   8.944   -1.206  0.51 16.41 ? 101 SER A CA  1 
ATOM   722  C CA  B SER A 1 100 ? 6.200   8.927   -1.143  0.49 16.39 ? 101 SER A CA  1 
ATOM   723  C C   A SER A 1 100 ? 5.714   7.527   -1.479  0.51 12.05 ? 101 SER A C   1 
ATOM   724  C C   B SER A 1 100 ? 5.705   7.511   -1.432  0.49 12.14 ? 101 SER A C   1 
ATOM   725  O O   A SER A 1 100 ? 4.514   7.313   -1.578  0.51 15.44 ? 101 SER A O   1 
ATOM   726  O O   B SER A 1 100 ? 4.504   7.283   -1.502  0.49 15.37 ? 101 SER A O   1 
ATOM   727  C CB  A SER A 1 100 ? 6.128   9.795   -2.489  0.51 26.31 ? 101 SER A CB  1 
ATOM   728  C CB  B SER A 1 100 ? 6.042   9.792   -2.391  0.49 26.55 ? 101 SER A CB  1 
ATOM   729  O OG  A SER A 1 100 ? 6.227   9.006   -3.664  0.51 24.68 ? 101 SER A OG  1 
ATOM   730  O OG  B SER A 1 100 ? 4.664   9.965   -2.658  0.49 26.69 ? 101 SER A OG  1 
ATOM   731  N N   . PHE A 1 101 ? 6.620   6.552   -1.588  1.00 13.57 ? 102 PHE A N   1 
ATOM   732  C CA  . PHE A 1 101 ? 6.239   5.153   -1.810  1.00 15.28 ? 102 PHE A CA  1 
ATOM   733  C C   . PHE A 1 101 ? 6.235   4.358   -0.507  1.00 16.70 ? 102 PHE A C   1 
ATOM   734  O O   . PHE A 1 101 ? 6.039   3.149   -0.535  1.00 17.96 ? 102 PHE A O   1 
ATOM   735  C CB  . PHE A 1 101 ? 7.233   4.451   -2.760  1.00 15.67 ? 102 PHE A CB  1 
ATOM   736  C CG  . PHE A 1 101 ? 7.234   4.974   -4.155  1.00 15.78 ? 102 PHE A CG  1 
ATOM   737  C CD1 . PHE A 1 101 ? 8.094   5.971   -4.513  1.00 22.71 ? 102 PHE A CD1 1 
ATOM   738  C CD2 . PHE A 1 101 ? 6.391   4.405   -5.111  1.00 15.19 ? 102 PHE A CD2 1 
ATOM   739  C CE1 . PHE A 1 101 ? 8.097   6.441   -5.841  1.00 21.64 ? 102 PHE A CE1 1 
ATOM   740  C CE2 . PHE A 1 101 ? 6.399   4.880   -6.431  1.00 19.71 ? 102 PHE A CE2 1 
ATOM   741  C CZ  . PHE A 1 101 ? 7.277   5.881   -6.765  1.00 15.00 ? 102 PHE A CZ  1 
ATOM   742  N N   . THR A 1 102 ? 6.518   5.016   0.612   1.00 15.57 ? 103 THR A N   1 
ATOM   743  C CA  . THR A 1 102 ? 6.655   4.284   1.888   1.00 11.58 ? 103 THR A CA  1 
ATOM   744  C C   . THR A 1 102 ? 5.411   4.413   2.757   1.00 13.38 ? 103 THR A C   1 
ATOM   745  O O   . THR A 1 102 ? 4.857   5.532   2.920   1.00 13.71 ? 103 THR A O   1 
ATOM   746  C CB  . THR A 1 102 ? 7.887   4.775   2.683   1.00 14.21 ? 103 THR A CB  1 
ATOM   747  O OG1 . THR A 1 102 ? 9.057   4.583   1.894   1.00 15.28 ? 103 THR A OG1 1 
ATOM   748  C CG2 . THR A 1 102 ? 8.122   4.002   3.973   1.00 14.96 ? 103 THR A CG2 1 
ATOM   749  N N   . PHE A 1 103 ? 4.976   3.264   3.291   1.00 11.50 ? 104 PHE A N   1 
ATOM   750  C CA  . PHE A 1 103 ? 3.882   3.218   4.237   1.00 11.73 ? 104 PHE A CA  1 
ATOM   751  C C   . PHE A 1 103 ? 4.348   2.617   5.518   1.00 12.53 ? 104 PHE A C   1 
ATOM   752  O O   . PHE A 1 103 ? 5.124   1.657   5.499   1.00 14.31 ? 104 PHE A O   1 
ATOM   753  C CB  . PHE A 1 103 ? 2.726   2.376   3.709   1.00 11.80 ? 104 PHE A CB  1 
ATOM   754  C CG  . PHE A 1 103 ? 2.056   2.971   2.458   1.00 11.96 ? 104 PHE A CG  1 
ATOM   755  C CD1 . PHE A 1 103 ? 2.593   2.754   1.211   1.00 16.06 ? 104 PHE A CD1 1 
ATOM   756  C CD2 . PHE A 1 103 ? 0.887   3.739   2.583   1.00 14.50 ? 104 PHE A CD2 1 
ATOM   757  C CE1 . PHE A 1 103 ? 1.962   3.305   0.046   1.00 15.69 ? 104 PHE A CE1 1 
ATOM   758  C CE2 . PHE A 1 103 ? 0.237   4.280   1.444   1.00 13.63 ? 104 PHE A CE2 1 
ATOM   759  C CZ  . PHE A 1 103 ? 0.796   4.087   0.196   1.00 13.37 ? 104 PHE A CZ  1 
ATOM   760  N N   . TYR A 1 104 ? 3.844   3.115   6.634   1.00 12.18 ? 105 TYR A N   1 
ATOM   761  C CA  . TYR A 1 104 ? 4.099   2.429   7.908   1.00 11.09 ? 105 TYR A CA  1 
ATOM   762  C C   . TYR A 1 104 ? 3.011   1.382   8.145   1.00 10.40 ? 105 TYR A C   1 
ATOM   763  O O   . TYR A 1 104 ? 1.808   1.710   8.208   1.00 10.95 ? 105 TYR A O   1 
ATOM   764  C CB  . TYR A 1 104 ? 4.111   3.426   9.075   1.00 12.86 ? 105 TYR A CB  1 
ATOM   765  C CG  . TYR A 1 104 ? 5.177   4.467   8.963   1.00 13.65 ? 105 TYR A CG  1 
ATOM   766  C CD1 . TYR A 1 104 ? 6.519   4.132   9.031   1.00 16.76 ? 105 TYR A CD1 1 
ATOM   767  C CD2 . TYR A 1 104 ? 4.831   5.804   8.749   1.00 12.45 ? 105 TYR A CD2 1 
ATOM   768  C CE1 . TYR A 1 104 ? 7.519   5.137   8.887   1.00 18.63 ? 105 TYR A CE1 1 
ATOM   769  C CE2 . TYR A 1 104 ? 5.792   6.776   8.645   1.00 18.29 ? 105 TYR A CE2 1 
ATOM   770  C CZ  . TYR A 1 104 ? 7.122   6.452   8.723   1.00 14.37 ? 105 TYR A CZ  1 
ATOM   771  O OH  . TYR A 1 104 ? 8.065   7.461   8.581   1.00 19.33 ? 105 TYR A OH  1 
ATOM   772  N N   . ARG A 1 105 ? 3.426   0.123   8.221   1.00 11.38 ? 106 ARG A N   1 
ATOM   773  C CA  . ARG A 1 105 ? 2.520   -0.990  8.435   1.00 13.18 ? 106 ARG A CA  1 
ATOM   774  C C   . ARG A 1 105 ? 2.359   -1.260  9.926   1.00 14.54 ? 106 ARG A C   1 
ATOM   775  O O   . ARG A 1 105 ? 3.311   -1.698  10.575  1.00 18.08 ? 106 ARG A O   1 
ATOM   776  C CB  . ARG A 1 105 ? 3.025   -2.250  7.746   1.00 15.44 ? 106 ARG A CB  1 
ATOM   777  C CG  . ARG A 1 105 ? 1.933   -3.319  7.693   1.00 15.77 ? 106 ARG A CG  1 
ATOM   778  C CD  . ARG A 1 105 ? 2.477   -4.677  7.272   1.00 20.16 ? 106 ARG A CD  1 
ATOM   779  N NE  . ARG A 1 105 ? 3.149   -5.326  8.393   1.00 28.07 ? 106 ARG A NE  1 
ATOM   780  C CZ  . ARG A 1 105 ? 4.456   -5.470  8.459   1.00 31.93 ? 106 ARG A CZ  1 
ATOM   781  N NH1 . ARG A 1 105 ? 5.027   -6.057  9.507   1.00 21.53 ? 106 ARG A NH1 1 
ATOM   782  N NH2 . ARG A 1 105 ? 5.190   -5.021  7.459   1.00 23.48 ? 106 ARG A NH2 1 
ATOM   783  N N   . ALA A 1 106 ? 1.170   -0.974  10.449  1.00 12.66 ? 107 ALA A N   1 
ATOM   784  C CA  . ALA A 1 106 ? 0.884   -1.271  11.847  1.00 12.25 ? 107 ALA A CA  1 
ATOM   785  C C   . ALA A 1 106 ? 0.128   -2.591  11.891  1.00 13.01 ? 107 ALA A C   1 
ATOM   786  O O   . ALA A 1 106 ? -0.918  -2.734  11.274  1.00 14.37 ? 107 ALA A O   1 
ATOM   787  C CB  . ALA A 1 106 ? 0.076   -0.142  12.492  1.00 14.76 ? 107 ALA A CB  1 
ATOM   788  N N   . ASP A 1 107 ? 0.656   -3.544  12.669  1.00 15.79 ? 108 ASP A N   1 
ATOM   789  C CA  . ASP A 1 107 ? 0.057   -4.872  12.774  1.00 21.62 ? 108 ASP A CA  1 
ATOM   790  C C   . ASP A 1 107 ? -0.815  -4.946  13.989  1.00 21.59 ? 108 ASP A C   1 
ATOM   791  O O   . ASP A 1 107 ? -0.359  -4.682  15.103  1.00 24.47 ? 108 ASP A O   1 
ATOM   792  C CB  . ASP A 1 107 ? 1.129   -5.921  12.854  1.00 21.42 ? 108 ASP A CB  1 
ATOM   793  C CG  . ASP A 1 107 ? 1.990   -5.916  11.657  1.00 31.35 ? 108 ASP A CG  1 
ATOM   794  O OD1 . ASP A 1 107 ? 1.421   -5.664  10.562  1.00 29.30 ? 108 ASP A OD1 1 
ATOM   795  O OD2 . ASP A 1 107 ? 3.213   -6.102  11.799  1.00 31.70 ? 108 ASP A OD2 1 
ATOM   796  N N   . ALA A 1 108 ? -2.086  -5.253  13.767  1.00 16.46 ? 109 ALA A N   1 
ATOM   797  C CA  . ALA A 1 108 ? -3.035  -5.436  14.863  1.00 22.22 ? 109 ALA A CA  1 
ATOM   798  C C   . ALA A 1 108 ? -3.188  -6.917  15.171  1.00 23.33 ? 109 ALA A C   1 
ATOM   799  O O   . ALA A 1 108 ? -4.001  -7.304  16.014  1.00 31.84 ? 109 ALA A O   1 
ATOM   800  C CB  . ALA A 1 108 ? -4.366  -4.829  14.495  1.00 23.22 ? 109 ALA A CB  1 
ATOM   801  N N   . GLY A 1 109 ? -2.426  -7.750  14.481  1.00 23.47 ? 110 GLY A N   1 
ATOM   802  C CA  . GLY A 1 109 ? -2.587  -9.186  14.640  1.00 33.54 ? 110 GLY A CA  1 
ATOM   803  C C   . GLY A 1 109 ? -3.318  -9.837  13.487  1.00 28.68 ? 110 GLY A C   1 
ATOM   804  O O   . GLY A 1 109 ? -2.686  -10.463 12.628  1.00 36.68 ? 110 GLY A O   1 
ATOM   805  N N   . LEU A 1 110 ? -4.644  -9.697  13.433  1.00 21.55 ? 111 LEU A N   1 
ATOM   806  C CA  . LEU A 1 110 ? -5.360  -10.296 12.325  1.00 14.34 ? 111 LEU A CA  1 
ATOM   807  C C   . LEU A 1 110 ? -5.192  -9.443  11.061  1.00 15.77 ? 111 LEU A C   1 
ATOM   808  O O   . LEU A 1 110 ? -5.154  -9.967  9.916   1.00 19.58 ? 111 LEU A O   1 
ATOM   809  C CB  . LEU A 1 110 ? -6.835  -10.408 12.649  1.00 16.73 ? 111 LEU A CB  1 
ATOM   810  C CG  . LEU A 1 110 ? -7.209  -11.408 13.756  1.00 20.70 ? 111 LEU A CG  1 
ATOM   811  C CD1 . LEU A 1 110 ? -8.715  -11.439 13.824  1.00 28.08 ? 111 LEU A CD1 1 
ATOM   812  C CD2 . LEU A 1 110 ? -6.651  -12.759 13.402  1.00 22.91 ? 111 LEU A CD2 1 
ATOM   813  N N   . THR A 1 111 ? -5.105  -8.136  11.288  1.00 17.46 ? 112 THR A N   1 
ATOM   814  C CA  . THR A 1 111 ? -5.093  -7.191  10.142  1.00 15.39 ? 112 THR A CA  1 
ATOM   815  C C   . THR A 1 111 ? -3.927  -6.201  10.263  1.00 15.88 ? 112 THR A C   1 
ATOM   816  O O   . THR A 1 111 ? -3.378  -6.018  11.343  1.00 14.11 ? 112 THR A O   1 
ATOM   817  C CB  . THR A 1 111 ? -6.417  -6.385  10.041  1.00 14.06 ? 112 THR A CB  1 
ATOM   818  O OG1 . THR A 1 111 ? -6.650  -5.646  11.261  1.00 16.69 ? 112 THR A OG1 1 
ATOM   819  C CG2 . THR A 1 111 ? -7.626  -7.271  9.724   1.00 17.04 ? 112 THR A CG2 1 
ATOM   820  N N   . SER A 1 112 ? -3.588  -5.541  9.160   1.00 13.63 ? 113 SER A N   1 
ATOM   821  C CA  . SER A 1 112 ? -2.649  -4.427  9.188   1.00 14.46 ? 113 SER A CA  1 
ATOM   822  C C   . SER A 1 112 ? -3.257  -3.199  8.552   1.00 12.54 ? 113 SER A C   1 
ATOM   823  O O   . SER A 1 112 ? -4.101  -3.298  7.666   1.00 13.08 ? 113 SER A O   1 
ATOM   824  C CB  . SER A 1 112 ? -1.389  -4.751  8.418   1.00 16.88 ? 113 SER A CB  1 
ATOM   825  O OG  . SER A 1 112 ? -0.759  -5.928  8.958   1.00 22.08 ? 113 SER A OG  1 
ATOM   826  N N   . SER A 1 113 ? -2.772  -2.055  9.010   1.00 13.08 ? 114 SER A N   1 
ATOM   827  C CA  . SER A 1 113 ? -3.072  -0.784  8.327   1.00 13.68 ? 114 SER A CA  1 
ATOM   828  C C   . SER A 1 113 ? -1.797  -0.232  7.716   1.00 11.30 ? 114 SER A C   1 
ATOM   829  O O   . SER A 1 113 ? -0.686  -0.604  8.106   1.00 10.82 ? 114 SER A O   1 
ATOM   830  C CB  . SER A 1 113 ? -3.686  0.212   9.326   1.00 13.76 ? 114 SER A CB  1 
ATOM   831  O OG  . SER A 1 113 ? -2.792  0.456   10.438  1.00 14.06 ? 114 SER A OG  1 
ATOM   832  N N   . PHE A 1 114 ? -1.953  0.732   6.806   1.00 10.96 ? 115 PHE A N   1 
ATOM   833  C CA  . PHE A 1 114 ? -0.830  1.282   6.076   1.00 11.02 ? 115 PHE A CA  1 
ATOM   834  C C   . PHE A 1 114 ? -0.931  2.812   6.065   1.00 14.15 ? 115 PHE A C   1 
ATOM   835  O O   . PHE A 1 114 ? -1.841  3.356   5.452   1.00 12.05 ? 115 PHE A O   1 
ATOM   836  C CB  . PHE A 1 114 ? -0.807  0.745   4.634   1.00 12.10 ? 115 PHE A CB  1 
ATOM   837  C CG  . PHE A 1 114 ? -0.581  -0.762  4.530   1.00 12.63 ? 115 PHE A CG  1 
ATOM   838  C CD1 . PHE A 1 114 ? -1.653  -1.615  4.469   1.00 21.93 ? 115 PHE A CD1 1 
ATOM   839  C CD2 . PHE A 1 114 ? 0.697   -1.278  4.495   1.00 13.29 ? 115 PHE A CD2 1 
ATOM   840  C CE1 . PHE A 1 114 ? -1.443  -2.980  4.377   1.00 31.27 ? 115 PHE A CE1 1 
ATOM   841  C CE2 . PHE A 1 114 ? 0.929   -2.632  4.416   1.00 14.79 ? 115 PHE A CE2 1 
ATOM   842  C CZ  . PHE A 1 114 ? -0.144  -3.479  4.345   1.00 20.64 ? 115 PHE A CZ  1 
ATOM   843  N N   . GLU A 1 115 ? -0.004  3.480   6.749   1.00 10.72 ? 116 GLU A N   1 
ATOM   844  C CA  . GLU A 1 115 ? -0.010  4.934   6.874   1.00 10.57 ? 116 GLU A CA  1 
ATOM   845  C C   . GLU A 1 115 ? 1.073   5.553   6.012   1.00 11.68 ? 116 GLU A C   1 
ATOM   846  O O   . GLU A 1 115 ? 2.225   5.153   6.056   1.00 12.51 ? 116 GLU A O   1 
ATOM   847  C CB  . GLU A 1 115 ? 0.172   5.348   8.353   1.00 13.68 ? 116 GLU A CB  1 
ATOM   848  C CG  . GLU A 1 115 ? 0.024   6.846   8.489   1.00 13.59 ? 116 GLU A CG  1 
ATOM   849  C CD  . GLU A 1 115 ? 0.344   7.337   9.888   1.00 15.24 ? 116 GLU A CD  1 
ATOM   850  O OE1 . GLU A 1 115 ? 0.496   6.501   10.820  1.00 16.21 ? 116 GLU A OE1 1 
ATOM   851  O OE2 . GLU A 1 115 ? 0.461   8.569   10.072  1.00 17.91 ? 116 GLU A OE2 1 
ATOM   852  N N   . SER A 1 116 ? 0.685   6.534   5.209   1.00 12.69 ? 117 SER A N   1 
ATOM   853  C CA  . SER A 1 116 ? 1.652   7.202   4.337   1.00 12.16 ? 117 SER A CA  1 
ATOM   854  C C   . SER A 1 116 ? 2.790   7.832   5.120   1.00 12.23 ? 117 SER A C   1 
ATOM   855  O O   . SER A 1 116 ? 2.530   8.607   6.053   1.00 13.95 ? 117 SER A O   1 
ATOM   856  C CB  . SER A 1 116 ? 0.939   8.281   3.525   1.00 10.95 ? 117 SER A CB  1 
ATOM   857  O OG  . SER A 1 116 ? 1.882   9.079   2.806   1.00 12.40 ? 117 SER A OG  1 
ATOM   858  N N   . ALA A 1 117 ? 4.035   7.550   4.745   1.00 13.93 ? 118 ALA A N   1 
ATOM   859  C CA  . ALA A 1 117 ? 5.171   8.175   5.412   1.00 13.52 ? 118 ALA A CA  1 
ATOM   860  C C   . ALA A 1 117 ? 5.308   9.623   4.939   1.00 15.66 ? 118 ALA A C   1 
ATOM   861  O O   . ALA A 1 117 ? 5.720   10.497  5.694   1.00 17.12 ? 118 ALA A O   1 
ATOM   862  C CB  . ALA A 1 117 ? 6.443   7.389   5.151   1.00 17.33 ? 118 ALA A CB  1 
ATOM   863  N N   . ALA A 1 118 ? 5.011   9.865   3.668   1.00 14.01 ? 119 ALA A N   1 
ATOM   864  C CA  . ALA A 1 118 ? 5.110   11.218  3.116   1.00 14.66 ? 119 ALA A CA  1 
ATOM   865  C C   . ALA A 1 118 ? 3.958   12.155  3.570   1.00 20.04 ? 119 ALA A C   1 
ATOM   866  O O   . ALA A 1 118 ? 4.127   13.389  3.599   1.00 19.57 ? 119 ALA A O   1 
ATOM   867  C CB  . ALA A 1 118 ? 5.167   11.128  1.582   1.00 15.67 ? 119 ALA A CB  1 
ATOM   868  N N   . TYR A 1 119 ? 2.812   11.579  3.921   1.00 16.64 ? 120 TYR A N   1 
ATOM   869  C CA  . TYR A 1 119 ? 1.628   12.338  4.311   1.00 15.17 ? 120 TYR A CA  1 
ATOM   870  C C   . TYR A 1 119 ? 1.012   11.759  5.587   1.00 15.38 ? 120 TYR A C   1 
ATOM   871  O O   . TYR A 1 119 ? 0.035   10.981  5.545   1.00 14.83 ? 120 TYR A O   1 
ATOM   872  C CB  . TYR A 1 119 ? 0.609   12.330  3.178   1.00 15.39 ? 120 TYR A CB  1 
ATOM   873  C CG  . TYR A 1 119 ? 1.095   12.915  1.873   1.00 15.32 ? 120 TYR A CG  1 
ATOM   874  C CD1 . TYR A 1 119 ? 1.764   12.125  0.957   1.00 13.95 ? 120 TYR A CD1 1 
ATOM   875  C CD2 . TYR A 1 119 ? 0.869   14.253  1.548   1.00 18.27 ? 120 TYR A CD2 1 
ATOM   876  C CE1 . TYR A 1 119 ? 2.198   12.618  -0.258  1.00 15.54 ? 120 TYR A CE1 1 
ATOM   877  C CE2 . TYR A 1 119 ? 1.274   14.738  0.330   1.00 20.60 ? 120 TYR A CE2 1 
ATOM   878  C CZ  . TYR A 1 119 ? 1.958   13.934  -0.548  1.00 23.81 ? 120 TYR A CZ  1 
ATOM   879  O OH  . TYR A 1 119 ? 2.385   14.445  -1.762  1.00 23.82 ? 120 TYR A OH  1 
ATOM   880  N N   . PRO A 1 120 ? 1.625   12.085  6.731   1.00 16.30 ? 121 PRO A N   1 
ATOM   881  C CA  . PRO A 1 120 ? 1.209   11.470  7.985   1.00 16.87 ? 121 PRO A CA  1 
ATOM   882  C C   . PRO A 1 120 ? -0.271  11.672  8.269   1.00 16.04 ? 121 PRO A C   1 
ATOM   883  O O   . PRO A 1 120 ? -0.842  12.740  7.956   1.00 17.17 ? 121 PRO A O   1 
ATOM   884  C CB  . PRO A 1 120 ? 2.099   12.156  9.024   1.00 18.50 ? 121 PRO A CB  1 
ATOM   885  C CG  . PRO A 1 120 ? 3.344   12.555  8.244   1.00 18.86 ? 121 PRO A CG  1 
ATOM   886  C CD  . PRO A 1 120 ? 2.809   12.959  6.882   1.00 19.81 ? 121 PRO A CD  1 
ATOM   887  N N   . GLY A 1 121 ? -0.891  10.643  8.836   1.00 15.13 ? 122 GLY A N   1 
ATOM   888  C CA  . GLY A 1 121 ? -2.300  10.691  9.131   1.00 14.39 ? 122 GLY A CA  1 
ATOM   889  C C   . GLY A 1 121 ? -3.165  10.209  7.991   1.00 13.13 ? 122 GLY A C   1 
ATOM   890  O O   . GLY A 1 121 ? -4.384  10.068  8.190   1.00 13.50 ? 122 GLY A O   1 
ATOM   891  N N   . TRP A 1 122 ? -2.564  9.974   6.818   1.00 11.81 ? 123 TRP A N   1 
ATOM   892  C CA  . TRP A 1 122 ? -3.338  9.403   5.726   1.00 11.45 ? 123 TRP A CA  1 
ATOM   893  C C   . TRP A 1 122 ? -3.120  7.891   5.635   1.00 11.12 ? 123 TRP A C   1 
ATOM   894  O O   . TRP A 1 122 ? -1.970  7.435   5.659   1.00 13.42 ? 123 TRP A O   1 
ATOM   895  C CB  . TRP A 1 122 ? -2.970  10.038  4.380   1.00 13.23 ? 123 TRP A CB  1 
ATOM   896  C CG  . TRP A 1 122 ? -3.386  11.464  4.186   1.00 13.62 ? 123 TRP A CG  1 
ATOM   897  C CD1 . TRP A 1 122 ? -2.699  12.590  4.583   1.00 12.49 ? 123 TRP A CD1 1 
ATOM   898  C CD2 . TRP A 1 122 ? -4.524  11.917  3.459   1.00 13.35 ? 123 TRP A CD2 1 
ATOM   899  N NE1 . TRP A 1 122 ? -3.393  13.722  4.195   1.00 13.41 ? 123 TRP A NE1 1 
ATOM   900  C CE2 . TRP A 1 122 ? -4.513  13.333  3.505   1.00 16.87 ? 123 TRP A CE2 1 
ATOM   901  C CE3 . TRP A 1 122 ? -5.606  11.272  2.865   1.00 12.99 ? 123 TRP A CE3 1 
ATOM   902  C CZ2 . TRP A 1 122 ? -5.471  14.093  2.861   1.00 16.26 ? 123 TRP A CZ2 1 
ATOM   903  C CZ3 . TRP A 1 122 ? -6.578  12.038  2.231   1.00 15.86 ? 123 TRP A CZ3 1 
ATOM   904  C CH2 . TRP A 1 122 ? -6.511  13.429  2.259   1.00 15.57 ? 123 TRP A CH2 1 
ATOM   905  N N   . PHE A 1 123 ? -4.214  7.143   5.549   1.00 10.87 ? 124 PHE A N   1 
ATOM   906  C CA  . PHE A 1 123 ? -4.131  5.677   5.537   1.00 11.48 ? 124 PHE A CA  1 
ATOM   907  C C   . PHE A 1 123 ? -4.714  5.110   4.263   1.00 12.93 ? 124 PHE A C   1 
ATOM   908  O O   . PHE A 1 123 ? -5.763  5.591   3.780   1.00 13.53 ? 124 PHE A O   1 
ATOM   909  C CB  . PHE A 1 123 ? -4.913  5.071   6.729   1.00 13.48 ? 124 PHE A CB  1 
ATOM   910  C CG  . PHE A 1 123 ? -4.313  5.388   8.063   1.00 15.82 ? 124 PHE A CG  1 
ATOM   911  C CD1 . PHE A 1 123 ? -4.505  6.646   8.612   1.00 13.27 ? 124 PHE A CD1 1 
ATOM   912  C CD2 . PHE A 1 123 ? -3.569  4.446   8.755   1.00 14.69 ? 124 PHE A CD2 1 
ATOM   913  C CE1 . PHE A 1 123 ? -3.949  6.966   9.852   1.00 16.35 ? 124 PHE A CE1 1 
ATOM   914  C CE2 . PHE A 1 123 ? -3.008  4.751   10.015  1.00 14.75 ? 124 PHE A CE2 1 
ATOM   915  C CZ  . PHE A 1 123 ? -3.206  6.012   10.541  1.00 16.00 ? 124 PHE A CZ  1 
ATOM   916  N N   . LEU A 1 124 ? -4.096  4.026   3.780   1.00 10.89 ? 125 LEU A N   1 
ATOM   917  C CA  . LEU A 1 124 ? -4.664  3.238   2.697   1.00 11.29 ? 125 LEU A CA  1 
ATOM   918  C C   . LEU A 1 124 ? -6.051  2.747   3.091   1.00 11.73 ? 125 LEU A C   1 
ATOM   919  O O   . LEU A 1 124 ? -6.288  2.361   4.221   1.00 11.93 ? 125 LEU A O   1 
ATOM   920  C CB  . LEU A 1 124 ? -3.734  2.042   2.410   1.00 12.53 ? 125 LEU A CB  1 
ATOM   921  C CG  . LEU A 1 124 ? -3.817  1.348   1.080   1.00 19.95 ? 125 LEU A CG  1 
ATOM   922  C CD1 . LEU A 1 124 ? -3.388  2.330   -0.010  1.00 15.08 ? 125 LEU A CD1 1 
ATOM   923  C CD2 . LEU A 1 124 ? -2.890  0.106   1.175   1.00 19.46 ? 125 LEU A CD2 1 
ATOM   924  N N   . CYS A 1 125 ? -7.011  2.780   2.164   1.00 11.34 ? 126 CYS A N   1 
ATOM   925  C CA  . CYS A 1 125 ? -8.353  2.404   2.547   1.00 12.76 ? 126 CYS A CA  1 
ATOM   926  C C   . CYS A 1 125 ? -9.201  1.992   1.363   1.00 11.76 ? 126 CYS A C   1 
ATOM   927  O O   . CYS A 1 125 ? -8.857  2.243   0.215   1.00 11.50 ? 126 CYS A O   1 
ATOM   928  C CB  . CYS A 1 125 ? -9.071  3.550   3.306   1.00 12.53 ? 126 CYS A CB  1 
ATOM   929  S SG  . CYS A 1 125 ? -9.491  4.982   2.238   1.00 14.96 ? 126 CYS A SG  1 
ATOM   930  N N   . THR A 1 126 ? -10.315 1.353   1.687   1.00 11.01 ? 127 THR A N   1 
ATOM   931  C CA  . THR A 1 126 ? -11.361 1.059   0.697   1.00 10.59 ? 127 THR A CA  1 
ATOM   932  C C   . THR A 1 126 ? -12.675 1.698   1.075   1.00 11.24 ? 127 THR A C   1 
ATOM   933  O O   . THR A 1 126 ? -12.877 2.098   2.224   1.00 15.11 ? 127 THR A O   1 
ATOM   934  C CB  . THR A 1 126 ? -11.592 -0.432  0.555   1.00 11.26 ? 127 THR A CB  1 
ATOM   935  O OG1 . THR A 1 126 ? -12.116 -0.951  1.800   1.00 12.88 ? 127 THR A OG1 1 
ATOM   936  C CG2 . THR A 1 126 ? -10.248 -1.140  0.252   1.00 10.93 ? 127 THR A CG2 1 
ATOM   937  N N   . VAL A 1 127 ? -13.570 1.785   0.099   1.00 12.56 ? 128 VAL A N   1 
ATOM   938  C CA  . VAL A 1 127 ? -14.925 2.289   0.361   1.00 13.56 ? 128 VAL A CA  1 
ATOM   939  C C   . VAL A 1 127 ? -15.897 1.126   0.369   1.00 15.56 ? 128 VAL A C   1 
ATOM   940  O O   . VAL A 1 127 ? -15.531 0.012   -0.037  1.00 16.40 ? 128 VAL A O   1 
ATOM   941  C CB  . VAL A 1 127 ? -15.341 3.333   -0.681  1.00 12.95 ? 128 VAL A CB  1 
ATOM   942  C CG1 . VAL A 1 127 ? -14.347 4.476   -0.681  1.00 15.35 ? 128 VAL A CG1 1 
ATOM   943  C CG2 . VAL A 1 127 ? -15.480 2.687   -2.087  1.00 18.40 ? 128 VAL A CG2 1 
ATOM   944  N N   . PRO A 1 128 ? -17.130 1.344   0.878   1.00 16.99 ? 129 PRO A N   1 
ATOM   945  C CA  . PRO A 1 128 ? -18.076 0.226   0.958   1.00 17.70 ? 129 PRO A CA  1 
ATOM   946  C C   . PRO A 1 128 ? -18.537 -0.336  -0.391  1.00 12.80 ? 129 PRO A C   1 
ATOM   947  O O   . PRO A 1 128 ? -18.703 -1.569  -0.500  1.00 18.20 ? 129 PRO A O   1 
ATOM   948  C CB  . PRO A 1 128 ? -19.269 0.845   1.719   1.00 18.13 ? 129 PRO A CB  1 
ATOM   949  C CG  . PRO A 1 128 ? -18.661 1.929   2.541   1.00 25.69 ? 129 PRO A CG  1 
ATOM   950  C CD  . PRO A 1 128 ? -17.569 2.501   1.680   1.00 22.18 ? 129 PRO A CD  1 
ATOM   951  N N   . GLU A 1 129 ? -18.735 0.535   -1.392  1.00 13.83 ? 130 GLU A N   1 
ATOM   952  C CA  . GLU A 1 129 ? -19.168 0.093   -2.706  1.00 18.43 ? 130 GLU A CA  1 
ATOM   953  C C   . GLU A 1 129 ? -18.136 -0.831  -3.360  1.00 16.97 ? 130 GLU A C   1 
ATOM   954  O O   . GLU A 1 129 ? -16.949 -0.597  -3.242  1.00 16.21 ? 130 GLU A O   1 
ATOM   955  C CB  . GLU A 1 129 ? -19.446 1.286   -3.616  1.00 16.83 ? 130 GLU A CB  1 
ATOM   956  C CG  . GLU A 1 129 ? -19.848 0.867   -5.053  1.00 18.82 ? 130 GLU A CG  1 
ATOM   957  C CD  . GLU A 1 129 ? -20.067 2.020   -6.022  1.00 29.49 ? 130 GLU A CD  1 
ATOM   958  O OE1 . GLU A 1 129 ? -20.582 1.740   -7.129  1.00 24.31 ? 130 GLU A OE1 1 
ATOM   959  O OE2 . GLU A 1 129 ? -19.698 3.182   -5.727  1.00 29.33 ? 130 GLU A OE2 1 
ATOM   960  N N   . ALA A 1 130 ? -18.613 -1.859  -4.052  1.00 16.32 ? 131 ALA A N   1 
ATOM   961  C CA  . ALA A 1 130 ? -17.736 -2.855  -4.665  1.00 16.97 ? 131 ALA A CA  1 
ATOM   962  C C   . ALA A 1 130 ? -17.002 -2.293  -5.870  1.00 17.75 ? 131 ALA A C   1 
ATOM   963  O O   . ALA A 1 130 ? -17.518 -1.416  -6.596  1.00 18.30 ? 131 ALA A O   1 
ATOM   964  C CB  . ALA A 1 130 ? -18.551 -4.060  -5.063  1.00 24.41 ? 131 ALA A CB  1 
ATOM   965  N N   . ASP A 1 131 ? -15.789 -2.827  -6.093  1.00 17.26 ? 132 ASP A N   1 
ATOM   966  C CA  . ASP A 1 131 ? -15.039 -2.610  -7.318  1.00 17.65 ? 132 ASP A CA  1 
ATOM   967  C C   . ASP A 1 131 ? -14.684 -1.153  -7.575  1.00 16.68 ? 132 ASP A C   1 
ATOM   968  O O   . ASP A 1 131 ? -14.688 -0.677  -8.714  1.00 16.09 ? 132 ASP A O   1 
ATOM   969  C CB  . ASP A 1 131 ? -15.796 -3.211  -8.495  1.00 21.01 ? 132 ASP A CB  1 
ATOM   970  C CG  . ASP A 1 131 ? -16.002 -4.694  -8.315  1.00 24.91 ? 132 ASP A CG  1 
ATOM   971  O OD1 . ASP A 1 131 ? -17.159 -5.145  -8.418  1.00 33.79 ? 132 ASP A OD1 1 
ATOM   972  O OD2 . ASP A 1 131 ? -14.988 -5.387  -8.040  1.00 22.34 ? 132 ASP A OD2 1 
ATOM   973  N N   . GLN A 1 132 ? -14.336 -0.473  -6.483  1.00 14.63 ? 133 GLN A N   1 
ATOM   974  C CA  . GLN A 1 132 ? -13.867 0.910   -6.533  1.00 13.18 ? 133 GLN A CA  1 
ATOM   975  C C   . GLN A 1 132 ? -12.383 0.991   -6.208  1.00 11.16 ? 133 GLN A C   1 
ATOM   976  O O   . GLN A 1 132 ? -11.816 0.076   -5.592  1.00 10.76 ? 133 GLN A O   1 
ATOM   977  C CB  . GLN A 1 132 ? -14.630 1.798   -5.532  1.00 13.75 ? 133 GLN A CB  1 
ATOM   978  C CG  . GLN A 1 132 ? -16.135 1.733   -5.667  1.00 13.68 ? 133 GLN A CG  1 
ATOM   979  C CD  . GLN A 1 132 ? -16.573 2.233   -7.001  1.00 14.25 ? 133 GLN A CD  1 
ATOM   980  O OE1 . GLN A 1 132 ? -16.195 3.338   -7.452  1.00 14.59 ? 133 GLN A OE1 1 
ATOM   981  N NE2 . GLN A 1 132 ? -17.332 1.405   -7.702  1.00 21.29 ? 133 GLN A NE2 1 
ATOM   982  N N   . PRO A 1 133 ? -11.729 2.091   -6.583  1.00 12.56 ? 134 PRO A N   1 
ATOM   983  C CA  . PRO A 1 133 ? -10.307 2.217   -6.238  1.00 11.49 ? 134 PRO A CA  1 
ATOM   984  C C   . PRO A 1 133 ? -10.050 2.202   -4.756  1.00 10.87 ? 134 PRO A C   1 
ATOM   985  O O   . PRO A 1 133 ? -10.826 2.726   -3.958  1.00 11.34 ? 134 PRO A O   1 
ATOM   986  C CB  . PRO A 1 133 ? -9.931  3.589   -6.808  1.00 12.45 ? 134 PRO A CB  1 
ATOM   987  C CG  . PRO A 1 133 ? -10.849 3.725   -8.000  1.00 10.39 ? 134 PRO A CG  1 
ATOM   988  C CD  . PRO A 1 133 ? -12.167 3.181   -7.491  1.00 10.89 ? 134 PRO A CD  1 
ATOM   989  N N   . VAL A 1 134 ? -8.989  1.498   -4.386  1.00 11.06 ? 135 VAL A N   1 
ATOM   990  C CA  . VAL A 1 134 ? -8.304  1.741   -3.119  1.00 11.11 ? 135 VAL A CA  1 
ATOM   991  C C   . VAL A 1 134 ? -7.872  3.206   -3.113  1.00 13.15 ? 135 VAL A C   1 
ATOM   992  O O   . VAL A 1 134 ? -7.494  3.760   -4.168  1.00 12.17 ? 135 VAL A O   1 
ATOM   993  C CB  . VAL A 1 134 ? -7.082  0.811   -3.007  1.00 12.47 ? 135 VAL A CB  1 
ATOM   994  C CG1 . VAL A 1 134 ? -6.242  1.127   -1.772  1.00 11.78 ? 135 VAL A CG1 1 
ATOM   995  C CG2 . VAL A 1 134 ? -7.537  -0.646  -2.929  1.00 11.19 ? 135 VAL A CG2 1 
ATOM   996  N N   . ARG A 1 135 ? -7.977  3.850   -1.974  1.00 11.20 ? 136 ARG A N   1 
ATOM   997  C CA  . ARG A 1 135 ? -7.619  5.267   -1.933  1.00 10.25 ? 136 ARG A CA  1 
ATOM   998  C C   . ARG A 1 135 ? -6.953  5.576   -0.571  1.00 11.69 ? 136 ARG A C   1 
ATOM   999  O O   . ARG A 1 135 ? -6.426  4.660   0.115   1.00 11.34 ? 136 ARG A O   1 
ATOM   1000 C CB  . ARG A 1 135 ? -8.855  6.142   -2.204  1.00 14.23 ? 136 ARG A CB  1 
ATOM   1001 C CG  . ARG A 1 135 ? -10.034 5.986   -1.242  1.00 16.28 ? 136 ARG A CG  1 
ATOM   1002 C CD  . ARG A 1 135 ? -11.159 7.032   -1.557  1.00 21.65 ? 136 ARG A CD  1 
ATOM   1003 N NE  . ARG A 1 135 ? -11.530 6.994   -2.976  1.00 23.46 ? 136 ARG A NE  1 
ATOM   1004 C CZ  . ARG A 1 135 ? -11.092 7.852   -3.872  1.00 19.71 ? 136 ARG A CZ  1 
ATOM   1005 N NH1 . ARG A 1 135 ? -10.306 8.873   -3.503  1.00 21.99 ? 136 ARG A NH1 1 
ATOM   1006 N NH2 . ARG A 1 135 ? -11.457 7.717   -5.140  1.00 26.36 ? 136 ARG A NH2 1 
ATOM   1007 N N   . LEU A 1 136 ? -6.932  6.859   -0.191  1.00 13.58 ? 137 LEU A N   1 
ATOM   1008 C CA  . LEU A 1 136 ? -6.342  7.277   1.092   1.00 13.56 ? 137 LEU A CA  1 
ATOM   1009 C C   . LEU A 1 136 ? -7.389  8.065   1.869   1.00 14.59 ? 137 LEU A C   1 
ATOM   1010 O O   . LEU A 1 136 ? -8.245  8.767   1.278   1.00 16.26 ? 137 LEU A O   1 
ATOM   1011 C CB  . LEU A 1 136 ? -5.112  8.150   0.898   1.00 14.32 ? 137 LEU A CB  1 
ATOM   1012 C CG  . LEU A 1 136 ? -3.980  7.547   0.066   1.00 12.52 ? 137 LEU A CG  1 
ATOM   1013 C CD1 . LEU A 1 136 ? -3.105  8.639   -0.526  1.00 16.10 ? 137 LEU A CD1 1 
ATOM   1014 C CD2 . LEU A 1 136 ? -3.163  6.655   0.985   1.00 14.09 ? 137 LEU A CD2 1 
ATOM   1015 N N   . THR A 1 137 ? -7.310  7.993   3.185   1.00 11.47 ? 138 THR A N   1 
ATOM   1016 C CA  . THR A 1 137 ? -8.204  8.761   4.057   1.00 14.20 ? 138 THR A CA  1 
ATOM   1017 C C   . THR A 1 137 ? -7.503  9.152   5.330   1.00 12.95 ? 138 THR A C   1 
ATOM   1018 O O   . THR A 1 137 ? -6.626  8.430   5.824   1.00 13.48 ? 138 THR A O   1 
ATOM   1019 C CB  . THR A 1 137 ? -9.484  8.001   4.430   1.00 14.88 ? 138 THR A CB  1 
ATOM   1020 O OG1 . THR A 1 137 ? -10.419 8.940   5.026   1.00 20.24 ? 138 THR A OG1 1 
ATOM   1021 C CG2 . THR A 1 137 ? -9.211  6.840   5.425   1.00 13.92 ? 138 THR A CG2 1 
ATOM   1022 N N   . GLN A 1 138 ? -7.945  10.281  5.905   1.00 15.83 ? 139 GLN A N   1 
ATOM   1023 C CA  . GLN A 1 138 ? -7.553  10.671  7.262   1.00 16.45 ? 139 GLN A CA  1 
ATOM   1024 C C   . GLN A 1 138 ? -8.574  10.232  8.308   1.00 22.10 ? 139 GLN A C   1 
ATOM   1025 O O   . GLN A 1 138 ? -8.310  10.367  9.512   1.00 21.23 ? 139 GLN A O   1 
ATOM   1026 C CB  . GLN A 1 138 ? -7.396  12.186  7.343   1.00 18.34 ? 139 GLN A CB  1 
ATOM   1027 C CG  . GLN A 1 138 ? -6.279  12.753  6.499   1.00 16.76 ? 139 GLN A CG  1 
ATOM   1028 C CD  . GLN A 1 138 ? -6.457  14.238  6.311   1.00 18.84 ? 139 GLN A CD  1 
ATOM   1029 O OE1 . GLN A 1 138 ? -7.544  14.696  5.958   1.00 22.99 ? 139 GLN A OE1 1 
ATOM   1030 N NE2 . GLN A 1 138 ? -5.404  14.991  6.558   1.00 19.75 ? 139 GLN A NE2 1 
ATOM   1031 N N   . GLU A 1 139 ? -9.739  9.769   7.856   1.00 21.14 ? 140 GLU A N   1 
ATOM   1032 C CA  . GLU A 1 139 ? -10.868 9.448   8.757   1.00 24.42 ? 140 GLU A CA  1 
ATOM   1033 C C   . GLU A 1 139 ? -10.863 7.987   9.115   1.00 28.91 ? 140 GLU A C   1 
ATOM   1034 O O   . GLU A 1 139 ? -11.036 7.133   8.228   1.00 33.31 ? 140 GLU A O   1 
ATOM   1035 C CB  . GLU A 1 139 ? -12.215 9.793   8.107   1.00 36.38 ? 140 GLU A CB  1 
ATOM   1036 C CG  . GLU A 1 139 ? -12.321 11.177  7.485   1.00 37.46 ? 140 GLU A CG  1 
ATOM   1037 C CD  . GLU A 1 139 ? -13.652 11.376  6.760   1.00 61.90 ? 140 GLU A CD  1 
ATOM   1038 O OE1 . GLU A 1 139 ? -14.671 10.774  7.186   1.00 54.11 ? 140 GLU A OE1 1 
ATOM   1039 O OE2 . GLU A 1 139 ? -13.675 12.122  5.754   1.00 63.22 ? 140 GLU A OE2 1 
ATOM   1040 N N   . LEU A 1 140 ? -10.673 7.688   10.396  1.00 27.01 ? 141 LEU A N   1 
ATOM   1041 C CA  . LEU A 1 140 ? -10.705 6.311   10.890  1.00 22.83 ? 141 LEU A CA  1 
ATOM   1042 C C   . LEU A 1 140 ? -12.030 5.997   11.588  1.00 33.00 ? 141 LEU A C   1 
ATOM   1043 O O   . LEU A 1 140 ? -12.652 6.876   12.180  1.00 34.76 ? 141 LEU A O   1 
ATOM   1044 C CB  . LEU A 1 140 ? -9.550  6.062   11.858  1.00 25.36 ? 141 LEU A CB  1 
ATOM   1045 C CG  . LEU A 1 140 ? -8.146  6.327   11.314  1.00 30.70 ? 141 LEU A CG  1 
ATOM   1046 C CD1 . LEU A 1 140 ? -7.084  5.915   12.317  1.00 42.35 ? 141 LEU A CD1 1 
ATOM   1047 C CD2 . LEU A 1 140 ? -7.968  5.573   10.019  1.00 37.59 ? 141 LEU A CD2 1 
ATOM   1048 N N   . GLY A 1 141 ? -12.463 4.745   11.511  1.00 41.99 ? 142 GLY A N   1 
ATOM   1049 C CA  . GLY A 1 141 ? -13.644 4.306   12.233  1.00 34.08 ? 142 GLY A CA  1 
ATOM   1050 C C   . GLY A 1 141 ? -14.967 4.654   11.577  1.00 53.19 ? 142 GLY A C   1 
ATOM   1051 O O   . GLY A 1 141 ? -16.033 4.330   12.111  1.00 51.60 ? 142 GLY A O   1 
ATOM   1052 N N   . LYS A 1 142 ? -14.907 5.308   10.420  1.00 33.11 ? 143 LYS A N   1 
ATOM   1053 C CA  . LYS A 1 142 ? -16.119 5.713   9.714   1.00 37.74 ? 143 LYS A CA  1 
ATOM   1054 C C   . LYS A 1 142 ? -16.442 4.760   8.556   1.00 28.18 ? 143 LYS A C   1 
ATOM   1055 O O   . LYS A 1 142 ? -16.380 3.543   8.727   1.00 46.98 ? 143 LYS A O   1 
ATOM   1056 C CB  . LYS A 1 142 ? -15.979 7.151   9.222   1.00 48.26 ? 143 LYS A CB  1 
ATOM   1057 C CG  . LYS A 1 142 ? -15.622 8.124   10.337  1.00 46.04 ? 143 LYS A CG  1 
ATOM   1058 C CD  . LYS A 1 142 ? -16.294 9.487   10.127  1.00 78.87 ? 143 LYS A CD  1 
ATOM   1059 C CE  . LYS A 1 142 ? -17.709 9.514   10.722  1.00 76.56 ? 143 LYS A CE  1 
ATOM   1060 N NZ  . LYS A 1 142 ? -18.242 10.896  10.931  1.00 70.10 ? 143 LYS A NZ  1 
ATOM   1061 N N   . SER A 1 143 ? -16.789 5.294   7.385   1.00 33.14 ? 144 SER A N   1 
ATOM   1062 C CA  . SER A 1 143 ? -17.161 4.421   6.274   1.00 39.56 ? 144 SER A CA  1 
ATOM   1063 C C   . SER A 1 143 ? -15.935 3.801   5.603   1.00 36.72 ? 144 SER A C   1 
ATOM   1064 O O   . SER A 1 143 ? -16.030 2.723   5.001   1.00 40.70 ? 144 SER A O   1 
ATOM   1065 C CB  . SER A 1 143 ? -17.987 5.175   5.229   1.00 35.63 ? 144 SER A CB  1 
ATOM   1066 O OG  . SER A 1 143 ? -17.257 6.278   4.720   1.00 62.38 ? 144 SER A OG  1 
ATOM   1067 N N   . TYR A 1 144 ? -14.784 4.466   5.722   1.00 21.15 ? 145 TYR A N   1 
ATOM   1068 C CA  . TYR A 1 144 ? -13.590 3.987   5.048   1.00 15.73 ? 145 TYR A CA  1 
ATOM   1069 C C   . TYR A 1 144 ? -12.966 2.864   5.845   1.00 19.57 ? 145 TYR A C   1 
ATOM   1070 O O   . TYR A 1 144 ? -12.855 2.943   7.070   1.00 23.28 ? 145 TYR A O   1 
ATOM   1071 C CB  . TYR A 1 144 ? -12.574 5.106   4.863   1.00 16.91 ? 145 TYR A CB  1 
ATOM   1072 C CG  . TYR A 1 144 ? -13.081 6.253   4.015   1.00 22.16 ? 145 TYR A CG  1 
ATOM   1073 C CD1 . TYR A 1 144 ? -13.054 6.182   2.624   1.00 24.98 ? 145 TYR A CD1 1 
ATOM   1074 C CD2 . TYR A 1 144 ? -13.559 7.406   4.610   1.00 23.17 ? 145 TYR A CD2 1 
ATOM   1075 C CE1 . TYR A 1 144 ? -13.507 7.253   1.834   1.00 26.90 ? 145 TYR A CE1 1 
ATOM   1076 C CE2 . TYR A 1 144 ? -14.023 8.468   3.845   1.00 28.79 ? 145 TYR A CE2 1 
ATOM   1077 C CZ  . TYR A 1 144 ? -13.993 8.389   2.448   1.00 34.37 ? 145 TYR A CZ  1 
ATOM   1078 O OH  . TYR A 1 144 ? -14.465 9.444   1.674   1.00 28.13 ? 145 TYR A OH  1 
ATOM   1079 N N   . ASN A 1 145 ? -12.576 1.820   5.135   1.00 14.45 ? 146 ASN A N   1 
ATOM   1080 C CA  . ASN A 1 145 ? -11.986 0.640   5.767   1.00 12.49 ? 146 ASN A CA  1 
ATOM   1081 C C   . ASN A 1 145 ? -10.478 0.685   5.650   1.00 16.38 ? 146 ASN A C   1 
ATOM   1082 O O   . ASN A 1 145 ? -9.951  0.689   4.546   1.00 14.56 ? 146 ASN A O   1 
ATOM   1083 C CB  . ASN A 1 145 ? -12.504 -0.609  5.109   1.00 14.48 ? 146 ASN A CB  1 
ATOM   1084 C CG  . ASN A 1 145 ? -12.228 -1.818  5.932   1.00 21.48 ? 146 ASN A CG  1 
ATOM   1085 O OD1 . ASN A 1 145 ? -11.269 -1.831  6.702   1.00 24.99 ? 146 ASN A OD1 1 
ATOM   1086 N ND2 . ASN A 1 145 ? -13.082 -2.841  5.816   1.00 32.03 ? 146 ASN A ND2 1 
ATOM   1087 N N   . THR A 1 146 ? -9.786  0.750   6.775   1.00 14.27 ? 147 THR A N   1 
ATOM   1088 C CA  . THR A 1 146 ? -8.327  0.876   6.796   1.00 13.17 ? 147 THR A CA  1 
ATOM   1089 C C   . THR A 1 146 ? -7.578  -0.375  7.279   1.00 11.77 ? 147 THR A C   1 
ATOM   1090 O O   . THR A 1 146 ? -6.371  -0.337  7.446   1.00 12.92 ? 147 THR A O   1 
ATOM   1091 C CB  . THR A 1 146 ? -7.912  2.074   7.676   1.00 11.74 ? 147 THR A CB  1 
ATOM   1092 O OG1 . THR A 1 146 ? -8.527  1.949   8.971   1.00 15.92 ? 147 THR A OG1 1 
ATOM   1093 C CG2 . THR A 1 146 ? -8.359  3.415   7.035   1.00 13.65 ? 147 THR A CG2 1 
ATOM   1094 N N   . ASP A 1 147 ? -8.310  -1.463  7.488   1.00 11.83 ? 148 ASP A N   1 
ATOM   1095 C CA  . ASP A 1 147 ? -7.744  -2.720  7.966   1.00 12.81 ? 148 ASP A CA  1 
ATOM   1096 C C   . ASP A 1 147 ? -7.710  -3.762  6.870   1.00 11.13 ? 148 ASP A C   1 
ATOM   1097 O O   . ASP A 1 147 ? -8.705  -3.975  6.169   1.00 14.37 ? 148 ASP A O   1 
ATOM   1098 C CB  . ASP A 1 147 ? -8.571  -3.216  9.132   1.00 12.54 ? 148 ASP A CB  1 
ATOM   1099 C CG  . ASP A 1 147 ? -8.647  -2.203  10.231  1.00 14.89 ? 148 ASP A CG  1 
ATOM   1100 O OD1 . ASP A 1 147 ? -7.566  -1.795  10.688  1.00 16.68 ? 148 ASP A OD1 1 
ATOM   1101 O OD2 . ASP A 1 147 ? -9.773  -1.791  10.596  1.00 19.40 ? 148 ASP A OD2 1 
ATOM   1102 N N   . PHE A 1 148 ? -6.558  -4.395  6.710   1.00 11.81 ? 149 PHE A N   1 
ATOM   1103 C CA  . PHE A 1 148 ? -6.356  -5.369  5.629   1.00 12.70 ? 149 PHE A CA  1 
ATOM   1104 C C   . PHE A 1 148 ? -5.824  -6.717  6.125   1.00 12.95 ? 149 PHE A C   1 
ATOM   1105 O O   . PHE A 1 148 ? -4.986  -6.777  7.026   1.00 14.71 ? 149 PHE A O   1 
ATOM   1106 C CB  . PHE A 1 148 ? -5.368  -4.811  4.591   1.00 14.26 ? 149 PHE A CB  1 
ATOM   1107 C CG  . PHE A 1 148 ? -5.867  -3.568  3.884   1.00 11.86 ? 149 PHE A CG  1 
ATOM   1108 C CD1 . PHE A 1 148 ? -6.604  -3.675  2.704   1.00 12.49 ? 149 PHE A CD1 1 
ATOM   1109 C CD2 . PHE A 1 148 ? -5.629  -2.317  4.428   1.00 13.34 ? 149 PHE A CD2 1 
ATOM   1110 C CE1 . PHE A 1 148 ? -7.076  -2.523  2.072   1.00 12.72 ? 149 PHE A CE1 1 
ATOM   1111 C CE2 . PHE A 1 148 ? -6.108  -1.132  3.807   1.00 11.78 ? 149 PHE A CE2 1 
ATOM   1112 C CZ  . PHE A 1 148 ? -6.836  -1.256  2.642   1.00 11.31 ? 149 PHE A CZ  1 
ATOM   1113 N N   . TYR A 1 149 ? -6.336  -7.775  5.516   1.00 13.58 ? 150 TYR A N   1 
ATOM   1114 C CA  . TYR A 1 149 ? -5.840  -9.147  5.719   1.00 16.81 ? 150 TYR A CA  1 
ATOM   1115 C C   . TYR A 1 149 ? -4.818  -9.488  4.652   1.00 22.25 ? 150 TYR A C   1 
ATOM   1116 O O   . TYR A 1 149 ? -4.999  -9.132  3.478   1.00 19.45 ? 150 TYR A O   1 
ATOM   1117 C CB  . TYR A 1 149 ? -6.999  -10.146 5.610   1.00 16.62 ? 150 TYR A CB  1 
ATOM   1118 C CG  . TYR A 1 149 ? -8.032  -10.060 6.682   1.00 17.46 ? 150 TYR A CG  1 
ATOM   1119 C CD1 . TYR A 1 149 ? -7.756  -10.553 7.975   1.00 17.12 ? 150 TYR A CD1 1 
ATOM   1120 C CD2 . TYR A 1 149 ? -9.310  -9.585  6.426   1.00 16.82 ? 150 TYR A CD2 1 
ATOM   1121 C CE1 . TYR A 1 149 ? -8.717  -10.491 8.959   1.00 19.00 ? 150 TYR A CE1 1 
ATOM   1122 C CE2 . TYR A 1 149 ? -10.285 -9.524  7.414   1.00 18.47 ? 150 TYR A CE2 1 
ATOM   1123 C CZ  . TYR A 1 149 ? -9.979  -9.979  8.687   1.00 19.81 ? 150 TYR A CZ  1 
ATOM   1124 O OH  . TYR A 1 149 ? -10.936 -9.894  9.657   1.00 24.76 ? 150 TYR A OH  1 
ATOM   1125 N N   . PHE A 1 150 ? -3.763  -10.191 5.036   1.00 20.03 ? 151 PHE A N   1 
ATOM   1126 C CA  . PHE A 1 150 ? -2.809  -10.823 4.114   1.00 19.21 ? 151 PHE A CA  1 
ATOM   1127 C C   . PHE A 1 150 ? -3.106  -12.310 3.940   1.00 23.87 ? 151 PHE A C   1 
ATOM   1128 O O   . PHE A 1 150 ? -3.466  -13.017 4.892   1.00 29.59 ? 151 PHE A O   1 
ATOM   1129 C CB  . PHE A 1 150 ? -1.375  -10.776 4.627   1.00 18.00 ? 151 PHE A CB  1 
ATOM   1130 C CG  . PHE A 1 150 ? -0.789  -9.412  4.743   1.00 27.42 ? 151 PHE A CG  1 
ATOM   1131 C CD1 . PHE A 1 150 ? -1.528  -8.282  4.500   1.00 33.07 ? 151 PHE A CD1 1 
ATOM   1132 C CD2 . PHE A 1 150 ? 0.535   -9.278  5.115   1.00 32.99 ? 151 PHE A CD2 1 
ATOM   1133 C CE1 . PHE A 1 150 ? -0.950  -7.039  4.635   1.00 41.92 ? 151 PHE A CE1 1 
ATOM   1134 C CE2 . PHE A 1 150 ? 1.117   -8.050  5.259   1.00 37.57 ? 151 PHE A CE2 1 
ATOM   1135 C CZ  . PHE A 1 150 ? 0.382   -6.927  5.009   1.00 36.90 ? 151 PHE A CZ  1 
ATOM   1136 N N   . GLN A 1 151 ? -2.863  -12.804 2.743   1.00 25.58 ? 152 GLN A N   1 
ATOM   1137 C CA  . GLN A 1 151 ? -2.761  -14.240 2.531   1.00 22.23 ? 152 GLN A CA  1 
ATOM   1138 C C   . GLN A 1 151 ? -1.449  -14.466 1.788   1.00 27.11 ? 152 GLN A C   1 
ATOM   1139 O O   . GLN A 1 151 ? -1.091  -13.695 0.911   1.00 24.54 ? 152 GLN A O   1 
ATOM   1140 C CB  . GLN A 1 151 ? -3.961  -14.739 1.732   1.00 23.09 ? 152 GLN A CB  1 
ATOM   1141 C CG  . GLN A 1 151 ? -5.291  -14.518 2.487   1.00 25.59 ? 152 GLN A CG  1 
ATOM   1142 C CD  . GLN A 1 151 ? -6.506  -14.926 1.680   1.00 48.43 ? 152 GLN A CD  1 
ATOM   1143 O OE1 . GLN A 1 151 ? -6.894  -14.236 0.736   1.00 46.52 ? 152 GLN A OE1 1 
ATOM   1144 N NE2 . GLN A 1 151 ? -7.128  -16.056 2.059   1.00 32.19 ? 152 GLN A NE2 1 
ATOM   1145 N N   . GLN A 1 152 ? -0.705  -15.504 2.147   1.00 23.68 ? 153 GLN A N   1 
ATOM   1146 C CA  . GLN A 1 152 ? 0.571   -15.708 1.508   1.00 24.29 ? 153 GLN A CA  1 
ATOM   1147 C C   . GLN A 1 152 ? 0.373   -16.392 0.161   1.00 26.49 ? 153 GLN A C   1 
ATOM   1148 O O   . GLN A 1 152 ? -0.558  -17.174 -0.030  1.00 28.29 ? 153 GLN A O   1 
ATOM   1149 C CB  . GLN A 1 152 ? 1.485   -16.528 2.411   1.00 36.72 ? 153 GLN A CB  1 
ATOM   1150 C CG  . GLN A 1 152 ? 2.939   -16.564 1.972   1.00 34.02 ? 153 GLN A CG  1 
ATOM   1151 C CD  . GLN A 1 152 ? 3.790   -17.371 2.946   1.00 53.53 ? 153 GLN A CD  1 
ATOM   1152 O OE1 . GLN A 1 152 ? 4.027   -16.941 4.079   1.00 38.19 ? 153 GLN A OE1 1 
ATOM   1153 N NE2 . GLN A 1 152 ? 4.228   -18.556 2.517   1.00 50.28 ? 153 GLN A NE2 1 
ATOM   1154 N N   . CYS A 1 153 ? 1.220   -16.057 -0.796  1.00 23.09 ? 154 CYS A N   1 
ATOM   1155 C CA  . CYS A 1 153 ? 1.191   -16.768 -2.070  1.00 30.66 ? 154 CYS A CA  1 
ATOM   1156 C C   . CYS A 1 153 ? 2.193   -17.926 -2.090  1.00 55.73 ? 154 CYS A C   1 
ATOM   1157 O O   . CYS A 1 153 ? 2.015   -18.901 -2.829  1.00 61.43 ? 154 CYS A O   1 
ATOM   1158 C CB  . CYS A 1 153 ? 1.478   -15.818 -3.216  1.00 37.57 ? 154 CYS A CB  1 
ATOM   1159 S SG  . CYS A 1 153 ? 0.386   -14.413 -3.194  1.00 32.02 ? 154 CYS A SG  1 
HETATM 1160 O O   . HOH B 2 .   ? 8.144   8.669   -8.874  1.00 40.08 ? 201 HOH A O   1 
HETATM 1161 O O   . HOH B 2 .   ? 22.065  0.919   -2.369  1.00 32.94 ? 202 HOH A O   1 
HETATM 1162 O O   . HOH B 2 .   ? 15.009  -4.621  3.486   1.00 23.70 ? 203 HOH A O   1 
HETATM 1163 O O   . HOH B 2 .   ? 2.738   -15.418 5.498   1.00 39.07 ? 204 HOH A O   1 
HETATM 1164 O O   . HOH B 2 .   ? 17.892  -7.192  1.749   1.00 22.20 ? 205 HOH A O   1 
HETATM 1165 O O   . HOH B 2 .   ? 5.174   -18.089 5.979   1.00 35.32 ? 206 HOH A O   1 
HETATM 1166 O O   . HOH B 2 .   ? -13.270 -9.781  8.753   1.00 28.65 ? 207 HOH A O   1 
HETATM 1167 O O   . HOH B 2 .   ? -9.708  6.624   -9.923  1.00 26.76 ? 208 HOH A O   1 
HETATM 1168 O O   . HOH B 2 .   ? 9.918   -14.157 -4.566  1.00 52.33 ? 209 HOH A O   1 
HETATM 1169 O O   . HOH B 2 .   ? -1.423  -8.426  9.133   1.00 27.82 ? 210 HOH A O   1 
HETATM 1170 O O   . HOH B 2 .   ? 4.181   -3.916  -14.787 1.00 22.73 ? 211 HOH A O   1 
HETATM 1171 O O   . HOH B 2 .   ? -2.409  -8.701  -12.597 1.00 35.69 ? 212 HOH A O   1 
HETATM 1172 O O   . HOH B 2 .   ? 2.410   -17.446 -6.808  1.00 41.09 ? 213 HOH A O   1 
HETATM 1173 O O   . HOH B 2 .   ? 7.809   -5.124  7.542   1.00 17.14 ? 214 HOH A O   1 
HETATM 1174 O O   . HOH B 2 .   ? 3.435   -12.101 -8.519  1.00 38.52 ? 215 HOH A O   1 
HETATM 1175 O O   . HOH B 2 .   ? -13.701 -4.317  -12.163 1.00 32.83 ? 216 HOH A O   1 
HETATM 1176 O O   . HOH B 2 .   ? -18.527 4.645   -3.867  1.00 23.94 ? 217 HOH A O   1 
HETATM 1177 O O   . HOH B 2 .   ? -10.378 10.175  0.577   1.00 27.50 ? 218 HOH A O   1 
HETATM 1178 O O   . HOH B 2 .   ? 8.261   -5.338  12.051  1.00 27.52 ? 219 HOH A O   1 
HETATM 1179 O O   . HOH B 2 .   ? 6.784   -9.407  -0.968  1.00 32.22 ? 220 HOH A O   1 
HETATM 1180 O O   . HOH B 2 .   ? -12.566 4.871   -4.226  1.00 16.10 ? 221 HOH A O   1 
HETATM 1181 O O   . HOH B 2 .   ? -3.107  14.148  8.259   1.00 24.59 ? 222 HOH A O   1 
HETATM 1182 O O   . HOH B 2 .   ? -17.640 5.099   -8.875  1.00 25.65 ? 223 HOH A O   1 
HETATM 1183 O O   . HOH B 2 .   ? -17.711 -3.308  1.414   1.00 21.28 ? 224 HOH A O   1 
HETATM 1184 O O   . HOH B 2 .   ? -14.896 5.103   -5.877  1.00 15.47 ? 225 HOH A O   1 
HETATM 1185 O O   . HOH B 2 .   ? -13.406 -13.441 -4.367  1.00 38.78 ? 226 HOH A O   1 
HETATM 1186 O O   . HOH B 2 .   ? 8.888   -1.439  -14.235 1.00 15.64 ? 227 HOH A O   1 
HETATM 1187 O O   . HOH B 2 .   ? -16.567 6.079   2.079   1.00 41.22 ? 228 HOH A O   1 
HETATM 1188 O O   . HOH B 2 .   ? -11.962 -3.524  10.390  1.00 34.56 ? 229 HOH A O   1 
HETATM 1189 O O   . HOH B 2 .   ? -0.134  7.130   13.426  1.00 33.56 ? 230 HOH A O   1 
HETATM 1190 O O   . HOH B 2 .   ? 2.709   -2.809  14.356  1.00 28.90 ? 231 HOH A O   1 
HETATM 1191 O O   . HOH B 2 .   ? -16.317 -0.620  -10.940 1.00 30.08 ? 232 HOH A O   1 
HETATM 1192 O O   . HOH B 2 .   ? -11.016 10.955  3.230   1.00 32.36 ? 233 HOH A O   1 
HETATM 1193 O O   . HOH B 2 .   ? -12.711 9.724   -0.447  1.00 29.14 ? 234 HOH A O   1 
HETATM 1194 O O   . HOH B 2 .   ? -1.663  -2.601  -15.169 1.00 23.58 ? 235 HOH A O   1 
HETATM 1195 O O   . HOH B 2 .   ? -13.861 1.459   -10.292 1.00 28.93 ? 236 HOH A O   1 
HETATM 1196 O O   . HOH B 2 .   ? -9.869  -14.675 -2.568  1.00 36.24 ? 237 HOH A O   1 
HETATM 1197 O O   . HOH B 2 .   ? 9.661   -2.808  7.585   1.00 21.50 ? 238 HOH A O   1 
HETATM 1198 O O   . HOH B 2 .   ? -13.076 -12.627 0.026   1.00 21.83 ? 239 HOH A O   1 
HETATM 1199 O O   . HOH B 2 .   ? -11.109 -16.713 -7.741  1.00 35.19 ? 240 HOH A O   1 
HETATM 1200 O O   . HOH B 2 .   ? -6.410  -8.184  -12.286 1.00 23.86 ? 241 HOH A O   1 
HETATM 1201 O O   . HOH B 2 .   ? 11.465  13.861  3.866   1.00 38.21 ? 242 HOH A O   1 
HETATM 1202 O O   . HOH B 2 .   ? 18.167  2.736   8.644   1.00 28.48 ? 243 HOH A O   1 
HETATM 1203 O O   . HOH B 2 .   ? -2.052  18.533  -4.512  1.00 28.84 ? 244 HOH A O   1 
HETATM 1204 O O   . HOH B 2 .   ? 10.676  -3.321  -13.914 1.00 18.02 ? 245 HOH A O   1 
HETATM 1205 O O   . HOH B 2 .   ? -8.039  9.419   -1.509  1.00 25.20 ? 246 HOH A O   1 
HETATM 1206 O O   . HOH B 2 .   ? -9.512  12.432  4.775   1.00 27.69 ? 247 HOH A O   1 
HETATM 1207 O O   . HOH B 2 .   ? -6.783  11.782  -1.959  1.00 21.11 ? 248 HOH A O   1 
HETATM 1208 O O   . HOH B 2 .   ? 10.564  4.846   15.964  1.00 45.87 ? 249 HOH A O   1 
HETATM 1209 O O   . HOH B 2 .   ? 4.457   -21.176 3.752   1.00 40.08 ? 250 HOH A O   1 
HETATM 1210 O O   . HOH B 2 .   ? -9.533  15.524  7.990   1.00 41.83 ? 251 HOH A O   1 
HETATM 1211 O O   . HOH B 2 .   ? -9.213  7.334   -7.093  1.00 30.28 ? 252 HOH A O   1 
HETATM 1212 O O   . HOH B 2 .   ? 2.785   7.561   -14.258 1.00 39.56 ? 253 HOH A O   1 
HETATM 1213 O O   . HOH B 2 .   ? -18.821 3.591   -1.354  1.00 22.52 ? 254 HOH A O   1 
HETATM 1214 O O   . HOH B 2 .   ? -2.694  16.730  4.476   1.00 30.41 ? 255 HOH A O   1 
HETATM 1215 O O   . HOH B 2 .   ? 9.509   9.758   -3.016  1.00 43.22 ? 256 HOH A O   1 
HETATM 1216 O O   . HOH B 2 .   ? -1.250  -8.001  -14.443 1.00 33.68 ? 257 HOH A O   1 
HETATM 1217 O O   . HOH B 2 .   ? -6.553  -10.898 -9.346  1.00 27.88 ? 258 HOH A O   1 
HETATM 1218 O O   . HOH B 2 .   ? -15.449 -1.823  3.763   1.00 31.48 ? 259 HOH A O   1 
HETATM 1219 O O   . HOH B 2 .   ? -14.863 3.691   -10.488 1.00 30.63 ? 260 HOH A O   1 
HETATM 1220 O O   . HOH B 2 .   ? 23.874  -1.442  0.632   1.00 43.65 ? 261 HOH A O   1 
HETATM 1221 O O   . HOH B 2 .   ? -21.544 3.279   -0.861  1.00 37.18 ? 262 HOH A O   1 
HETATM 1222 O O   . HOH B 2 .   ? -0.323  -0.890  16.571  1.00 46.92 ? 263 HOH A O   1 
HETATM 1223 O O   . HOH B 2 .   ? -9.362  8.020   -12.072 1.00 35.74 ? 264 HOH A O   1 
HETATM 1224 O O   . HOH B 2 .   ? -4.625  14.627  -8.331  1.00 32.64 ? 265 HOH A O   1 
HETATM 1225 O O   . HOH B 2 .   ? -2.545  13.069  12.114  1.00 47.21 ? 266 HOH A O   1 
HETATM 1226 O O   . HOH B 2 .   ? 23.398  -1.736  -1.888  1.00 45.08 ? 267 HOH A O   1 
HETATM 1227 O O   . HOH B 2 .   ? 6.907   7.763   -15.211 1.00 35.31 ? 268 HOH A O   1 
HETATM 1228 O O   . HOH B 2 .   ? 11.957  -10.609 -7.042  1.00 47.68 ? 269 HOH A O   1 
HETATM 1229 O O   . HOH B 2 .   ? -14.210 -1.001  -3.610  1.00 13.32 ? 270 HOH A O   1 
HETATM 1230 O O   . HOH B 2 .   ? -4.645  1.352   6.231   1.00 13.02 ? 271 HOH A O   1 
HETATM 1231 O O   . HOH B 2 .   ? -4.517  -9.030  -3.552  1.00 14.96 ? 272 HOH A O   1 
HETATM 1232 O O   . HOH B 2 .   ? -12.372 0.814   -2.376  1.00 13.60 ? 273 HOH A O   1 
HETATM 1233 O O   . HOH B 2 .   ? -6.302  2.588   -6.418  1.00 16.16 ? 274 HOH A O   1 
HETATM 1234 O O   . HOH B 2 .   ? -0.624  1.963   9.734   1.00 15.21 ? 275 HOH A O   1 
HETATM 1235 O O   . HOH B 2 .   ? -7.039  -11.585 -1.813  1.00 19.24 ? 276 HOH A O   1 
HETATM 1236 O O   . HOH B 2 .   ? 3.882   7.630   1.389   1.00 15.78 ? 277 HOH A O   1 
HETATM 1237 O O   . HOH B 2 .   ? 0.241   3.858   11.556  1.00 16.42 ? 278 HOH A O   1 
HETATM 1238 O O   . HOH B 2 .   ? -5.408  -3.308  11.089  1.00 20.06 ? 279 HOH A O   1 
HETATM 1239 O O   . HOH B 2 .   ? 4.155   -7.697  -6.991  1.00 18.82 ? 280 HOH A O   1 
HETATM 1240 O O   . HOH B 2 .   ? -1.072  -11.348 -9.467  1.00 21.19 ? 281 HOH A O   1 
HETATM 1241 O O   . HOH B 2 .   ? -5.006  -8.295  -10.120 1.00 18.99 ? 282 HOH A O   1 
HETATM 1242 O O   . HOH B 2 .   ? -7.150  0.917   11.046  1.00 19.50 ? 283 HOH A O   1 
HETATM 1243 O O   . HOH B 2 .   ? -7.382  6.169   -5.602  1.00 18.74 ? 284 HOH A O   1 
HETATM 1244 O O   . HOH B 2 .   ? 0.311   13.858  -4.396  1.00 22.95 ? 285 HOH A O   1 
HETATM 1245 O O   . HOH B 2 .   ? 4.261   1.658   -1.844  1.00 21.16 ? 286 HOH A O   1 
HETATM 1246 O O   . HOH B 2 .   ? -3.536  -1.791  12.529  1.00 22.25 ? 287 HOH A O   1 
HETATM 1247 O O   . HOH B 2 .   ? 7.119   9.913   8.095   1.00 24.45 ? 288 HOH A O   1 
HETATM 1248 O O   . HOH B 2 .   ? 2.472   -9.776  -8.875  1.00 23.30 ? 289 HOH A O   1 
HETATM 1249 O O   . HOH B 2 .   ? -3.185  3.804   -10.219 1.00 26.61 ? 290 HOH A O   1 
HETATM 1250 O O   . HOH B 2 .   ? 10.612  -7.952  -7.320  1.00 27.36 ? 291 HOH A O   1 
HETATM 1251 O O   . HOH B 2 .   ? -9.973  1.136   -12.721 1.00 23.04 ? 292 HOH A O   1 
HETATM 1252 O O   . HOH B 2 .   ? 0.523   9.566   -6.772  1.00 23.61 ? 293 HOH A O   1 
HETATM 1253 O O   . HOH B 2 .   ? -6.200  8.316   -3.968  1.00 26.54 ? 294 HOH A O   1 
HETATM 1254 O O   . HOH B 2 .   ? 2.062   13.764  -7.654  1.00 28.42 ? 295 HOH A O   1 
HETATM 1255 O O   . HOH B 2 .   ? 3.118   8.886   8.814   1.00 21.94 ? 296 HOH A O   1 
HETATM 1256 O O   . HOH B 2 .   ? -5.683  10.639  10.440  1.00 23.27 ? 297 HOH A O   1 
HETATM 1257 O O   . HOH B 2 .   ? 5.360   10.371  10.215  1.00 32.70 ? 298 HOH A O   1 
HETATM 1258 O O   . HOH B 2 .   ? -13.139 5.147   8.252   1.00 31.01 ? 299 HOH A O   1 
HETATM 1259 O O   . HOH B 2 .   ? -11.005 2.926   9.588   1.00 34.54 ? 300 HOH A O   1 
HETATM 1260 O O   . HOH B 2 .   ? 0.097   20.211  -5.399  1.00 31.82 ? 301 HOH A O   1 
HETATM 1261 O O   . HOH B 2 .   ? -1.525  3.410   13.809  1.00 31.87 ? 302 HOH A O   1 
HETATM 1262 O O   . HOH B 2 .   ? -11.314 -0.017  9.228   1.00 24.79 ? 303 HOH A O   1 
HETATM 1263 O O   . HOH B 2 .   ? 0.645   -9.747  -11.134 1.00 23.87 ? 304 HOH A O   1 
HETATM 1264 O O   . HOH B 2 .   ? -5.844  5.031   -7.860  1.00 26.13 ? 305 HOH A O   1 
HETATM 1265 O O   . HOH B 2 .   ? -0.109  15.074  7.184   1.00 30.84 ? 306 HOH A O   1 
HETATM 1266 O O   . HOH B 2 .   ? 0.449   11.407  -8.447  1.00 31.08 ? 307 HOH A O   1 
HETATM 1267 O O   . HOH B 2 .   ? 2.881   15.894  4.095   1.00 37.69 ? 308 HOH A O   1 
HETATM 1268 O O   . HOH B 2 .   ? 5.834   13.364  -1.208  1.00 28.53 ? 309 HOH A O   1 
HETATM 1269 O O   . HOH B 2 .   ? 14.508  1.032   0.809   1.00 25.90 ? 310 HOH A O   1 
HETATM 1270 O O   . HOH B 2 .   ? -0.911  -7.939  12.077  1.00 30.93 ? 311 HOH A O   1 
HETATM 1271 O O   . HOH B 2 .   ? -15.273 0.686   3.363   1.00 31.17 ? 312 HOH A O   1 
HETATM 1272 O O   . HOH B 2 .   ? -4.905  8.944   -7.990  1.00 31.79 ? 313 HOH A O   1 
HETATM 1273 O O   . HOH B 2 .   ? 14.720  5.736   4.419   1.00 47.04 ? 314 HOH A O   1 
HETATM 1274 O O   . HOH B 2 .   ? 5.613   14.762  0.756   1.00 41.76 ? 315 HOH A O   1 
HETATM 1275 O O   . HOH B 2 .   ? 4.494   -3.337  12.127  1.00 28.70 ? 316 HOH A O   1 
HETATM 1276 O O   . HOH B 2 .   ? -2.538  -1.667  14.918  1.00 32.78 ? 317 HOH A O   1 
HETATM 1277 O O   . HOH B 2 .   ? -10.488 -0.562  12.828  1.00 36.77 ? 318 HOH A O   1 
HETATM 1278 O O   . HOH B 2 .   ? -1.878  11.956  -10.087 1.00 30.75 ? 319 HOH A O   1 
HETATM 1279 O O   . HOH B 2 .   ? 10.306  -7.348  -10.820 1.00 34.02 ? 320 HOH A O   1 
HETATM 1280 O O   . HOH B 2 .   ? 5.028   -11.222 -7.236  1.00 41.60 ? 321 HOH A O   1 
HETATM 1281 O O   . HOH B 2 .   ? 6.527   7.553   -12.093 1.00 43.04 ? 322 HOH A O   1 
HETATM 1282 O O   . HOH B 2 .   ? -4.567  9.990   12.771  1.00 34.91 ? 323 HOH A O   1 
HETATM 1283 O O   . HOH B 2 .   ? -12.580 1.040   -12.663 1.00 33.70 ? 324 HOH A O   1 
HETATM 1284 O O   . HOH B 2 .   ? -3.426  -11.992 -10.286 1.00 46.32 ? 325 HOH A O   1 
HETATM 1285 O O   . HOH B 2 .   ? -7.524  -6.844  13.681  1.00 31.86 ? 326 HOH A O   1 
HETATM 1286 O O   . HOH B 2 .   ? -9.084  1.975   12.857  1.00 35.54 ? 327 HOH A O   1 
HETATM 1287 O O   . HOH B 2 .   ? -16.957 8.001   6.194   1.00 38.15 ? 328 HOH A O   1 
HETATM 1288 O O   . HOH B 2 .   ? 8.297   12.142  -0.234  1.00 40.61 ? 329 HOH A O   1 
HETATM 1289 O O   . HOH B 2 .   ? -2.305  14.545  -9.384  1.00 37.16 ? 330 HOH A O   1 
HETATM 1290 O O   . HOH B 2 .   ? -0.252  13.345  -7.564  1.00 36.52 ? 331 HOH A O   1 
HETATM 1291 O O   . HOH B 2 .   ? 13.003  7.311   3.229   1.00 41.24 ? 332 HOH A O   1 
HETATM 1292 O O   . HOH B 2 .   ? -3.798  2.101   -7.596  1.00 23.30 ? 333 HOH A O   1 
HETATM 1293 O O   . HOH B 2 .   ? -17.060 -7.236  -4.412  1.00 38.11 ? 334 HOH A O   1 
HETATM 1294 O O   . HOH B 2 .   ? -4.977  13.341  10.556  1.00 43.36 ? 335 HOH A O   1 
HETATM 1295 O O   . HOH B 2 .   ? -14.611 1.693   -14.836 1.00 43.79 ? 336 HOH A O   1 
HETATM 1296 O O   . HOH B 2 .   ? -17.351 -7.412  -6.993  1.00 38.52 ? 337 HOH A O   1 
HETATM 1297 O O   . HOH B 2 .   ? -1.786  8.999   12.488  1.00 44.72 ? 338 HOH A O   1 
HETATM 1298 O O   . HOH B 2 .   ? 12.553  -6.515  -8.553  1.00 43.74 ? 339 HOH A O   1 
# 
loop_
_pdbx_poly_seq_scheme.asym_id 
_pdbx_poly_seq_scheme.entity_id 
_pdbx_poly_seq_scheme.seq_id 
_pdbx_poly_seq_scheme.mon_id 
_pdbx_poly_seq_scheme.ndb_seq_num 
_pdbx_poly_seq_scheme.pdb_seq_num 
_pdbx_poly_seq_scheme.auth_seq_num 
_pdbx_poly_seq_scheme.pdb_mon_id 
_pdbx_poly_seq_scheme.auth_mon_id 
_pdbx_poly_seq_scheme.pdb_strand_id 
_pdbx_poly_seq_scheme.pdb_ins_code 
_pdbx_poly_seq_scheme.hetero 
A 1 1   SER 1   2   ?   ?   ?   A . n 
A 1 2   LEU 2   3   ?   ?   ?   A . n 
A 1 3   SER 3   4   ?   ?   ?   A . n 
A 1 4   GLY 4   5   ?   ?   ?   A . n 
A 1 5   ALA 5   6   ?   ?   ?   A . n 
A 1 6   LEU 6   7   7   LEU LEU A . n 
A 1 7   CYS 7   8   8   CYS CYS A . n 
A 1 8   PHE 8   9   9   PHE PHE A . n 
A 1 9   ARG 9   10  10  ARG ARG A . n 
A 1 10  MET 10  11  11  MET MET A . n 
A 1 11  LYS 11  12  12  LYS LYS A . n 
A 1 12  ASP 12  13  13  ASP ASP A . n 
A 1 13  SER 13  14  14  SER SER A . n 
A 1 14  ALA 14  15  15  ALA ALA A . n 
A 1 15  LEU 15  16  16  LEU LEU A . n 
A 1 16  LYS 16  17  17  LYS LYS A . n 
A 1 17  VAL 17  18  18  VAL VAL A . n 
A 1 18  LEU 18  19  19  LEU LEU A . n 
A 1 19  TYR 19  20  20  TYR TYR A . n 
A 1 20  LEU 20  21  21  LEU LEU A . n 
A 1 21  HIS 21  22  22  HIS HIS A . n 
A 1 22  ASN 22  23  23  ASN ASN A . n 
A 1 23  ASN 23  24  24  ASN ASN A . n 
A 1 24  GLN 24  25  25  GLN GLN A . n 
A 1 25  LEU 25  26  26  LEU LEU A . n 
A 1 26  LEU 26  27  27  LEU LEU A . n 
A 1 27  ALA 27  28  28  ALA ALA A . n 
A 1 28  GLY 28  29  29  GLY GLY A . n 
A 1 29  GLY 29  30  30  GLY GLY A . n 
A 1 30  LEU 30  31  31  LEU LEU A . n 
A 1 31  HIS 31  32  ?   ?   ?   A . n 
A 1 32  ALA 32  33  ?   ?   ?   A . n 
A 1 33  GLY 33  34  ?   ?   ?   A . n 
A 1 34  LYS 34  35  ?   ?   ?   A . n 
A 1 35  VAL 35  36  ?   ?   ?   A . n 
A 1 36  ILE 36  37  37  ILE ILE A . n 
A 1 37  LYS 37  38  38  LYS LYS A . n 
A 1 38  GLY 38  39  39  GLY GLY A . n 
A 1 39  GLU 39  40  40  GLU GLU A . n 
A 1 40  GLU 40  41  41  GLU GLU A . n 
A 1 41  ILE 41  42  42  ILE ILE A . n 
A 1 42  SER 42  43  43  SER SER A . n 
A 1 43  VAL 43  44  44  VAL VAL A . n 
A 1 44  VAL 44  45  45  VAL VAL A . n 
A 1 45  PRO 45  46  46  PRO PRO A . n 
A 1 46  ASN 46  47  47  ASN ASN A . n 
A 1 47  ARG 47  48  48  ARG ARG A . n 
A 1 48  TRP 48  49  49  TRP TRP A . n 
A 1 49  PRO 49  50  50  PRO PRO A . n 
A 1 50  GLU 50  51  51  GLU GLU A . n 
A 1 51  ALA 51  52  52  ALA ALA A . n 
A 1 52  LEU 52  53  53  LEU LEU A . n 
A 1 53  GLU 53  54  54  GLU GLU A . n 
A 1 54  GLN 54  55  55  GLN GLN A . n 
A 1 55  GLY 55  56  56  GLY GLY A . n 
A 1 56  ARG 56  57  57  ARG ARG A . n 
A 1 57  GLY 57  58  58  GLY GLY A . n 
A 1 58  SER 58  59  59  SER SER A . n 
A 1 59  PRO 59  60  60  PRO PRO A . n 
A 1 60  VAL 60  61  61  VAL VAL A . n 
A 1 61  ILE 61  62  62  ILE ILE A . n 
A 1 62  LEU 62  63  63  LEU LEU A . n 
A 1 63  GLY 63  64  64  GLY GLY A . n 
A 1 64  VAL 64  65  65  VAL VAL A . n 
A 1 65  GLN 65  66  66  GLN GLN A . n 
A 1 66  GLY 66  67  67  GLY GLY A . n 
A 1 67  GLY 67  68  68  GLY GLY A . n 
A 1 68  SER 68  69  69  SER SER A . n 
A 1 69  GLN 69  70  70  GLN GLN A . n 
A 1 70  CYS 70  71  71  CYS CYS A . n 
A 1 71  LEU 71  72  72  LEU LEU A . n 
A 1 72  SER 72  73  73  SER SER A . n 
A 1 73  CYS 73  74  74  CYS CYS A . n 
A 1 74  GLY 74  75  75  GLY GLY A . n 
A 1 75  VAL 75  76  76  VAL VAL A . n 
A 1 76  GLY 76  77  77  GLY GLY A . n 
A 1 77  GLN 77  78  78  GLN GLN A . n 
A 1 78  GLU 78  79  79  GLU GLU A . n 
A 1 79  PRO 79  80  80  PRO PRO A . n 
A 1 80  THR 80  81  81  THR THR A . n 
A 1 81  LEU 81  82  82  LEU LEU A . n 
A 1 82  THR 82  83  83  THR THR A . n 
A 1 83  LEU 83  84  84  LEU LEU A . n 
A 1 84  GLU 84  85  85  GLU GLU A . n 
A 1 85  PRO 85  86  86  PRO PRO A . n 
A 1 86  VAL 86  87  87  VAL VAL A . n 
A 1 87  ASN 87  88  88  ASN ASN A . n 
A 1 88  ILE 88  89  89  ILE ILE A . n 
A 1 89  MET 89  90  90  MET MET A . n 
A 1 90  GLU 90  91  91  GLU GLU A . n 
A 1 91  LEU 91  92  92  LEU LEU A . n 
A 1 92  TYR 92  93  93  TYR TYR A . n 
A 1 93  LEU 93  94  94  LEU LEU A . n 
A 1 94  GLY 94  95  95  GLY GLY A . n 
A 1 95  ALA 95  96  96  ALA ALA A . n 
A 1 96  LYS 96  97  97  LYS LYS A . n 
A 1 97  GLU 97  98  98  GLU GLU A . n 
A 1 98  SER 98  99  99  SER SER A . n 
A 1 99  LYS 99  100 100 LYS LYS A . n 
A 1 100 SER 100 101 101 SER SER A . n 
A 1 101 PHE 101 102 102 PHE PHE A . n 
A 1 102 THR 102 103 103 THR THR A . n 
A 1 103 PHE 103 104 104 PHE PHE A . n 
A 1 104 TYR 104 105 105 TYR TYR A . n 
A 1 105 ARG 105 106 106 ARG ARG A . n 
A 1 106 ALA 106 107 107 ALA ALA A . n 
A 1 107 ASP 107 108 108 ASP ASP A . n 
A 1 108 ALA 108 109 109 ALA ALA A . n 
A 1 109 GLY 109 110 110 GLY GLY A . n 
A 1 110 LEU 110 111 111 LEU LEU A . n 
A 1 111 THR 111 112 112 THR THR A . n 
A 1 112 SER 112 113 113 SER SER A . n 
A 1 113 SER 113 114 114 SER SER A . n 
A 1 114 PHE 114 115 115 PHE PHE A . n 
A 1 115 GLU 115 116 116 GLU GLU A . n 
A 1 116 SER 116 117 117 SER SER A . n 
A 1 117 ALA 117 118 118 ALA ALA A . n 
A 1 118 ALA 118 119 119 ALA ALA A . n 
A 1 119 TYR 119 120 120 TYR TYR A . n 
A 1 120 PRO 120 121 121 PRO PRO A . n 
A 1 121 GLY 121 122 122 GLY GLY A . n 
A 1 122 TRP 122 123 123 TRP TRP A . n 
A 1 123 PHE 123 124 124 PHE PHE A . n 
A 1 124 LEU 124 125 125 LEU LEU A . n 
A 1 125 CYS 125 126 126 CYS CYS A . n 
A 1 126 THR 126 127 127 THR THR A . n 
A 1 127 VAL 127 128 128 VAL VAL A . n 
A 1 128 PRO 128 129 129 PRO PRO A . n 
A 1 129 GLU 129 130 130 GLU GLU A . n 
A 1 130 ALA 130 131 131 ALA ALA A . n 
A 1 131 ASP 131 132 132 ASP ASP A . n 
A 1 132 GLN 132 133 133 GLN GLN A . n 
A 1 133 PRO 133 134 134 PRO PRO A . n 
A 1 134 VAL 134 135 135 VAL VAL A . n 
A 1 135 ARG 135 136 136 ARG ARG A . n 
A 1 136 LEU 136 137 137 LEU LEU A . n 
A 1 137 THR 137 138 138 THR THR A . n 
A 1 138 GLN 138 139 139 GLN GLN A . n 
A 1 139 GLU 139 140 140 GLU GLU A . n 
A 1 140 LEU 140 141 141 LEU LEU A . n 
A 1 141 GLY 141 142 142 GLY GLY A . n 
A 1 142 LYS 142 143 143 LYS LYS A . n 
A 1 143 SER 143 144 144 SER SER A . n 
A 1 144 TYR 144 145 145 TYR TYR A . n 
A 1 145 ASN 145 146 146 ASN ASN A . n 
A 1 146 THR 146 147 147 THR THR A . n 
A 1 147 ASP 147 148 148 ASP ASP A . n 
A 1 148 PHE 148 149 149 PHE PHE A . n 
A 1 149 TYR 149 150 150 TYR TYR A . n 
A 1 150 PHE 150 151 151 PHE PHE A . n 
A 1 151 GLN 151 152 152 GLN GLN A . n 
A 1 152 GLN 152 153 153 GLN GLN A . n 
A 1 153 CYS 153 154 154 CYS CYS A . n 
A 1 154 ASP 154 155 ?   ?   ?   A . n 
# 
loop_
_pdbx_nonpoly_scheme.asym_id 
_pdbx_nonpoly_scheme.entity_id 
_pdbx_nonpoly_scheme.mon_id 
_pdbx_nonpoly_scheme.ndb_seq_num 
_pdbx_nonpoly_scheme.pdb_seq_num 
_pdbx_nonpoly_scheme.auth_seq_num 
_pdbx_nonpoly_scheme.pdb_mon_id 
_pdbx_nonpoly_scheme.auth_mon_id 
_pdbx_nonpoly_scheme.pdb_strand_id 
_pdbx_nonpoly_scheme.pdb_ins_code 
B 2 HOH 1   201 131 HOH HOH A . 
B 2 HOH 2   202 99  HOH HOH A . 
B 2 HOH 3   203 34  HOH HOH A . 
B 2 HOH 4   204 112 HOH HOH A . 
B 2 HOH 5   205 29  HOH HOH A . 
B 2 HOH 6   206 104 HOH HOH A . 
B 2 HOH 7   207 130 HOH HOH A . 
B 2 HOH 8   208 30  HOH HOH A . 
B 2 HOH 9   209 82  HOH HOH A . 
B 2 HOH 10  210 49  HOH HOH A . 
B 2 HOH 11  211 69  HOH HOH A . 
B 2 HOH 12  212 121 HOH HOH A . 
B 2 HOH 13  213 139 HOH HOH A . 
B 2 HOH 14  214 21  HOH HOH A . 
B 2 HOH 15  215 56  HOH HOH A . 
B 2 HOH 16  216 113 HOH HOH A . 
B 2 HOH 17  217 23  HOH HOH A . 
B 2 HOH 18  218 64  HOH HOH A . 
B 2 HOH 19  219 66  HOH HOH A . 
B 2 HOH 20  220 79  HOH HOH A . 
B 2 HOH 21  221 10  HOH HOH A . 
B 2 HOH 22  222 33  HOH HOH A . 
B 2 HOH 23  223 38  HOH HOH A . 
B 2 HOH 24  224 26  HOH HOH A . 
B 2 HOH 25  225 12  HOH HOH A . 
B 2 HOH 26  226 109 HOH HOH A . 
B 2 HOH 27  227 17  HOH HOH A . 
B 2 HOH 28  228 123 HOH HOH A . 
B 2 HOH 29  229 63  HOH HOH A . 
B 2 HOH 30  230 101 HOH HOH A . 
B 2 HOH 31  231 39  HOH HOH A . 
B 2 HOH 32  232 86  HOH HOH A . 
B 2 HOH 33  233 74  HOH HOH A . 
B 2 HOH 34  234 58  HOH HOH A . 
B 2 HOH 35  235 40  HOH HOH A . 
B 2 HOH 36  236 54  HOH HOH A . 
B 2 HOH 37  237 80  HOH HOH A . 
B 2 HOH 38  238 28  HOH HOH A . 
B 2 HOH 39  239 24  HOH HOH A . 
B 2 HOH 40  240 59  HOH HOH A . 
B 2 HOH 41  241 57  HOH HOH A . 
B 2 HOH 42  242 91  HOH HOH A . 
B 2 HOH 43  243 32  HOH HOH A . 
B 2 HOH 44  244 73  HOH HOH A . 
B 2 HOH 45  245 8   HOH HOH A . 
B 2 HOH 46  246 47  HOH HOH A . 
B 2 HOH 47  247 50  HOH HOH A . 
B 2 HOH 48  248 27  HOH HOH A . 
B 2 HOH 49  249 134 HOH HOH A . 
B 2 HOH 50  250 129 HOH HOH A . 
B 2 HOH 51  251 136 HOH HOH A . 
B 2 HOH 52  252 51  HOH HOH A . 
B 2 HOH 53  253 87  HOH HOH A . 
B 2 HOH 54  254 19  HOH HOH A . 
B 2 HOH 55  255 76  HOH HOH A . 
B 2 HOH 56  256 125 HOH HOH A . 
B 2 HOH 57  257 90  HOH HOH A . 
B 2 HOH 58  258 119 HOH HOH A . 
B 2 HOH 59  259 107 HOH HOH A . 
B 2 HOH 60  260 96  HOH HOH A . 
B 2 HOH 61  261 84  HOH HOH A . 
B 2 HOH 62  262 67  HOH HOH A . 
B 2 HOH 63  263 137 HOH HOH A . 
B 2 HOH 64  264 93  HOH HOH A . 
B 2 HOH 65  265 108 HOH HOH A . 
B 2 HOH 66  266 128 HOH HOH A . 
B 2 HOH 67  267 133 HOH HOH A . 
B 2 HOH 68  268 95  HOH HOH A . 
B 2 HOH 69  269 138 HOH HOH A . 
B 2 HOH 70  270 1   HOH HOH A . 
B 2 HOH 71  271 2   HOH HOH A . 
B 2 HOH 72  272 3   HOH HOH A . 
B 2 HOH 73  273 4   HOH HOH A . 
B 2 HOH 74  274 5   HOH HOH A . 
B 2 HOH 75  275 6   HOH HOH A . 
B 2 HOH 76  276 7   HOH HOH A . 
B 2 HOH 77  277 9   HOH HOH A . 
B 2 HOH 78  278 11  HOH HOH A . 
B 2 HOH 79  279 13  HOH HOH A . 
B 2 HOH 80  280 14  HOH HOH A . 
B 2 HOH 81  281 15  HOH HOH A . 
B 2 HOH 82  282 16  HOH HOH A . 
B 2 HOH 83  283 18  HOH HOH A . 
B 2 HOH 84  284 20  HOH HOH A . 
B 2 HOH 85  285 22  HOH HOH A . 
B 2 HOH 86  286 25  HOH HOH A . 
B 2 HOH 87  287 31  HOH HOH A . 
B 2 HOH 88  288 35  HOH HOH A . 
B 2 HOH 89  289 36  HOH HOH A . 
B 2 HOH 90  290 37  HOH HOH A . 
B 2 HOH 91  291 41  HOH HOH A . 
B 2 HOH 92  292 42  HOH HOH A . 
B 2 HOH 93  293 43  HOH HOH A . 
B 2 HOH 94  294 44  HOH HOH A . 
B 2 HOH 95  295 45  HOH HOH A . 
B 2 HOH 96  296 46  HOH HOH A . 
B 2 HOH 97  297 48  HOH HOH A . 
B 2 HOH 98  298 52  HOH HOH A . 
B 2 HOH 99  299 53  HOH HOH A . 
B 2 HOH 100 300 55  HOH HOH A . 
B 2 HOH 101 301 60  HOH HOH A . 
B 2 HOH 102 302 61  HOH HOH A . 
B 2 HOH 103 303 62  HOH HOH A . 
B 2 HOH 104 304 65  HOH HOH A . 
B 2 HOH 105 305 68  HOH HOH A . 
B 2 HOH 106 306 70  HOH HOH A . 
B 2 HOH 107 307 71  HOH HOH A . 
B 2 HOH 108 308 72  HOH HOH A . 
B 2 HOH 109 309 75  HOH HOH A . 
B 2 HOH 110 310 77  HOH HOH A . 
B 2 HOH 111 311 78  HOH HOH A . 
B 2 HOH 112 312 81  HOH HOH A . 
B 2 HOH 113 313 83  HOH HOH A . 
B 2 HOH 114 314 85  HOH HOH A . 
B 2 HOH 115 315 88  HOH HOH A . 
B 2 HOH 116 316 89  HOH HOH A . 
B 2 HOH 117 317 92  HOH HOH A . 
B 2 HOH 118 318 94  HOH HOH A . 
B 2 HOH 119 319 97  HOH HOH A . 
B 2 HOH 120 320 98  HOH HOH A . 
B 2 HOH 121 321 100 HOH HOH A . 
B 2 HOH 122 322 102 HOH HOH A . 
B 2 HOH 123 323 103 HOH HOH A . 
B 2 HOH 124 324 105 HOH HOH A . 
B 2 HOH 125 325 106 HOH HOH A . 
B 2 HOH 126 326 110 HOH HOH A . 
B 2 HOH 127 327 111 HOH HOH A . 
B 2 HOH 128 328 114 HOH HOH A . 
B 2 HOH 129 329 115 HOH HOH A . 
B 2 HOH 130 330 116 HOH HOH A . 
B 2 HOH 131 331 117 HOH HOH A . 
B 2 HOH 132 332 118 HOH HOH A . 
B 2 HOH 133 333 120 HOH HOH A . 
B 2 HOH 134 334 122 HOH HOH A . 
B 2 HOH 135 335 124 HOH HOH A . 
B 2 HOH 136 336 126 HOH HOH A . 
B 2 HOH 137 337 127 HOH HOH A . 
B 2 HOH 138 338 132 HOH HOH A . 
B 2 HOH 139 339 135 HOH HOH A . 
# 
_pdbx_struct_assembly.id                   1 
_pdbx_struct_assembly.details              author_and_software_defined_assembly 
_pdbx_struct_assembly.method_details       PISA 
_pdbx_struct_assembly.oligomeric_details   monomeric 
_pdbx_struct_assembly.oligomeric_count     1 
# 
_pdbx_struct_assembly_gen.assembly_id       1 
_pdbx_struct_assembly_gen.oper_expression   1 
_pdbx_struct_assembly_gen.asym_id_list      A,B 
# 
_pdbx_struct_oper_list.id                   1 
_pdbx_struct_oper_list.type                 'identity operation' 
_pdbx_struct_oper_list.name                 1_555 
_pdbx_struct_oper_list.symmetry_operation   x,y,z 
_pdbx_struct_oper_list.matrix[1][1]         1.0000000000 
_pdbx_struct_oper_list.matrix[1][2]         0.0000000000 
_pdbx_struct_oper_list.matrix[1][3]         0.0000000000 
_pdbx_struct_oper_list.vector[1]            0.0000000000 
_pdbx_struct_oper_list.matrix[2][1]         0.0000000000 
_pdbx_struct_oper_list.matrix[2][2]         1.0000000000 
_pdbx_struct_oper_list.matrix[2][3]         0.0000000000 
_pdbx_struct_oper_list.vector[2]            0.0000000000 
_pdbx_struct_oper_list.matrix[3][1]         0.0000000000 
_pdbx_struct_oper_list.matrix[3][2]         0.0000000000 
_pdbx_struct_oper_list.matrix[3][3]         1.0000000000 
_pdbx_struct_oper_list.vector[3]            0.0000000000 
# 
loop_
_pdbx_audit_revision_history.ordinal 
_pdbx_audit_revision_history.data_content_type 
_pdbx_audit_revision_history.major_revision 
_pdbx_audit_revision_history.minor_revision 
_pdbx_audit_revision_history.revision_date 
1 'Structure model' 1 0 2014-06-25 
2 'Structure model' 1 1 2014-07-16 
3 'Structure model' 1 2 2015-02-04 
4 'Structure model' 1 3 2017-11-22 
5 'Structure model' 1 4 2023-09-27 
# 
_pdbx_audit_revision_details.ordinal             1 
_pdbx_audit_revision_details.revision_ordinal    1 
_pdbx_audit_revision_details.data_content_type   'Structure model' 
_pdbx_audit_revision_details.provider            repository 
_pdbx_audit_revision_details.type                'Initial release' 
_pdbx_audit_revision_details.description         ? 
_pdbx_audit_revision_details.details             ? 
# 
loop_
_pdbx_audit_revision_group.ordinal 
_pdbx_audit_revision_group.revision_ordinal 
_pdbx_audit_revision_group.data_content_type 
_pdbx_audit_revision_group.group 
1  2 'Structure model' 'Database references'    
2  3 'Structure model' 'Derived calculations'   
3  4 'Structure model' 'Derived calculations'   
4  4 'Structure model' Other                    
5  4 'Structure model' 'Refinement description' 
6  4 'Structure model' 'Source and taxonomy'    
7  4 'Structure model' 'Structure summary'      
8  5 'Structure model' 'Data collection'        
9  5 'Structure model' 'Database references'    
10 5 'Structure model' 'Refinement description' 
# 
loop_
_pdbx_audit_revision_category.ordinal 
_pdbx_audit_revision_category.revision_ordinal 
_pdbx_audit_revision_category.data_content_type 
_pdbx_audit_revision_category.category 
1  4 'Structure model' entity_src_gen                
2  4 'Structure model' pdbx_database_status          
3  4 'Structure model' pdbx_struct_assembly          
4  4 'Structure model' pdbx_struct_oper_list         
5  4 'Structure model' software                      
6  4 'Structure model' struct_keywords               
7  4 'Structure model' symmetry                      
8  5 'Structure model' chem_comp_atom                
9  5 'Structure model' chem_comp_bond                
10 5 'Structure model' database_2                    
11 5 'Structure model' pdbx_initial_refinement_model 
12 5 'Structure model' refine_hist                   
# 
loop_
_pdbx_audit_revision_item.ordinal 
_pdbx_audit_revision_item.revision_ordinal 
_pdbx_audit_revision_item.data_content_type 
_pdbx_audit_revision_item.item 
1  4 'Structure model' '_entity_src_gen.pdbx_alt_source_flag'        
2  4 'Structure model' '_pdbx_database_status.pdb_format_compatible' 
3  4 'Structure model' '_pdbx_struct_assembly.oligomeric_details'    
4  4 'Structure model' '_pdbx_struct_oper_list.symmetry_operation'   
5  4 'Structure model' '_software.classification'                    
6  4 'Structure model' '_software.name'                              
7  4 'Structure model' '_struct_keywords.text'                       
8  4 'Structure model' '_symmetry.Int_Tables_number'                 
9  5 'Structure model' '_database_2.pdbx_DOI'                        
10 5 'Structure model' '_database_2.pdbx_database_accession'         
11 5 'Structure model' '_refine_hist.d_res_high'                     
12 5 'Structure model' '_refine_hist.d_res_low'                      
13 5 'Structure model' '_refine_hist.number_atoms_total'             
14 5 'Structure model' '_refine_hist.pdbx_number_atoms_nucleic_acid' 
15 5 'Structure model' '_refine_hist.pdbx_number_atoms_protein'      
# 
_phasing.method   MR 
# 
loop_
_software.citation_id 
_software.classification 
_software.compiler_name 
_software.compiler_version 
_software.contact_author 
_software.contact_author_email 
_software.date 
_software.description 
_software.dependencies 
_software.hardware 
_software.language 
_software.location 
_software.mods 
_software.name 
_software.os 
_software.os_version 
_software.type 
_software.version 
_software.pdbx_ordinal 
? 'data scaling'    . . . . . . . . . . . XDS         . . . .                             1 
? 'data scaling'    . . . . . . . . . . . Aimless     . . . .                             2 
? 'data extraction' . . . . . . . . . . . PDB_EXTRACT . . . 3.14                          3 
? phasing           . . . . . . . . . . . PHASER      . . . .                             4 
? refinement        . . . . . . . . . . . PHENIX      . . . '(phenix.refine: 1.8.4_1496)' 5 
# 
_pdbx_validate_torsion.id              1 
_pdbx_validate_torsion.PDB_model_num   1 
_pdbx_validate_torsion.auth_comp_id    LYS 
_pdbx_validate_torsion.auth_asym_id    A 
_pdbx_validate_torsion.auth_seq_id     143 
_pdbx_validate_torsion.PDB_ins_code    ? 
_pdbx_validate_torsion.label_alt_id    ? 
_pdbx_validate_torsion.phi             -100.93 
_pdbx_validate_torsion.psi             -134.87 
# 
loop_
_pdbx_unobs_or_zero_occ_residues.id 
_pdbx_unobs_or_zero_occ_residues.PDB_model_num 
_pdbx_unobs_or_zero_occ_residues.polymer_flag 
_pdbx_unobs_or_zero_occ_residues.occupancy_flag 
_pdbx_unobs_or_zero_occ_residues.auth_asym_id 
_pdbx_unobs_or_zero_occ_residues.auth_comp_id 
_pdbx_unobs_or_zero_occ_residues.auth_seq_id 
_pdbx_unobs_or_zero_occ_residues.PDB_ins_code 
_pdbx_unobs_or_zero_occ_residues.label_asym_id 
_pdbx_unobs_or_zero_occ_residues.label_comp_id 
_pdbx_unobs_or_zero_occ_residues.label_seq_id 
1  1 Y 1 A SER 2   ? A SER 1   
2  1 Y 1 A LEU 3   ? A LEU 2   
3  1 Y 1 A SER 4   ? A SER 3   
4  1 Y 1 A GLY 5   ? A GLY 4   
5  1 Y 1 A ALA 6   ? A ALA 5   
6  1 Y 1 A HIS 32  ? A HIS 31  
7  1 Y 1 A ALA 33  ? A ALA 32  
8  1 Y 1 A GLY 34  ? A GLY 33  
9  1 Y 1 A LYS 35  ? A LYS 34  
10 1 Y 1 A VAL 36  ? A VAL 35  
11 1 Y 1 A ASP 155 ? A ASP 154 
# 
loop_
_chem_comp_atom.comp_id 
_chem_comp_atom.atom_id 
_chem_comp_atom.type_symbol 
_chem_comp_atom.pdbx_aromatic_flag 
_chem_comp_atom.pdbx_stereo_config 
_chem_comp_atom.pdbx_ordinal 
ALA N    N N N 1   
ALA CA   C N S 2   
ALA C    C N N 3   
ALA O    O N N 4   
ALA CB   C N N 5   
ALA OXT  O N N 6   
ALA H    H N N 7   
ALA H2   H N N 8   
ALA HA   H N N 9   
ALA HB1  H N N 10  
ALA HB2  H N N 11  
ALA HB3  H N N 12  
ALA HXT  H N N 13  
ARG N    N N N 14  
ARG CA   C N S 15  
ARG C    C N N 16  
ARG O    O N N 17  
ARG CB   C N N 18  
ARG CG   C N N 19  
ARG CD   C N N 20  
ARG NE   N N N 21  
ARG CZ   C N N 22  
ARG NH1  N N N 23  
ARG NH2  N N N 24  
ARG OXT  O N N 25  
ARG H    H N N 26  
ARG H2   H N N 27  
ARG HA   H N N 28  
ARG HB2  H N N 29  
ARG HB3  H N N 30  
ARG HG2  H N N 31  
ARG HG3  H N N 32  
ARG HD2  H N N 33  
ARG HD3  H N N 34  
ARG HE   H N N 35  
ARG HH11 H N N 36  
ARG HH12 H N N 37  
ARG HH21 H N N 38  
ARG HH22 H N N 39  
ARG HXT  H N N 40  
ASN N    N N N 41  
ASN CA   C N S 42  
ASN C    C N N 43  
ASN O    O N N 44  
ASN CB   C N N 45  
ASN CG   C N N 46  
ASN OD1  O N N 47  
ASN ND2  N N N 48  
ASN OXT  O N N 49  
ASN H    H N N 50  
ASN H2   H N N 51  
ASN HA   H N N 52  
ASN HB2  H N N 53  
ASN HB3  H N N 54  
ASN HD21 H N N 55  
ASN HD22 H N N 56  
ASN HXT  H N N 57  
ASP N    N N N 58  
ASP CA   C N S 59  
ASP C    C N N 60  
ASP O    O N N 61  
ASP CB   C N N 62  
ASP CG   C N N 63  
ASP OD1  O N N 64  
ASP OD2  O N N 65  
ASP OXT  O N N 66  
ASP H    H N N 67  
ASP H2   H N N 68  
ASP HA   H N N 69  
ASP HB2  H N N 70  
ASP HB3  H N N 71  
ASP HD2  H N N 72  
ASP HXT  H N N 73  
CYS N    N N N 74  
CYS CA   C N R 75  
CYS C    C N N 76  
CYS O    O N N 77  
CYS CB   C N N 78  
CYS SG   S N N 79  
CYS OXT  O N N 80  
CYS H    H N N 81  
CYS H2   H N N 82  
CYS HA   H N N 83  
CYS HB2  H N N 84  
CYS HB3  H N N 85  
CYS HG   H N N 86  
CYS HXT  H N N 87  
GLN N    N N N 88  
GLN CA   C N S 89  
GLN C    C N N 90  
GLN O    O N N 91  
GLN CB   C N N 92  
GLN CG   C N N 93  
GLN CD   C N N 94  
GLN OE1  O N N 95  
GLN NE2  N N N 96  
GLN OXT  O N N 97  
GLN H    H N N 98  
GLN H2   H N N 99  
GLN HA   H N N 100 
GLN HB2  H N N 101 
GLN HB3  H N N 102 
GLN HG2  H N N 103 
GLN HG3  H N N 104 
GLN HE21 H N N 105 
GLN HE22 H N N 106 
GLN HXT  H N N 107 
GLU N    N N N 108 
GLU CA   C N S 109 
GLU C    C N N 110 
GLU O    O N N 111 
GLU CB   C N N 112 
GLU CG   C N N 113 
GLU CD   C N N 114 
GLU OE1  O N N 115 
GLU OE2  O N N 116 
GLU OXT  O N N 117 
GLU H    H N N 118 
GLU H2   H N N 119 
GLU HA   H N N 120 
GLU HB2  H N N 121 
GLU HB3  H N N 122 
GLU HG2  H N N 123 
GLU HG3  H N N 124 
GLU HE2  H N N 125 
GLU HXT  H N N 126 
GLY N    N N N 127 
GLY CA   C N N 128 
GLY C    C N N 129 
GLY O    O N N 130 
GLY OXT  O N N 131 
GLY H    H N N 132 
GLY H2   H N N 133 
GLY HA2  H N N 134 
GLY HA3  H N N 135 
GLY HXT  H N N 136 
HIS N    N N N 137 
HIS CA   C N S 138 
HIS C    C N N 139 
HIS O    O N N 140 
HIS CB   C N N 141 
HIS CG   C Y N 142 
HIS ND1  N Y N 143 
HIS CD2  C Y N 144 
HIS CE1  C Y N 145 
HIS NE2  N Y N 146 
HIS OXT  O N N 147 
HIS H    H N N 148 
HIS H2   H N N 149 
HIS HA   H N N 150 
HIS HB2  H N N 151 
HIS HB3  H N N 152 
HIS HD1  H N N 153 
HIS HD2  H N N 154 
HIS HE1  H N N 155 
HIS HE2  H N N 156 
HIS HXT  H N N 157 
HOH O    O N N 158 
HOH H1   H N N 159 
HOH H2   H N N 160 
ILE N    N N N 161 
ILE CA   C N S 162 
ILE C    C N N 163 
ILE O    O N N 164 
ILE CB   C N S 165 
ILE CG1  C N N 166 
ILE CG2  C N N 167 
ILE CD1  C N N 168 
ILE OXT  O N N 169 
ILE H    H N N 170 
ILE H2   H N N 171 
ILE HA   H N N 172 
ILE HB   H N N 173 
ILE HG12 H N N 174 
ILE HG13 H N N 175 
ILE HG21 H N N 176 
ILE HG22 H N N 177 
ILE HG23 H N N 178 
ILE HD11 H N N 179 
ILE HD12 H N N 180 
ILE HD13 H N N 181 
ILE HXT  H N N 182 
LEU N    N N N 183 
LEU CA   C N S 184 
LEU C    C N N 185 
LEU O    O N N 186 
LEU CB   C N N 187 
LEU CG   C N N 188 
LEU CD1  C N N 189 
LEU CD2  C N N 190 
LEU OXT  O N N 191 
LEU H    H N N 192 
LEU H2   H N N 193 
LEU HA   H N N 194 
LEU HB2  H N N 195 
LEU HB3  H N N 196 
LEU HG   H N N 197 
LEU HD11 H N N 198 
LEU HD12 H N N 199 
LEU HD13 H N N 200 
LEU HD21 H N N 201 
LEU HD22 H N N 202 
LEU HD23 H N N 203 
LEU HXT  H N N 204 
LYS N    N N N 205 
LYS CA   C N S 206 
LYS C    C N N 207 
LYS O    O N N 208 
LYS CB   C N N 209 
LYS CG   C N N 210 
LYS CD   C N N 211 
LYS CE   C N N 212 
LYS NZ   N N N 213 
LYS OXT  O N N 214 
LYS H    H N N 215 
LYS H2   H N N 216 
LYS HA   H N N 217 
LYS HB2  H N N 218 
LYS HB3  H N N 219 
LYS HG2  H N N 220 
LYS HG3  H N N 221 
LYS HD2  H N N 222 
LYS HD3  H N N 223 
LYS HE2  H N N 224 
LYS HE3  H N N 225 
LYS HZ1  H N N 226 
LYS HZ2  H N N 227 
LYS HZ3  H N N 228 
LYS HXT  H N N 229 
MET N    N N N 230 
MET CA   C N S 231 
MET C    C N N 232 
MET O    O N N 233 
MET CB   C N N 234 
MET CG   C N N 235 
MET SD   S N N 236 
MET CE   C N N 237 
MET OXT  O N N 238 
MET H    H N N 239 
MET H2   H N N 240 
MET HA   H N N 241 
MET HB2  H N N 242 
MET HB3  H N N 243 
MET HG2  H N N 244 
MET HG3  H N N 245 
MET HE1  H N N 246 
MET HE2  H N N 247 
MET HE3  H N N 248 
MET HXT  H N N 249 
PHE N    N N N 250 
PHE CA   C N S 251 
PHE C    C N N 252 
PHE O    O N N 253 
PHE CB   C N N 254 
PHE CG   C Y N 255 
PHE CD1  C Y N 256 
PHE CD2  C Y N 257 
PHE CE1  C Y N 258 
PHE CE2  C Y N 259 
PHE CZ   C Y N 260 
PHE OXT  O N N 261 
PHE H    H N N 262 
PHE H2   H N N 263 
PHE HA   H N N 264 
PHE HB2  H N N 265 
PHE HB3  H N N 266 
PHE HD1  H N N 267 
PHE HD2  H N N 268 
PHE HE1  H N N 269 
PHE HE2  H N N 270 
PHE HZ   H N N 271 
PHE HXT  H N N 272 
PRO N    N N N 273 
PRO CA   C N S 274 
PRO C    C N N 275 
PRO O    O N N 276 
PRO CB   C N N 277 
PRO CG   C N N 278 
PRO CD   C N N 279 
PRO OXT  O N N 280 
PRO H    H N N 281 
PRO HA   H N N 282 
PRO HB2  H N N 283 
PRO HB3  H N N 284 
PRO HG2  H N N 285 
PRO HG3  H N N 286 
PRO HD2  H N N 287 
PRO HD3  H N N 288 
PRO HXT  H N N 289 
SER N    N N N 290 
SER CA   C N S 291 
SER C    C N N 292 
SER O    O N N 293 
SER CB   C N N 294 
SER OG   O N N 295 
SER OXT  O N N 296 
SER H    H N N 297 
SER H2   H N N 298 
SER HA   H N N 299 
SER HB2  H N N 300 
SER HB3  H N N 301 
SER HG   H N N 302 
SER HXT  H N N 303 
THR N    N N N 304 
THR CA   C N S 305 
THR C    C N N 306 
THR O    O N N 307 
THR CB   C N R 308 
THR OG1  O N N 309 
THR CG2  C N N 310 
THR OXT  O N N 311 
THR H    H N N 312 
THR H2   H N N 313 
THR HA   H N N 314 
THR HB   H N N 315 
THR HG1  H N N 316 
THR HG21 H N N 317 
THR HG22 H N N 318 
THR HG23 H N N 319 
THR HXT  H N N 320 
TRP N    N N N 321 
TRP CA   C N S 322 
TRP C    C N N 323 
TRP O    O N N 324 
TRP CB   C N N 325 
TRP CG   C Y N 326 
TRP CD1  C Y N 327 
TRP CD2  C Y N 328 
TRP NE1  N Y N 329 
TRP CE2  C Y N 330 
TRP CE3  C Y N 331 
TRP CZ2  C Y N 332 
TRP CZ3  C Y N 333 
TRP CH2  C Y N 334 
TRP OXT  O N N 335 
TRP H    H N N 336 
TRP H2   H N N 337 
TRP HA   H N N 338 
TRP HB2  H N N 339 
TRP HB3  H N N 340 
TRP HD1  H N N 341 
TRP HE1  H N N 342 
TRP HE3  H N N 343 
TRP HZ2  H N N 344 
TRP HZ3  H N N 345 
TRP HH2  H N N 346 
TRP HXT  H N N 347 
TYR N    N N N 348 
TYR CA   C N S 349 
TYR C    C N N 350 
TYR O    O N N 351 
TYR CB   C N N 352 
TYR CG   C Y N 353 
TYR CD1  C Y N 354 
TYR CD2  C Y N 355 
TYR CE1  C Y N 356 
TYR CE2  C Y N 357 
TYR CZ   C Y N 358 
TYR OH   O N N 359 
TYR OXT  O N N 360 
TYR H    H N N 361 
TYR H2   H N N 362 
TYR HA   H N N 363 
TYR HB2  H N N 364 
TYR HB3  H N N 365 
TYR HD1  H N N 366 
TYR HD2  H N N 367 
TYR HE1  H N N 368 
TYR HE2  H N N 369 
TYR HH   H N N 370 
TYR HXT  H N N 371 
VAL N    N N N 372 
VAL CA   C N S 373 
VAL C    C N N 374 
VAL O    O N N 375 
VAL CB   C N N 376 
VAL CG1  C N N 377 
VAL CG2  C N N 378 
VAL OXT  O N N 379 
VAL H    H N N 380 
VAL H2   H N N 381 
VAL HA   H N N 382 
VAL HB   H N N 383 
VAL HG11 H N N 384 
VAL HG12 H N N 385 
VAL HG13 H N N 386 
VAL HG21 H N N 387 
VAL HG22 H N N 388 
VAL HG23 H N N 389 
VAL HXT  H N N 390 
# 
loop_
_chem_comp_bond.comp_id 
_chem_comp_bond.atom_id_1 
_chem_comp_bond.atom_id_2 
_chem_comp_bond.value_order 
_chem_comp_bond.pdbx_aromatic_flag 
_chem_comp_bond.pdbx_stereo_config 
_chem_comp_bond.pdbx_ordinal 
ALA N   CA   sing N N 1   
ALA N   H    sing N N 2   
ALA N   H2   sing N N 3   
ALA CA  C    sing N N 4   
ALA CA  CB   sing N N 5   
ALA CA  HA   sing N N 6   
ALA C   O    doub N N 7   
ALA C   OXT  sing N N 8   
ALA CB  HB1  sing N N 9   
ALA CB  HB2  sing N N 10  
ALA CB  HB3  sing N N 11  
ALA OXT HXT  sing N N 12  
ARG N   CA   sing N N 13  
ARG N   H    sing N N 14  
ARG N   H2   sing N N 15  
ARG CA  C    sing N N 16  
ARG CA  CB   sing N N 17  
ARG CA  HA   sing N N 18  
ARG C   O    doub N N 19  
ARG C   OXT  sing N N 20  
ARG CB  CG   sing N N 21  
ARG CB  HB2  sing N N 22  
ARG CB  HB3  sing N N 23  
ARG CG  CD   sing N N 24  
ARG CG  HG2  sing N N 25  
ARG CG  HG3  sing N N 26  
ARG CD  NE   sing N N 27  
ARG CD  HD2  sing N N 28  
ARG CD  HD3  sing N N 29  
ARG NE  CZ   sing N N 30  
ARG NE  HE   sing N N 31  
ARG CZ  NH1  sing N N 32  
ARG CZ  NH2  doub N N 33  
ARG NH1 HH11 sing N N 34  
ARG NH1 HH12 sing N N 35  
ARG NH2 HH21 sing N N 36  
ARG NH2 HH22 sing N N 37  
ARG OXT HXT  sing N N 38  
ASN N   CA   sing N N 39  
ASN N   H    sing N N 40  
ASN N   H2   sing N N 41  
ASN CA  C    sing N N 42  
ASN CA  CB   sing N N 43  
ASN CA  HA   sing N N 44  
ASN C   O    doub N N 45  
ASN C   OXT  sing N N 46  
ASN CB  CG   sing N N 47  
ASN CB  HB2  sing N N 48  
ASN CB  HB3  sing N N 49  
ASN CG  OD1  doub N N 50  
ASN CG  ND2  sing N N 51  
ASN ND2 HD21 sing N N 52  
ASN ND2 HD22 sing N N 53  
ASN OXT HXT  sing N N 54  
ASP N   CA   sing N N 55  
ASP N   H    sing N N 56  
ASP N   H2   sing N N 57  
ASP CA  C    sing N N 58  
ASP CA  CB   sing N N 59  
ASP CA  HA   sing N N 60  
ASP C   O    doub N N 61  
ASP C   OXT  sing N N 62  
ASP CB  CG   sing N N 63  
ASP CB  HB2  sing N N 64  
ASP CB  HB3  sing N N 65  
ASP CG  OD1  doub N N 66  
ASP CG  OD2  sing N N 67  
ASP OD2 HD2  sing N N 68  
ASP OXT HXT  sing N N 69  
CYS N   CA   sing N N 70  
CYS N   H    sing N N 71  
CYS N   H2   sing N N 72  
CYS CA  C    sing N N 73  
CYS CA  CB   sing N N 74  
CYS CA  HA   sing N N 75  
CYS C   O    doub N N 76  
CYS C   OXT  sing N N 77  
CYS CB  SG   sing N N 78  
CYS CB  HB2  sing N N 79  
CYS CB  HB3  sing N N 80  
CYS SG  HG   sing N N 81  
CYS OXT HXT  sing N N 82  
GLN N   CA   sing N N 83  
GLN N   H    sing N N 84  
GLN N   H2   sing N N 85  
GLN CA  C    sing N N 86  
GLN CA  CB   sing N N 87  
GLN CA  HA   sing N N 88  
GLN C   O    doub N N 89  
GLN C   OXT  sing N N 90  
GLN CB  CG   sing N N 91  
GLN CB  HB2  sing N N 92  
GLN CB  HB3  sing N N 93  
GLN CG  CD   sing N N 94  
GLN CG  HG2  sing N N 95  
GLN CG  HG3  sing N N 96  
GLN CD  OE1  doub N N 97  
GLN CD  NE2  sing N N 98  
GLN NE2 HE21 sing N N 99  
GLN NE2 HE22 sing N N 100 
GLN OXT HXT  sing N N 101 
GLU N   CA   sing N N 102 
GLU N   H    sing N N 103 
GLU N   H2   sing N N 104 
GLU CA  C    sing N N 105 
GLU CA  CB   sing N N 106 
GLU CA  HA   sing N N 107 
GLU C   O    doub N N 108 
GLU C   OXT  sing N N 109 
GLU CB  CG   sing N N 110 
GLU CB  HB2  sing N N 111 
GLU CB  HB3  sing N N 112 
GLU CG  CD   sing N N 113 
GLU CG  HG2  sing N N 114 
GLU CG  HG3  sing N N 115 
GLU CD  OE1  doub N N 116 
GLU CD  OE2  sing N N 117 
GLU OE2 HE2  sing N N 118 
GLU OXT HXT  sing N N 119 
GLY N   CA   sing N N 120 
GLY N   H    sing N N 121 
GLY N   H2   sing N N 122 
GLY CA  C    sing N N 123 
GLY CA  HA2  sing N N 124 
GLY CA  HA3  sing N N 125 
GLY C   O    doub N N 126 
GLY C   OXT  sing N N 127 
GLY OXT HXT  sing N N 128 
HIS N   CA   sing N N 129 
HIS N   H    sing N N 130 
HIS N   H2   sing N N 131 
HIS CA  C    sing N N 132 
HIS CA  CB   sing N N 133 
HIS CA  HA   sing N N 134 
HIS C   O    doub N N 135 
HIS C   OXT  sing N N 136 
HIS CB  CG   sing N N 137 
HIS CB  HB2  sing N N 138 
HIS CB  HB3  sing N N 139 
HIS CG  ND1  sing Y N 140 
HIS CG  CD2  doub Y N 141 
HIS ND1 CE1  doub Y N 142 
HIS ND1 HD1  sing N N 143 
HIS CD2 NE2  sing Y N 144 
HIS CD2 HD2  sing N N 145 
HIS CE1 NE2  sing Y N 146 
HIS CE1 HE1  sing N N 147 
HIS NE2 HE2  sing N N 148 
HIS OXT HXT  sing N N 149 
HOH O   H1   sing N N 150 
HOH O   H2   sing N N 151 
ILE N   CA   sing N N 152 
ILE N   H    sing N N 153 
ILE N   H2   sing N N 154 
ILE CA  C    sing N N 155 
ILE CA  CB   sing N N 156 
ILE CA  HA   sing N N 157 
ILE C   O    doub N N 158 
ILE C   OXT  sing N N 159 
ILE CB  CG1  sing N N 160 
ILE CB  CG2  sing N N 161 
ILE CB  HB   sing N N 162 
ILE CG1 CD1  sing N N 163 
ILE CG1 HG12 sing N N 164 
ILE CG1 HG13 sing N N 165 
ILE CG2 HG21 sing N N 166 
ILE CG2 HG22 sing N N 167 
ILE CG2 HG23 sing N N 168 
ILE CD1 HD11 sing N N 169 
ILE CD1 HD12 sing N N 170 
ILE CD1 HD13 sing N N 171 
ILE OXT HXT  sing N N 172 
LEU N   CA   sing N N 173 
LEU N   H    sing N N 174 
LEU N   H2   sing N N 175 
LEU CA  C    sing N N 176 
LEU CA  CB   sing N N 177 
LEU CA  HA   sing N N 178 
LEU C   O    doub N N 179 
LEU C   OXT  sing N N 180 
LEU CB  CG   sing N N 181 
LEU CB  HB2  sing N N 182 
LEU CB  HB3  sing N N 183 
LEU CG  CD1  sing N N 184 
LEU CG  CD2  sing N N 185 
LEU CG  HG   sing N N 186 
LEU CD1 HD11 sing N N 187 
LEU CD1 HD12 sing N N 188 
LEU CD1 HD13 sing N N 189 
LEU CD2 HD21 sing N N 190 
LEU CD2 HD22 sing N N 191 
LEU CD2 HD23 sing N N 192 
LEU OXT HXT  sing N N 193 
LYS N   CA   sing N N 194 
LYS N   H    sing N N 195 
LYS N   H2   sing N N 196 
LYS CA  C    sing N N 197 
LYS CA  CB   sing N N 198 
LYS CA  HA   sing N N 199 
LYS C   O    doub N N 200 
LYS C   OXT  sing N N 201 
LYS CB  CG   sing N N 202 
LYS CB  HB2  sing N N 203 
LYS CB  HB3  sing N N 204 
LYS CG  CD   sing N N 205 
LYS CG  HG2  sing N N 206 
LYS CG  HG3  sing N N 207 
LYS CD  CE   sing N N 208 
LYS CD  HD2  sing N N 209 
LYS CD  HD3  sing N N 210 
LYS CE  NZ   sing N N 211 
LYS CE  HE2  sing N N 212 
LYS CE  HE3  sing N N 213 
LYS NZ  HZ1  sing N N 214 
LYS NZ  HZ2  sing N N 215 
LYS NZ  HZ3  sing N N 216 
LYS OXT HXT  sing N N 217 
MET N   CA   sing N N 218 
MET N   H    sing N N 219 
MET N   H2   sing N N 220 
MET CA  C    sing N N 221 
MET CA  CB   sing N N 222 
MET CA  HA   sing N N 223 
MET C   O    doub N N 224 
MET C   OXT  sing N N 225 
MET CB  CG   sing N N 226 
MET CB  HB2  sing N N 227 
MET CB  HB3  sing N N 228 
MET CG  SD   sing N N 229 
MET CG  HG2  sing N N 230 
MET CG  HG3  sing N N 231 
MET SD  CE   sing N N 232 
MET CE  HE1  sing N N 233 
MET CE  HE2  sing N N 234 
MET CE  HE3  sing N N 235 
MET OXT HXT  sing N N 236 
PHE N   CA   sing N N 237 
PHE N   H    sing N N 238 
PHE N   H2   sing N N 239 
PHE CA  C    sing N N 240 
PHE CA  CB   sing N N 241 
PHE CA  HA   sing N N 242 
PHE C   O    doub N N 243 
PHE C   OXT  sing N N 244 
PHE CB  CG   sing N N 245 
PHE CB  HB2  sing N N 246 
PHE CB  HB3  sing N N 247 
PHE CG  CD1  doub Y N 248 
PHE CG  CD2  sing Y N 249 
PHE CD1 CE1  sing Y N 250 
PHE CD1 HD1  sing N N 251 
PHE CD2 CE2  doub Y N 252 
PHE CD2 HD2  sing N N 253 
PHE CE1 CZ   doub Y N 254 
PHE CE1 HE1  sing N N 255 
PHE CE2 CZ   sing Y N 256 
PHE CE2 HE2  sing N N 257 
PHE CZ  HZ   sing N N 258 
PHE OXT HXT  sing N N 259 
PRO N   CA   sing N N 260 
PRO N   CD   sing N N 261 
PRO N   H    sing N N 262 
PRO CA  C    sing N N 263 
PRO CA  CB   sing N N 264 
PRO CA  HA   sing N N 265 
PRO C   O    doub N N 266 
PRO C   OXT  sing N N 267 
PRO CB  CG   sing N N 268 
PRO CB  HB2  sing N N 269 
PRO CB  HB3  sing N N 270 
PRO CG  CD   sing N N 271 
PRO CG  HG2  sing N N 272 
PRO CG  HG3  sing N N 273 
PRO CD  HD2  sing N N 274 
PRO CD  HD3  sing N N 275 
PRO OXT HXT  sing N N 276 
SER N   CA   sing N N 277 
SER N   H    sing N N 278 
SER N   H2   sing N N 279 
SER CA  C    sing N N 280 
SER CA  CB   sing N N 281 
SER CA  HA   sing N N 282 
SER C   O    doub N N 283 
SER C   OXT  sing N N 284 
SER CB  OG   sing N N 285 
SER CB  HB2  sing N N 286 
SER CB  HB3  sing N N 287 
SER OG  HG   sing N N 288 
SER OXT HXT  sing N N 289 
THR N   CA   sing N N 290 
THR N   H    sing N N 291 
THR N   H2   sing N N 292 
THR CA  C    sing N N 293 
THR CA  CB   sing N N 294 
THR CA  HA   sing N N 295 
THR C   O    doub N N 296 
THR C   OXT  sing N N 297 
THR CB  OG1  sing N N 298 
THR CB  CG2  sing N N 299 
THR CB  HB   sing N N 300 
THR OG1 HG1  sing N N 301 
THR CG2 HG21 sing N N 302 
THR CG2 HG22 sing N N 303 
THR CG2 HG23 sing N N 304 
THR OXT HXT  sing N N 305 
TRP N   CA   sing N N 306 
TRP N   H    sing N N 307 
TRP N   H2   sing N N 308 
TRP CA  C    sing N N 309 
TRP CA  CB   sing N N 310 
TRP CA  HA   sing N N 311 
TRP C   O    doub N N 312 
TRP C   OXT  sing N N 313 
TRP CB  CG   sing N N 314 
TRP CB  HB2  sing N N 315 
TRP CB  HB3  sing N N 316 
TRP CG  CD1  doub Y N 317 
TRP CG  CD2  sing Y N 318 
TRP CD1 NE1  sing Y N 319 
TRP CD1 HD1  sing N N 320 
TRP CD2 CE2  doub Y N 321 
TRP CD2 CE3  sing Y N 322 
TRP NE1 CE2  sing Y N 323 
TRP NE1 HE1  sing N N 324 
TRP CE2 CZ2  sing Y N 325 
TRP CE3 CZ3  doub Y N 326 
TRP CE3 HE3  sing N N 327 
TRP CZ2 CH2  doub Y N 328 
TRP CZ2 HZ2  sing N N 329 
TRP CZ3 CH2  sing Y N 330 
TRP CZ3 HZ3  sing N N 331 
TRP CH2 HH2  sing N N 332 
TRP OXT HXT  sing N N 333 
TYR N   CA   sing N N 334 
TYR N   H    sing N N 335 
TYR N   H2   sing N N 336 
TYR CA  C    sing N N 337 
TYR CA  CB   sing N N 338 
TYR CA  HA   sing N N 339 
TYR C   O    doub N N 340 
TYR C   OXT  sing N N 341 
TYR CB  CG   sing N N 342 
TYR CB  HB2  sing N N 343 
TYR CB  HB3  sing N N 344 
TYR CG  CD1  doub Y N 345 
TYR CG  CD2  sing Y N 346 
TYR CD1 CE1  sing Y N 347 
TYR CD1 HD1  sing N N 348 
TYR CD2 CE2  doub Y N 349 
TYR CD2 HD2  sing N N 350 
TYR CE1 CZ   doub Y N 351 
TYR CE1 HE1  sing N N 352 
TYR CE2 CZ   sing Y N 353 
TYR CE2 HE2  sing N N 354 
TYR CZ  OH   sing N N 355 
TYR OH  HH   sing N N 356 
TYR OXT HXT  sing N N 357 
VAL N   CA   sing N N 358 
VAL N   H    sing N N 359 
VAL N   H2   sing N N 360 
VAL CA  C    sing N N 361 
VAL CA  CB   sing N N 362 
VAL CA  HA   sing N N 363 
VAL C   O    doub N N 364 
VAL C   OXT  sing N N 365 
VAL CB  CG1  sing N N 366 
VAL CB  CG2  sing N N 367 
VAL CB  HB   sing N N 368 
VAL CG1 HG11 sing N N 369 
VAL CG1 HG12 sing N N 370 
VAL CG1 HG13 sing N N 371 
VAL CG2 HG21 sing N N 372 
VAL CG2 HG22 sing N N 373 
VAL CG2 HG23 sing N N 374 
VAL OXT HXT  sing N N 375 
# 
_pdbx_audit_support.funding_organization   'American Asthma Foundation' 
_pdbx_audit_support.country                'United States' 
_pdbx_audit_support.grant_number           13-0066 
_pdbx_audit_support.ordinal                1 
# 
_pdbx_entity_nonpoly.entity_id   2 
_pdbx_entity_nonpoly.name        water 
_pdbx_entity_nonpoly.comp_id     HOH 
# 
_pdbx_initial_refinement_model.id               1 
_pdbx_initial_refinement_model.entity_id_list   ? 
_pdbx_initial_refinement_model.type             'experimental model' 
_pdbx_initial_refinement_model.source_name      PDB 
_pdbx_initial_refinement_model.accession_code   1MD6 
_pdbx_initial_refinement_model.details          ? 
# 
